data_9EJU
# 
_entry.id   9EJU 
# 
_audit_conform.dict_name       mmcif_pdbx.dic 
_audit_conform.dict_version    5.403 
_audit_conform.dict_location   http://mmcif.pdb.org/dictionaries/ascii/mmcif_pdbx.dic 
# 
loop_
_database_2.database_id 
_database_2.database_code 
_database_2.pdbx_database_accession 
_database_2.pdbx_DOI 
PDB   9EJU         pdb_00009eju 10.2210/pdb9eju/pdb 
WWPDB D_1000289705 ?            ?                   
# 
loop_
_pdbx_audit_revision_history.ordinal 
_pdbx_audit_revision_history.data_content_type 
_pdbx_audit_revision_history.major_revision 
_pdbx_audit_revision_history.minor_revision 
_pdbx_audit_revision_history.revision_date 
_pdbx_audit_revision_history.part_number 
1 'Structure model' 1 0 2025-05-21 ? 
2 'Structure model' 1 1 2025-06-04 ? 
# 
_pdbx_audit_revision_details.ordinal             1 
_pdbx_audit_revision_details.revision_ordinal    1 
_pdbx_audit_revision_details.data_content_type   'Structure model' 
_pdbx_audit_revision_details.provider            repository 
_pdbx_audit_revision_details.type                'Initial release' 
_pdbx_audit_revision_details.description         ? 
_pdbx_audit_revision_details.details             ? 
# 
_pdbx_audit_revision_group.ordinal             1 
_pdbx_audit_revision_group.revision_ordinal    2 
_pdbx_audit_revision_group.data_content_type   'Structure model' 
_pdbx_audit_revision_group.group               'Database references' 
# 
loop_
_pdbx_audit_revision_category.ordinal 
_pdbx_audit_revision_category.revision_ordinal 
_pdbx_audit_revision_category.data_content_type 
_pdbx_audit_revision_category.category 
1 2 'Structure model' citation        
2 2 'Structure model' citation_author 
# 
loop_
_pdbx_audit_revision_item.ordinal 
_pdbx_audit_revision_item.revision_ordinal 
_pdbx_audit_revision_item.data_content_type 
_pdbx_audit_revision_item.item 
1 2 'Structure model' '_citation.journal_volume'          
2 2 'Structure model' '_citation.page_first'              
3 2 'Structure model' '_citation.page_last'               
4 2 'Structure model' '_citation_author.identifier_ORCID' 
# 
_pdbx_database_status.status_code                     REL 
_pdbx_database_status.status_code_sf                  REL 
_pdbx_database_status.status_code_mr                  ? 
_pdbx_database_status.entry_id                        9EJU 
_pdbx_database_status.recvd_initial_deposition_date   2024-11-29 
_pdbx_database_status.SG_entry                        N 
_pdbx_database_status.deposit_site                    RCSB 
_pdbx_database_status.process_site                    RCSB 
_pdbx_database_status.status_code_cs                  ? 
_pdbx_database_status.status_code_nmr_data            ? 
_pdbx_database_status.methods_development_category    ? 
_pdbx_database_status.pdb_format_compatible           Y 
# 
_pdbx_contact_author.id                 2 
_pdbx_contact_author.email              andyn@uic.edu 
_pdbx_contact_author.name_first         Andy 
_pdbx_contact_author.name_last          Nguyen 
_pdbx_contact_author.name_mi            I 
_pdbx_contact_author.role               'principal investigator/group leader' 
_pdbx_contact_author.identifier_ORCID   0000-0003-4137-6453 
# 
_audit_author.name               'Richardson-Matthews, R.M.' 
_audit_author.pdbx_ordinal       1 
_audit_author.identifier_ORCID   0000-0002-5871-0908 
# 
_citation.abstract                  ? 
_citation.abstract_id_CAS           ? 
_citation.book_id_ISBN              ? 
_citation.book_publisher            ? 
_citation.book_publisher_city       ? 
_citation.book_title                ? 
_citation.coordinate_linkage        ? 
_citation.country                   US 
_citation.database_id_Medline       ? 
_citation.details                   ? 
_citation.id                        primary 
_citation.journal_abbrev            J.Am.Chem.Soc. 
_citation.journal_id_ASTM           JACSAT 
_citation.journal_id_CSD            ? 
_citation.journal_id_ISSN           1520-5126 
_citation.journal_full              ? 
_citation.journal_issue             ? 
_citation.journal_volume            147 
_citation.language                  ? 
_citation.page_first                17433 
_citation.page_last                 17447 
_citation.title                     'Metal-alpha-Helix Peptide Frameworks.' 
_citation.year                      2025 
_citation.database_id_CSD           ? 
_citation.pdbx_database_id_DOI      10.1021/jacs.5c04078 
_citation.pdbx_database_id_PubMed   40328673 
_citation.pdbx_database_id_patent   ? 
_citation.unpublished_flag          ? 
# 
loop_
_citation_author.citation_id 
_citation_author.name 
_citation_author.ordinal 
_citation_author.identifier_ORCID 
primary 'Richardson-Matthews, R.' 1 ? 
primary 'Velko, K.'               2 ? 
primary 'Bhunia, B.'              3 ? 
primary 'Ghosh, S.'               4 ? 
primary 'Oktawiec, J.'            5 ? 
primary 'Brunzelle, J.S.'         6 ? 
primary 'Dang, V.T.'              7 ? 
primary 'Nguyen, A.I.'            8 ? 
# 
loop_
_entity.id 
_entity.type 
_entity.src_method 
_entity.pdbx_description 
_entity.formula_weight 
_entity.pdbx_number_of_molecules 
_entity.pdbx_ec 
_entity.pdbx_mutation 
_entity.pdbx_fragment 
_entity.details 
1 polymer     syn 'Co-MAHF-9 A8N'   1018.212 4  ? ? ? ? 
2 non-polymer syn 'COBALT (II) ION' 58.933   2  ? ? ? ? 
3 non-polymer syn ACETONITRILE      41.052   4  ? ? ? ? 
4 water       nat water             18.015   65 ? ? ? ? 
# 
_entity_poly.entity_id                      1 
_entity_poly.type                           'polypeptide(L)' 
_entity_poly.nstd_linkage                   no 
_entity_poly.nstd_monomer                   yes 
_entity_poly.pdbx_seq_one_letter_code       '(ACE)L(AIB)E(AIB)LHN(AIB)L(NH2)' 
_entity_poly.pdbx_seq_one_letter_code_can   XLAEALHNALX 
_entity_poly.pdbx_strand_id                 A,B,C,D 
_entity_poly.pdbx_target_identifier         ? 
# 
loop_
_pdbx_entity_nonpoly.entity_id 
_pdbx_entity_nonpoly.name 
_pdbx_entity_nonpoly.comp_id 
2 'COBALT (II) ION' CO  
3 ACETONITRILE      CCN 
4 water             HOH 
# 
loop_
_entity_poly_seq.entity_id 
_entity_poly_seq.num 
_entity_poly_seq.mon_id 
_entity_poly_seq.hetero 
1 1  ACE n 
1 2  LEU n 
1 3  AIB n 
1 4  GLU n 
1 5  AIB n 
1 6  LEU n 
1 7  HIS n 
1 8  ASN n 
1 9  AIB n 
1 10 LEU n 
1 11 NH2 n 
# 
_pdbx_entity_src_syn.entity_id              1 
_pdbx_entity_src_syn.pdbx_src_id            1 
_pdbx_entity_src_syn.pdbx_alt_source_flag   sample 
_pdbx_entity_src_syn.pdbx_beg_seq_num       1 
_pdbx_entity_src_syn.pdbx_end_seq_num       11 
_pdbx_entity_src_syn.organism_scientific    'synthetic construct' 
_pdbx_entity_src_syn.organism_common_name   ? 
_pdbx_entity_src_syn.ncbi_taxonomy_id       32630 
_pdbx_entity_src_syn.details                ? 
# 
loop_
_chem_comp.id 
_chem_comp.type 
_chem_comp.mon_nstd_flag 
_chem_comp.name 
_chem_comp.pdbx_synonyms 
_chem_comp.formula 
_chem_comp.formula_weight 
ACE non-polymer         . 'ACETYL GROUP'               ? 'C2 H4 O'        44.053  
AIB 'L-peptide linking' n 'ALPHA-AMINOISOBUTYRIC ACID' ? 'C4 H9 N O2'     103.120 
ASN 'L-peptide linking' y ASPARAGINE                   ? 'C4 H8 N2 O3'    132.118 
CCN non-polymer         . ACETONITRILE                 ? 'C2 H3 N'        41.052  
CO  non-polymer         . 'COBALT (II) ION'            ? 'Co 2'           58.933  
GLU 'L-peptide linking' y 'GLUTAMIC ACID'              ? 'C5 H9 N O4'     147.129 
HIS 'L-peptide linking' y HISTIDINE                    ? 'C6 H10 N3 O2 1' 156.162 
HOH non-polymer         . WATER                        ? 'H2 O'           18.015  
LEU 'L-peptide linking' y LEUCINE                      ? 'C6 H13 N O2'    131.173 
NH2 non-polymer         . 'AMINO GROUP'                ? 'H2 N'           16.023  
# 
loop_
_pdbx_poly_seq_scheme.asym_id 
_pdbx_poly_seq_scheme.entity_id 
_pdbx_poly_seq_scheme.seq_id 
_pdbx_poly_seq_scheme.mon_id 
_pdbx_poly_seq_scheme.ndb_seq_num 
_pdbx_poly_seq_scheme.pdb_seq_num 
_pdbx_poly_seq_scheme.auth_seq_num 
_pdbx_poly_seq_scheme.pdb_mon_id 
_pdbx_poly_seq_scheme.auth_mon_id 
_pdbx_poly_seq_scheme.pdb_strand_id 
_pdbx_poly_seq_scheme.pdb_ins_code 
_pdbx_poly_seq_scheme.hetero 
A 1 1  ACE 1  1  1  ACE ACY A . n 
A 1 2  LEU 2  2  2  LEU LEU A . n 
A 1 3  AIB 3  3  3  AIB AIB A . n 
A 1 4  GLU 4  4  4  GLU GLU A . n 
A 1 5  AIB 5  5  5  AIB AIB A . n 
A 1 6  LEU 6  6  6  LEU LEU A . n 
A 1 7  HIS 7  7  7  HIS HIS A . n 
A 1 8  ASN 8  8  8  ASN ASN A . n 
A 1 9  AIB 9  9  9  AIB AIB A . n 
A 1 10 LEU 10 10 10 LEU LEU A . n 
A 1 11 NH2 11 11 11 NH2 NH3 A . n 
B 1 1  ACE 1  1  1  ACE ACY B . n 
B 1 2  LEU 2  2  2  LEU LEU B . n 
B 1 3  AIB 3  3  3  AIB AIB B . n 
B 1 4  GLU 4  4  4  GLU GLU B . n 
B 1 5  AIB 5  5  5  AIB AIB B . n 
B 1 6  LEU 6  6  6  LEU LEU B . n 
B 1 7  HIS 7  7  7  HIS HIS B . n 
B 1 8  ASN 8  8  8  ASN ASN B . n 
B 1 9  AIB 9  9  9  AIB AIB B . n 
B 1 10 LEU 10 10 10 LEU LEU B . n 
B 1 11 NH2 11 11 11 NH2 NH3 B . n 
C 1 1  ACE 1  1  1  ACE ACY C . n 
C 1 2  LEU 2  2  2  LEU LEU C . n 
C 1 3  AIB 3  3  3  AIB AIB C . n 
C 1 4  GLU 4  4  4  GLU GLU C . n 
C 1 5  AIB 5  5  5  AIB AIB C . n 
C 1 6  LEU 6  6  6  LEU LEU C . n 
C 1 7  HIS 7  7  7  HIS HIS C . n 
C 1 8  ASN 8  8  8  ASN ASN C . n 
C 1 9  AIB 9  9  9  AIB AIB C . n 
C 1 10 LEU 10 10 10 LEU LEU C . n 
C 1 11 NH2 11 11 11 NH2 NH3 C . n 
D 1 1  ACE 1  1  1  ACE ACY D . n 
D 1 2  LEU 2  2  2  LEU LEU D . n 
D 1 3  AIB 3  3  3  AIB AIB D . n 
D 1 4  GLU 4  4  4  GLU GLU D . n 
D 1 5  AIB 5  5  5  AIB AIB D . n 
D 1 6  LEU 6  6  6  LEU LEU D . n 
D 1 7  HIS 7  7  7  HIS HIS D . n 
D 1 8  ASN 8  8  8  ASN ASN D . n 
D 1 9  AIB 9  9  9  AIB AIB D . n 
D 1 10 LEU 10 10 10 LEU LEU D . n 
D 1 11 NH2 11 11 11 NH2 NH3 D . n 
# 
loop_
_pdbx_nonpoly_scheme.asym_id 
_pdbx_nonpoly_scheme.entity_id 
_pdbx_nonpoly_scheme.mon_id 
_pdbx_nonpoly_scheme.ndb_seq_num 
_pdbx_nonpoly_scheme.pdb_seq_num 
_pdbx_nonpoly_scheme.auth_seq_num 
_pdbx_nonpoly_scheme.pdb_mon_id 
_pdbx_nonpoly_scheme.auth_mon_id 
_pdbx_nonpoly_scheme.pdb_strand_id 
_pdbx_nonpoly_scheme.pdb_ins_code 
E 2 CO  1  101 2  CO  CO  A . 
F 3 CCN 1  102 67 CCN CCN A . 
G 3 CCN 1  103 69 CCN CCN A . 
H 2 CO  1  101 1  CO  CO  C . 
I 3 CCN 1  101 66 CCN CCN D . 
J 3 CCN 1  102 68 CCN CCN D . 
K 4 HOH 1  201 50 HOH HOH A . 
K 4 HOH 2  202 17 HOH HOH A . 
K 4 HOH 3  203 41 HOH HOH A . 
K 4 HOH 4  204 65 HOH HOH A . 
K 4 HOH 5  205 24 HOH HOH A . 
K 4 HOH 6  206 15 HOH HOH A . 
K 4 HOH 7  207 13 HOH HOH A . 
K 4 HOH 8  208 39 HOH HOH A . 
K 4 HOH 9  209 49 HOH HOH A . 
K 4 HOH 10 210 5  HOH HOH A . 
K 4 HOH 11 211 10 HOH HOH A . 
K 4 HOH 12 212 34 HOH HOH A . 
K 4 HOH 13 213 26 HOH HOH A . 
L 4 HOH 1  101 27 HOH HOH B . 
L 4 HOH 2  102 64 HOH HOH B . 
L 4 HOH 3  103 59 HOH HOH B . 
L 4 HOH 4  104 45 HOH HOH B . 
L 4 HOH 5  105 22 HOH HOH B . 
L 4 HOH 6  106 18 HOH HOH B . 
L 4 HOH 7  107 28 HOH HOH B . 
L 4 HOH 8  108 58 HOH HOH B . 
L 4 HOH 9  109 62 HOH HOH B . 
L 4 HOH 10 110 25 HOH HOH B . 
L 4 HOH 11 111 54 HOH HOH B . 
L 4 HOH 12 112 55 HOH HOH B . 
L 4 HOH 13 113 43 HOH HOH B . 
M 4 HOH 1  201 29 HOH HOH C . 
M 4 HOH 2  202 8  HOH HOH C . 
M 4 HOH 3  203 12 HOH HOH C . 
M 4 HOH 4  204 35 HOH HOH C . 
M 4 HOH 5  205 61 HOH HOH C . 
M 4 HOH 6  206 63 HOH HOH C . 
M 4 HOH 7  207 7  HOH HOH C . 
M 4 HOH 8  208 16 HOH HOH C . 
M 4 HOH 9  209 53 HOH HOH C . 
M 4 HOH 10 210 9  HOH HOH C . 
M 4 HOH 11 211 44 HOH HOH C . 
M 4 HOH 12 212 30 HOH HOH C . 
M 4 HOH 13 213 14 HOH HOH C . 
M 4 HOH 14 214 21 HOH HOH C . 
M 4 HOH 15 215 32 HOH HOH C . 
M 4 HOH 16 216 42 HOH HOH C . 
M 4 HOH 17 217 36 HOH HOH C . 
M 4 HOH 18 218 47 HOH HOH C . 
M 4 HOH 19 219 38 HOH HOH C . 
M 4 HOH 20 220 46 HOH HOH C . 
M 4 HOH 21 221 52 HOH HOH C . 
M 4 HOH 22 222 48 HOH HOH C . 
N 4 HOH 1  201 31 HOH HOH D . 
N 4 HOH 2  202 11 HOH HOH D . 
N 4 HOH 3  203 51 HOH HOH D . 
N 4 HOH 4  204 33 HOH HOH D . 
N 4 HOH 5  205 23 HOH HOH D . 
N 4 HOH 6  206 6  HOH HOH D . 
N 4 HOH 7  207 20 HOH HOH D . 
N 4 HOH 8  208 3  HOH HOH D . 
N 4 HOH 9  209 60 HOH HOH D . 
N 4 HOH 10 210 19 HOH HOH D . 
N 4 HOH 11 211 57 HOH HOH D . 
N 4 HOH 12 212 56 HOH HOH D . 
N 4 HOH 13 213 4  HOH HOH D . 
N 4 HOH 14 214 1  HOH HOH D . 
N 4 HOH 15 215 40 HOH HOH D . 
N 4 HOH 16 216 37 HOH HOH D . 
N 4 HOH 17 217 2  HOH HOH D . 
# 
loop_
_software.citation_id 
_software.classification 
_software.compiler_name 
_software.compiler_version 
_software.contact_author 
_software.contact_author_email 
_software.date 
_software.description 
_software.dependencies 
_software.hardware 
_software.language 
_software.location 
_software.mods 
_software.name 
_software.os 
_software.os_version 
_software.type 
_software.version 
_software.pdbx_ordinal 
? refinement       ? ? ? ? ? ? ? ? ? ? ? PHENIX ? ? ? 1.20.1_4487 1 
? 'data reduction' ? ? ? ? ? ? ? ? ? ? ? XDS    ? ? ? .           2 
? 'data scaling'   ? ? ? ? ? ? ? ? ? ? ? XDS    ? ? ? .           3 
? phasing          ? ? ? ? ? ? ? ? ? ? ? PHASER ? ? ? .           4 
# 
_cell.angle_alpha                  89.950 
_cell.angle_alpha_esd              ? 
_cell.angle_beta                   89.830 
_cell.angle_beta_esd               ? 
_cell.angle_gamma                  72.590 
_cell.angle_gamma_esd              ? 
_cell.entry_id                     9EJU 
_cell.details                      ? 
_cell.formula_units_Z              ? 
_cell.length_a                     10.024 
_cell.length_a_esd                 ? 
_cell.length_b                     16.241 
_cell.length_b_esd                 ? 
_cell.length_c                     48.919 
_cell.length_c_esd                 ? 
_cell.volume                       7599.123 
_cell.volume_esd                   ? 
_cell.Z_PDB                        4 
_cell.reciprocal_angle_alpha       ? 
_cell.reciprocal_angle_beta        ? 
_cell.reciprocal_angle_gamma       ? 
_cell.reciprocal_angle_alpha_esd   ? 
_cell.reciprocal_angle_beta_esd    ? 
_cell.reciprocal_angle_gamma_esd   ? 
_cell.reciprocal_length_a          ? 
_cell.reciprocal_length_b          ? 
_cell.reciprocal_length_c          ? 
_cell.reciprocal_length_a_esd      ? 
_cell.reciprocal_length_b_esd      ? 
_cell.reciprocal_length_c_esd      ? 
_cell.pdbx_unique_axis             ? 
_cell.pdbx_esd_method              ? 
# 
_symmetry.entry_id                         9EJU 
_symmetry.cell_setting                     ? 
_symmetry.Int_Tables_number                1 
_symmetry.space_group_name_Hall            'P 1' 
_symmetry.space_group_name_H-M             'P 1' 
_symmetry.pdbx_full_space_group_name_H-M   ? 
# 
_exptl.absorpt_coefficient_mu     ? 
_exptl.absorpt_correction_T_max   ? 
_exptl.absorpt_correction_T_min   ? 
_exptl.absorpt_correction_type    ? 
_exptl.absorpt_process_details    ? 
_exptl.entry_id                   9EJU 
_exptl.crystals_number            1 
_exptl.details                    ? 
_exptl.method                     'X-RAY DIFFRACTION' 
_exptl.method_details             ? 
# 
_exptl_crystal.colour                       ? 
_exptl_crystal.density_diffrn               ? 
_exptl_crystal.density_Matthews             1.84 
_exptl_crystal.density_method               ? 
_exptl_crystal.density_percent_sol          32.98 
_exptl_crystal.description                  ? 
_exptl_crystal.F_000                        ? 
_exptl_crystal.id                           1 
_exptl_crystal.preparation                  ? 
_exptl_crystal.size_max                     ? 
_exptl_crystal.size_mid                     ? 
_exptl_crystal.size_min                     ? 
_exptl_crystal.size_rad                     ? 
_exptl_crystal.colour_lustre                ? 
_exptl_crystal.colour_modifier              ? 
_exptl_crystal.colour_primary               ? 
_exptl_crystal.density_meas                 ? 
_exptl_crystal.density_meas_esd             ? 
_exptl_crystal.density_meas_gt              ? 
_exptl_crystal.density_meas_lt              ? 
_exptl_crystal.density_meas_temp            ? 
_exptl_crystal.density_meas_temp_esd        ? 
_exptl_crystal.density_meas_temp_gt         ? 
_exptl_crystal.density_meas_temp_lt         ? 
_exptl_crystal.pdbx_crystal_image_url       ? 
_exptl_crystal.pdbx_crystal_image_format    ? 
_exptl_crystal.pdbx_mosaicity               ? 
_exptl_crystal.pdbx_mosaicity_esd           ? 
_exptl_crystal.pdbx_mosaic_method           ? 
_exptl_crystal.pdbx_mosaic_block_size       ? 
_exptl_crystal.pdbx_mosaic_block_size_esd   ? 
# 
_exptl_crystal_grow.apparatus       ? 
_exptl_crystal_grow.atmosphere      ? 
_exptl_crystal_grow.crystal_id      1 
_exptl_crystal_grow.details         ? 
_exptl_crystal_grow.method          'SLOW COOLING' 
_exptl_crystal_grow.method_ref      ? 
_exptl_crystal_grow.pH              ? 
_exptl_crystal_grow.pressure        ? 
_exptl_crystal_grow.pressure_esd    ? 
_exptl_crystal_grow.seeding         ? 
_exptl_crystal_grow.seeding_ref     ? 
_exptl_crystal_grow.temp_details    ? 
_exptl_crystal_grow.temp_esd        ? 
_exptl_crystal_grow.time            ? 
_exptl_crystal_grow.pdbx_details    'water, acetonitrile, cobalt acetate, sodium hydroxide, methanol' 
_exptl_crystal_grow.pdbx_pH_range   ? 
_exptl_crystal_grow.temp            298 
# 
_diffrn.ambient_environment              ? 
_diffrn.ambient_temp                     100 
_diffrn.ambient_temp_details             ? 
_diffrn.ambient_temp_esd                 ? 
_diffrn.crystal_id                       1 
_diffrn.crystal_support                  ? 
_diffrn.crystal_treatment                ? 
_diffrn.details                          ? 
_diffrn.id                               1 
_diffrn.ambient_pressure                 ? 
_diffrn.ambient_pressure_esd             ? 
_diffrn.ambient_pressure_gt              ? 
_diffrn.ambient_pressure_lt              ? 
_diffrn.ambient_temp_gt                  ? 
_diffrn.ambient_temp_lt                  ? 
_diffrn.pdbx_serial_crystal_experiment   N 
# 
_diffrn_detector.details                      ? 
_diffrn_detector.detector                     PIXEL 
_diffrn_detector.diffrn_id                    1 
_diffrn_detector.type                         'DECTRIS EIGER X 9M' 
_diffrn_detector.area_resol_mean              ? 
_diffrn_detector.dtime                        ? 
_diffrn_detector.pdbx_frames_total            ? 
_diffrn_detector.pdbx_collection_time_total   ? 
_diffrn_detector.pdbx_collection_date         2024-06-12 
_diffrn_detector.pdbx_frequency               ? 
_diffrn_detector.id                           ? 
_diffrn_detector.number_of_axes               ? 
# 
_diffrn_radiation.collimation                      ? 
_diffrn_radiation.diffrn_id                        1 
_diffrn_radiation.filter_edge                      ? 
_diffrn_radiation.inhomogeneity                    ? 
_diffrn_radiation.monochromator                    ? 
_diffrn_radiation.polarisn_norm                    ? 
_diffrn_radiation.polarisn_ratio                   ? 
_diffrn_radiation.probe                            ? 
_diffrn_radiation.type                             ? 
_diffrn_radiation.xray_symbol                      ? 
_diffrn_radiation.wavelength_id                    1 
_diffrn_radiation.pdbx_monochromatic_or_laue_m_l   M 
_diffrn_radiation.pdbx_wavelength_list             ? 
_diffrn_radiation.pdbx_wavelength                  ? 
_diffrn_radiation.pdbx_diffrn_protocol             'SINGLE WAVELENGTH' 
_diffrn_radiation.pdbx_analyzer                    ? 
_diffrn_radiation.pdbx_scattering_type             x-ray 
# 
_diffrn_radiation_wavelength.id           1 
_diffrn_radiation_wavelength.wavelength   0.688790 
_diffrn_radiation_wavelength.wt           1.0 
# 
_diffrn_source.current                     ? 
_diffrn_source.details                     ? 
_diffrn_source.diffrn_id                   1 
_diffrn_source.power                       ? 
_diffrn_source.size                        ? 
_diffrn_source.source                      SYNCHROTRON 
_diffrn_source.target                      ? 
_diffrn_source.type                        'NSLS-II BEAMLINE 17-ID-1' 
_diffrn_source.voltage                     ? 
_diffrn_source.take-off_angle              ? 
_diffrn_source.pdbx_wavelength_list        0.688790 
_diffrn_source.pdbx_wavelength             ? 
_diffrn_source.pdbx_synchrotron_beamline   17-ID-1 
_diffrn_source.pdbx_synchrotron_site       NSLS-II 
# 
_reflns.B_iso_Wilson_estimate                          ? 
_reflns.entry_id                                       9EJU 
_reflns.data_reduction_details                         ? 
_reflns.data_reduction_method                          ? 
_reflns.d_resolution_high                              1.17 
_reflns.d_resolution_low                               48.92 
_reflns.details                                        ? 
_reflns.limit_h_max                                    ? 
_reflns.limit_h_min                                    ? 
_reflns.limit_k_max                                    ? 
_reflns.limit_k_min                                    ? 
_reflns.limit_l_max                                    ? 
_reflns.limit_l_min                                    ? 
_reflns.number_all                                     ? 
_reflns.number_obs                                     9568 
_reflns.observed_criterion                             ? 
_reflns.observed_criterion_F_max                       ? 
_reflns.observed_criterion_F_min                       ? 
_reflns.observed_criterion_I_max                       ? 
_reflns.observed_criterion_I_min                       ? 
_reflns.observed_criterion_sigma_F                     ? 
_reflns.observed_criterion_sigma_I                     ? 
_reflns.percent_possible_obs                           96.09 
_reflns.R_free_details                                 ? 
_reflns.Rmerge_F_all                                   ? 
_reflns.Rmerge_F_obs                                   ? 
_reflns.Friedel_coverage                               ? 
_reflns.number_gt                                      ? 
_reflns.threshold_expression                           ? 
_reflns.pdbx_redundancy                                3.5 
_reflns.pdbx_netI_over_av_sigmaI                       ? 
_reflns.pdbx_netI_over_sigmaI                          7.59 
_reflns.pdbx_res_netI_over_av_sigmaI_2                 ? 
_reflns.pdbx_res_netI_over_sigmaI_2                    ? 
_reflns.pdbx_chi_squared                               ? 
_reflns.pdbx_scaling_rejects                           ? 
_reflns.pdbx_d_res_high_opt                            ? 
_reflns.pdbx_d_res_low_opt                             ? 
_reflns.pdbx_d_res_opt_method                          ? 
_reflns.phase_calculation_details                      ? 
_reflns.pdbx_Rrim_I_all                                ? 
_reflns.pdbx_Rpim_I_all                                ? 
_reflns.pdbx_d_opt                                     ? 
_reflns.pdbx_number_measured_all                       ? 
_reflns.pdbx_diffrn_id                                 1 
_reflns.pdbx_ordinal                                   1 
_reflns.pdbx_CC_half                                   0.994 
_reflns.pdbx_CC_star                                   ? 
_reflns.pdbx_R_split                                   ? 
_reflns.pdbx_Rmerge_I_obs                              ? 
_reflns.pdbx_Rmerge_I_all                              ? 
_reflns.pdbx_Rsym_value                                ? 
_reflns.pdbx_CC_split_method                           ? 
_reflns.pdbx_aniso_diffraction_limit_axis_1_ortho[1]   ? 
_reflns.pdbx_aniso_diffraction_limit_axis_1_ortho[2]   ? 
_reflns.pdbx_aniso_diffraction_limit_axis_1_ortho[3]   ? 
_reflns.pdbx_aniso_diffraction_limit_axis_2_ortho[1]   ? 
_reflns.pdbx_aniso_diffraction_limit_axis_2_ortho[2]   ? 
_reflns.pdbx_aniso_diffraction_limit_axis_2_ortho[3]   ? 
_reflns.pdbx_aniso_diffraction_limit_axis_3_ortho[1]   ? 
_reflns.pdbx_aniso_diffraction_limit_axis_3_ortho[2]   ? 
_reflns.pdbx_aniso_diffraction_limit_axis_3_ortho[3]   ? 
_reflns.pdbx_aniso_diffraction_limit_1                 ? 
_reflns.pdbx_aniso_diffraction_limit_2                 ? 
_reflns.pdbx_aniso_diffraction_limit_3                 ? 
_reflns.pdbx_aniso_B_tensor_eigenvector_1_ortho[1]     ? 
_reflns.pdbx_aniso_B_tensor_eigenvector_1_ortho[2]     ? 
_reflns.pdbx_aniso_B_tensor_eigenvector_1_ortho[3]     ? 
_reflns.pdbx_aniso_B_tensor_eigenvector_2_ortho[1]     ? 
_reflns.pdbx_aniso_B_tensor_eigenvector_2_ortho[2]     ? 
_reflns.pdbx_aniso_B_tensor_eigenvector_2_ortho[3]     ? 
_reflns.pdbx_aniso_B_tensor_eigenvector_3_ortho[1]     ? 
_reflns.pdbx_aniso_B_tensor_eigenvector_3_ortho[2]     ? 
_reflns.pdbx_aniso_B_tensor_eigenvector_3_ortho[3]     ? 
_reflns.pdbx_aniso_B_tensor_eigenvalue_1               ? 
_reflns.pdbx_aniso_B_tensor_eigenvalue_2               ? 
_reflns.pdbx_aniso_B_tensor_eigenvalue_3               ? 
_reflns.pdbx_orthogonalization_convention              ? 
_reflns.pdbx_percent_possible_ellipsoidal              ? 
_reflns.pdbx_percent_possible_spherical                ? 
_reflns.pdbx_percent_possible_ellipsoidal_anomalous    ? 
_reflns.pdbx_percent_possible_spherical_anomalous      ? 
_reflns.pdbx_redundancy_anomalous                      ? 
_reflns.pdbx_CC_half_anomalous                         ? 
_reflns.pdbx_absDiff_over_sigma_anomalous              ? 
_reflns.pdbx_percent_possible_anomalous                ? 
_reflns.pdbx_observed_signal_threshold                 ? 
_reflns.pdbx_signal_type                               ? 
_reflns.pdbx_signal_details                            ? 
_reflns.pdbx_signal_software_id                        ? 
# 
_reflns_shell.d_res_high                                    1.17 
_reflns_shell.d_res_low                                     1.212 
_reflns_shell.meanI_over_sigI_all                           ? 
_reflns_shell.meanI_over_sigI_obs                           ? 
_reflns_shell.number_measured_all                           ? 
_reflns_shell.number_measured_obs                           ? 
_reflns_shell.number_possible                               ? 
_reflns_shell.number_unique_all                             ? 
_reflns_shell.number_unique_obs                             918 
_reflns_shell.percent_possible_obs                          ? 
_reflns_shell.Rmerge_F_all                                  ? 
_reflns_shell.Rmerge_F_obs                                  ? 
_reflns_shell.meanI_over_sigI_gt                            ? 
_reflns_shell.meanI_over_uI_all                             ? 
_reflns_shell.meanI_over_uI_gt                              ? 
_reflns_shell.number_measured_gt                            ? 
_reflns_shell.number_unique_gt                              ? 
_reflns_shell.percent_possible_gt                           ? 
_reflns_shell.Rmerge_F_gt                                   ? 
_reflns_shell.Rmerge_I_gt                                   ? 
_reflns_shell.pdbx_redundancy                               ? 
_reflns_shell.pdbx_chi_squared                              ? 
_reflns_shell.pdbx_netI_over_sigmaI_all                     ? 
_reflns_shell.pdbx_netI_over_sigmaI_obs                     ? 
_reflns_shell.pdbx_Rrim_I_all                               ? 
_reflns_shell.pdbx_Rpim_I_all                               ? 
_reflns_shell.pdbx_rejects                                  ? 
_reflns_shell.pdbx_ordinal                                  1 
_reflns_shell.pdbx_diffrn_id                                1 
_reflns_shell.pdbx_CC_half                                  0.886 
_reflns_shell.pdbx_CC_star                                  ? 
_reflns_shell.pdbx_R_split                                  ? 
_reflns_shell.percent_possible_all                          ? 
_reflns_shell.Rmerge_I_all                                  ? 
_reflns_shell.Rmerge_I_obs                                  ? 
_reflns_shell.pdbx_Rsym_value                               ? 
_reflns_shell.pdbx_percent_possible_ellipsoidal             ? 
_reflns_shell.pdbx_percent_possible_spherical               ? 
_reflns_shell.pdbx_percent_possible_ellipsoidal_anomalous   ? 
_reflns_shell.pdbx_percent_possible_spherical_anomalous     ? 
_reflns_shell.pdbx_redundancy_anomalous                     ? 
_reflns_shell.pdbx_CC_half_anomalous                        ? 
_reflns_shell.pdbx_absDiff_over_sigma_anomalous             ? 
_reflns_shell.pdbx_percent_possible_anomalous               ? 
# 
_refine.aniso_B[1][1]                            ? 
_refine.aniso_B[1][2]                            ? 
_refine.aniso_B[1][3]                            ? 
_refine.aniso_B[2][2]                            ? 
_refine.aniso_B[2][3]                            ? 
_refine.aniso_B[3][3]                            ? 
_refine.B_iso_max                                ? 
_refine.B_iso_mean                               11.32 
_refine.B_iso_min                                ? 
_refine.correlation_coeff_Fo_to_Fc               ? 
_refine.correlation_coeff_Fo_to_Fc_free          ? 
_refine.details                                  ? 
_refine.diff_density_max                         ? 
_refine.diff_density_max_esd                     ? 
_refine.diff_density_min                         ? 
_refine.diff_density_min_esd                     ? 
_refine.diff_density_rms                         ? 
_refine.diff_density_rms_esd                     ? 
_refine.entry_id                                 9EJU 
_refine.pdbx_refine_id                           'X-RAY DIFFRACTION' 
_refine.ls_abs_structure_details                 ? 
_refine.ls_abs_structure_Flack                   ? 
_refine.ls_abs_structure_Flack_esd               ? 
_refine.ls_abs_structure_Rogers                  ? 
_refine.ls_abs_structure_Rogers_esd              ? 
_refine.ls_d_res_high                            1.17 
_refine.ls_d_res_low                             48.92 
_refine.ls_extinction_coef                       ? 
_refine.ls_extinction_coef_esd                   ? 
_refine.ls_extinction_expression                 ? 
_refine.ls_extinction_method                     ? 
_refine.ls_goodness_of_fit_all                   ? 
_refine.ls_goodness_of_fit_all_esd               ? 
_refine.ls_goodness_of_fit_obs                   ? 
_refine.ls_goodness_of_fit_obs_esd               ? 
_refine.ls_hydrogen_treatment                    ? 
_refine.ls_matrix_type                           ? 
_refine.ls_number_constraints                    ? 
_refine.ls_number_parameters                     ? 
_refine.ls_number_reflns_all                     ? 
_refine.ls_number_reflns_obs                     9568 
_refine.ls_number_reflns_R_free                  2050 
_refine.ls_number_reflns_R_work                  16725 
_refine.ls_number_restraints                     ? 
_refine.ls_percent_reflns_obs                    94.34 
_refine.ls_percent_reflns_R_free                 10.92 
_refine.ls_R_factor_all                          ? 
_refine.ls_R_factor_obs                          0.2211 
_refine.ls_R_factor_R_free                       0.2627 
_refine.ls_R_factor_R_free_error                 ? 
_refine.ls_R_factor_R_free_error_details         ? 
_refine.ls_R_factor_R_work                       0.2132 
_refine.ls_R_Fsqd_factor_obs                     ? 
_refine.ls_R_I_factor_obs                        ? 
_refine.ls_redundancy_reflns_all                 ? 
_refine.ls_redundancy_reflns_obs                 ? 
_refine.ls_restrained_S_all                      ? 
_refine.ls_restrained_S_obs                      ? 
_refine.ls_shift_over_esd_max                    ? 
_refine.ls_shift_over_esd_mean                   ? 
_refine.ls_structure_factor_coef                 ? 
_refine.ls_weighting_details                     ? 
_refine.ls_weighting_scheme                      ? 
_refine.ls_wR_factor_all                         ? 
_refine.ls_wR_factor_obs                         ? 
_refine.ls_wR_factor_R_free                      ? 
_refine.ls_wR_factor_R_work                      ? 
_refine.occupancy_max                            ? 
_refine.occupancy_min                            ? 
_refine.solvent_model_details                    'FLAT BULK SOLVENT MODEL' 
_refine.solvent_model_param_bsol                 ? 
_refine.solvent_model_param_ksol                 ? 
_refine.pdbx_R_complete                          ? 
_refine.ls_R_factor_gt                           ? 
_refine.ls_goodness_of_fit_gt                    ? 
_refine.ls_goodness_of_fit_ref                   ? 
_refine.ls_shift_over_su_max                     ? 
_refine.ls_shift_over_su_max_lt                  ? 
_refine.ls_shift_over_su_mean                    ? 
_refine.ls_shift_over_su_mean_lt                 ? 
_refine.pdbx_ls_sigma_I                          ? 
_refine.pdbx_ls_sigma_F                          47.01 
_refine.pdbx_ls_sigma_Fsqd                       ? 
_refine.pdbx_data_cutoff_high_absF               ? 
_refine.pdbx_data_cutoff_high_rms_absF           ? 
_refine.pdbx_data_cutoff_low_absF                ? 
_refine.pdbx_isotropic_thermal_model             ? 
_refine.pdbx_ls_cross_valid_method               'FREE R-VALUE' 
_refine.pdbx_method_to_determine_struct          'MOLECULAR REPLACEMENT' 
_refine.pdbx_starting_model                      ? 
_refine.pdbx_stereochemistry_target_values       'GeoStd + Monomer Library + CDL v1.2' 
_refine.pdbx_R_Free_selection_details            ? 
_refine.pdbx_stereochem_target_val_spec_case     ? 
_refine.pdbx_overall_ESU_R                       ? 
_refine.pdbx_overall_ESU_R_Free                  ? 
_refine.pdbx_solvent_vdw_probe_radii             1.1000 
_refine.pdbx_solvent_ion_probe_radii             ? 
_refine.pdbx_solvent_shrinkage_radii             0.9000 
_refine.pdbx_real_space_R                        ? 
_refine.pdbx_density_correlation                 ? 
_refine.pdbx_pd_number_of_powder_patterns        ? 
_refine.pdbx_pd_number_of_points                 ? 
_refine.pdbx_pd_meas_number_of_points            ? 
_refine.pdbx_pd_proc_ls_prof_R_factor            ? 
_refine.pdbx_pd_proc_ls_prof_wR_factor           ? 
_refine.pdbx_pd_Marquardt_correlation_coeff      ? 
_refine.pdbx_pd_Fsqrd_R_factor                   ? 
_refine.pdbx_pd_ls_matrix_band_width             ? 
_refine.pdbx_overall_phase_error                 37.5492 
_refine.pdbx_overall_SU_R_free_Cruickshank_DPI   ? 
_refine.pdbx_overall_SU_R_free_Blow_DPI          ? 
_refine.pdbx_overall_SU_R_Blow_DPI               ? 
_refine.pdbx_TLS_residual_ADP_flag               ? 
_refine.pdbx_diffrn_id                           1 
_refine.overall_SU_B                             ? 
_refine.overall_SU_ML                            ? 
_refine.overall_SU_R_Cruickshank_DPI             ? 
_refine.overall_SU_R_free                        ? 
_refine.overall_FOM_free_R_set                   ? 
_refine.overall_FOM_work_R_set                   ? 
_refine.pdbx_average_fsc_overall                 ? 
_refine.pdbx_average_fsc_work                    ? 
_refine.pdbx_average_fsc_free                    ? 
# 
_refine_hist.pdbx_refine_id                   'X-RAY DIFFRACTION' 
_refine_hist.cycle_id                         LAST 
_refine_hist.details                          ? 
_refine_hist.d_res_high                       1.17 
_refine_hist.d_res_low                        48.92 
_refine_hist.number_atoms_solvent             65 
_refine_hist.number_atoms_total               371 
_refine_hist.number_reflns_all                ? 
_refine_hist.number_reflns_obs                ? 
_refine_hist.number_reflns_R_free             ? 
_refine_hist.number_reflns_R_work             ? 
_refine_hist.R_factor_all                     ? 
_refine_hist.R_factor_obs                     ? 
_refine_hist.R_factor_R_free                  ? 
_refine_hist.R_factor_R_work                  ? 
_refine_hist.pdbx_number_residues_total       ? 
_refine_hist.pdbx_B_iso_mean_ligand           ? 
_refine_hist.pdbx_B_iso_mean_solvent          ? 
_refine_hist.pdbx_number_atoms_protein        276 
_refine_hist.pdbx_number_atoms_nucleic_acid   0 
_refine_hist.pdbx_number_atoms_ligand         30 
_refine_hist.pdbx_number_atoms_lipid          ? 
_refine_hist.pdbx_number_atoms_carb           ? 
_refine_hist.pdbx_pseudo_atom_details         ? 
# 
loop_
_refine_ls_restr.pdbx_refine_id 
_refine_ls_restr.criterion 
_refine_ls_restr.dev_ideal 
_refine_ls_restr.dev_ideal_target 
_refine_ls_restr.number 
_refine_ls_restr.rejects 
_refine_ls_restr.type 
_refine_ls_restr.weight 
_refine_ls_restr.pdbx_restraint_function 
'X-RAY DIFFRACTION' ? 0.0081  ? 292 ? f_bond_d           ? ? 
'X-RAY DIFFRACTION' ? 1.6270  ? 400 ? f_angle_d          ? ? 
'X-RAY DIFFRACTION' ? 0.0629  ? 36  ? f_chiral_restr     ? ? 
'X-RAY DIFFRACTION' ? 0.0065  ? 44  ? f_plane_restr      ? ? 
'X-RAY DIFFRACTION' ? 21.6272 ? 96  ? f_dihedral_angle_d ? ? 
# 
loop_
_refine_ls_shell.pdbx_refine_id 
_refine_ls_shell.d_res_high 
_refine_ls_shell.d_res_low 
_refine_ls_shell.number_reflns_all 
_refine_ls_shell.number_reflns_obs 
_refine_ls_shell.number_reflns_R_free 
_refine_ls_shell.number_reflns_R_work 
_refine_ls_shell.percent_reflns_obs 
_refine_ls_shell.percent_reflns_R_free 
_refine_ls_shell.R_factor_all 
_refine_ls_shell.R_factor_obs 
_refine_ls_shell.R_factor_R_free_error 
_refine_ls_shell.R_factor_R_work 
_refine_ls_shell.redundancy_reflns_all 
_refine_ls_shell.redundancy_reflns_obs 
_refine_ls_shell.wR_factor_all 
_refine_ls_shell.wR_factor_obs 
_refine_ls_shell.wR_factor_R_free 
_refine_ls_shell.wR_factor_R_work 
_refine_ls_shell.pdbx_R_complete 
_refine_ls_shell.pdbx_total_number_of_bins_used 
_refine_ls_shell.pdbx_phase_error 
_refine_ls_shell.pdbx_fsc_work 
_refine_ls_shell.pdbx_fsc_free 
_refine_ls_shell.R_factor_R_free 
'X-RAY DIFFRACTION' 1.17 1.20  . . 142 1174 81.98 . . . . 0.3284 . . . . . . . . . . . 0.3672 
'X-RAY DIFFRACTION' 1.20 1.23  . . 146 1219 83.04 . . . . 0.3247 . . . . . . . . . . . 0.3714 
'X-RAY DIFFRACTION' 1.23 1.27  . . 137 1185 82.75 . . . . 0.3200 . . . . . . . . . . . 0.3633 
'X-RAY DIFFRACTION' 1.27 1.31  . . 138 1072 82.72 . . . . 0.3079 . . . . . . . . . . . 0.3005 
'X-RAY DIFFRACTION' 1.31 1.36  . . 146 1296 84.05 . . . . 0.2980 . . . . . . . . . . . 0.3356 
'X-RAY DIFFRACTION' 1.36 1.41  . . 125 1173 85.00 . . . . 0.2970 . . . . . . . . . . . 0.4423 
'X-RAY DIFFRACTION' 1.41 1.47  . . 138 1248 85.25 . . . . 0.2770 . . . . . . . . . . . 0.2849 
'X-RAY DIFFRACTION' 1.47 1.55  . . 126 1140 84.57 . . . . 0.2612 . . . . . . . . . . . 0.2907 
'X-RAY DIFFRACTION' 1.55 1.65  . . 156 1276 85.64 . . . . 0.2434 . . . . . . . . . . . 0.2845 
'X-RAY DIFFRACTION' 1.65 1.78  . . 129 1181 86.58 . . . . 0.2237 . . . . . . . . . . . 0.2504 
'X-RAY DIFFRACTION' 1.78 1.95  . . 139 1232 85.79 . . . . 0.2224 . . . . . . . . . . . 0.2655 
'X-RAY DIFFRACTION' 1.96 2.24  . . 125 1184 85.55 . . . . 0.1839 . . . . . . . . . . . 0.2350 
'X-RAY DIFFRACTION' 2.24 2.82  . . 127 1258 87.60 . . . . 0.1578 . . . . . . . . . . . 0.1924 
'X-RAY DIFFRACTION' 2.82 48.92 . . 145 1218 85.17 . . . . 0.1621 . . . . . . . . . . . 0.2187 
# 
_struct.entry_id                     9EJU 
_struct.title                        'Co-MAHF-9 A8N Metal Alpha-Helix Framework' 
_struct.pdbx_model_details           ? 
_struct.pdbx_formula_weight          ? 
_struct.pdbx_formula_weight_method   ? 
_struct.pdbx_model_type_details      ? 
_struct.pdbx_CASP_flag               N 
# 
_struct_keywords.entry_id        9EJU 
_struct_keywords.text            'synthetic construct, DE NOVO PROTEIN' 
_struct_keywords.pdbx_keywords   'DE NOVO PROTEIN' 
# 
loop_
_struct_asym.id 
_struct_asym.pdbx_blank_PDB_chainid_flag 
_struct_asym.pdbx_modified 
_struct_asym.entity_id 
_struct_asym.details 
A N N 1 ? 
B N N 1 ? 
C N N 1 ? 
D N N 1 ? 
E N N 2 ? 
F N N 3 ? 
G N N 3 ? 
H N N 2 ? 
I N N 3 ? 
J N N 3 ? 
K N N 4 ? 
L N N 4 ? 
M N N 4 ? 
N N N 4 ? 
# 
_struct_ref.id                         1 
_struct_ref.db_name                    PDB 
_struct_ref.db_code                    9EJU 
_struct_ref.pdbx_db_accession          9EJU 
_struct_ref.pdbx_db_isoform            ? 
_struct_ref.entity_id                  1 
_struct_ref.pdbx_seq_one_letter_code   ? 
_struct_ref.pdbx_align_begin           1 
# 
loop_
_struct_ref_seq.align_id 
_struct_ref_seq.ref_id 
_struct_ref_seq.pdbx_PDB_id_code 
_struct_ref_seq.pdbx_strand_id 
_struct_ref_seq.seq_align_beg 
_struct_ref_seq.pdbx_seq_align_beg_ins_code 
_struct_ref_seq.seq_align_end 
_struct_ref_seq.pdbx_seq_align_end_ins_code 
_struct_ref_seq.pdbx_db_accession 
_struct_ref_seq.db_align_beg 
_struct_ref_seq.pdbx_db_align_beg_ins_code 
_struct_ref_seq.db_align_end 
_struct_ref_seq.pdbx_db_align_end_ins_code 
_struct_ref_seq.pdbx_auth_seq_align_beg 
_struct_ref_seq.pdbx_auth_seq_align_end 
1 1 9EJU A 1 ? 11 ? 9EJU 1 ? 11 ? 1 11 
2 1 9EJU B 1 ? 11 ? 9EJU 1 ? 11 ? 1 11 
3 1 9EJU C 1 ? 11 ? 9EJU 1 ? 11 ? 1 11 
4 1 9EJU D 1 ? 11 ? 9EJU 1 ? 11 ? 1 11 
# 
loop_
_pdbx_struct_assembly.id 
_pdbx_struct_assembly.details 
_pdbx_struct_assembly.method_details 
_pdbx_struct_assembly.oligomeric_details 
_pdbx_struct_assembly.oligomeric_count 
1 author_and_software_defined_assembly PISA monomeric 1 
2 author_and_software_defined_assembly PISA monomeric 1 
3 author_and_software_defined_assembly PISA monomeric 1 
4 author_and_software_defined_assembly PISA monomeric 1 
# 
loop_
_pdbx_struct_assembly_gen.assembly_id 
_pdbx_struct_assembly_gen.oper_expression 
_pdbx_struct_assembly_gen.asym_id_list 
1 1 A,E,F,G,K 
2 1 B,L       
3 1 C,H,M     
4 1 D,I,J,N   
# 
_pdbx_struct_assembly_auth_evidence.id                     1 
_pdbx_struct_assembly_auth_evidence.assembly_id            1 
_pdbx_struct_assembly_auth_evidence.experimental_support   none 
_pdbx_struct_assembly_auth_evidence.details                ? 
# 
_pdbx_struct_oper_list.id                   1 
_pdbx_struct_oper_list.type                 'identity operation' 
_pdbx_struct_oper_list.name                 1_555 
_pdbx_struct_oper_list.symmetry_operation   x,y,z 
_pdbx_struct_oper_list.matrix[1][1]         1.0000000000 
_pdbx_struct_oper_list.matrix[1][2]         0.0000000000 
_pdbx_struct_oper_list.matrix[1][3]         0.0000000000 
_pdbx_struct_oper_list.vector[1]            0.0000000000 
_pdbx_struct_oper_list.matrix[2][1]         0.0000000000 
_pdbx_struct_oper_list.matrix[2][2]         1.0000000000 
_pdbx_struct_oper_list.matrix[2][3]         0.0000000000 
_pdbx_struct_oper_list.vector[2]            0.0000000000 
_pdbx_struct_oper_list.matrix[3][1]         0.0000000000 
_pdbx_struct_oper_list.matrix[3][2]         0.0000000000 
_pdbx_struct_oper_list.matrix[3][3]         1.0000000000 
_pdbx_struct_oper_list.vector[3]            0.0000000000 
# 
loop_
_struct_conf.conf_type_id 
_struct_conf.id 
_struct_conf.pdbx_PDB_helix_id 
_struct_conf.beg_label_comp_id 
_struct_conf.beg_label_asym_id 
_struct_conf.beg_label_seq_id 
_struct_conf.pdbx_beg_PDB_ins_code 
_struct_conf.end_label_comp_id 
_struct_conf.end_label_asym_id 
_struct_conf.end_label_seq_id 
_struct_conf.pdbx_end_PDB_ins_code 
_struct_conf.beg_auth_comp_id 
_struct_conf.beg_auth_asym_id 
_struct_conf.beg_auth_seq_id 
_struct_conf.end_auth_comp_id 
_struct_conf.end_auth_asym_id 
_struct_conf.end_auth_seq_id 
_struct_conf.pdbx_PDB_helix_class 
_struct_conf.details 
_struct_conf.pdbx_PDB_helix_length 
HELX_P HELX_P1 AA1 LEU A 2 ? LEU A 10 ? LEU A 2 LEU A 10 1 ? 9 
HELX_P HELX_P2 AA2 LEU B 2 ? LEU B 10 ? LEU B 2 LEU B 10 1 ? 9 
HELX_P HELX_P3 AA3 LEU C 2 ? LEU C 10 ? LEU C 2 LEU C 10 1 ? 9 
HELX_P HELX_P4 AA4 LEU D 2 ? LEU D 10 ? LEU D 2 LEU D 10 1 ? 9 
# 
_struct_conf_type.id          HELX_P 
_struct_conf_type.criteria    ? 
_struct_conf_type.reference   ? 
# 
loop_
_struct_conn.id 
_struct_conn.conn_type_id 
_struct_conn.pdbx_leaving_atom_flag 
_struct_conn.pdbx_PDB_id 
_struct_conn.ptnr1_label_asym_id 
_struct_conn.ptnr1_label_comp_id 
_struct_conn.ptnr1_label_seq_id 
_struct_conn.ptnr1_label_atom_id 
_struct_conn.pdbx_ptnr1_label_alt_id 
_struct_conn.pdbx_ptnr1_PDB_ins_code 
_struct_conn.pdbx_ptnr1_standard_comp_id 
_struct_conn.ptnr1_symmetry 
_struct_conn.ptnr2_label_asym_id 
_struct_conn.ptnr2_label_comp_id 
_struct_conn.ptnr2_label_seq_id 
_struct_conn.ptnr2_label_atom_id 
_struct_conn.pdbx_ptnr2_label_alt_id 
_struct_conn.pdbx_ptnr2_PDB_ins_code 
_struct_conn.ptnr1_auth_asym_id 
_struct_conn.ptnr1_auth_comp_id 
_struct_conn.ptnr1_auth_seq_id 
_struct_conn.ptnr2_auth_asym_id 
_struct_conn.ptnr2_auth_comp_id 
_struct_conn.ptnr2_auth_seq_id 
_struct_conn.ptnr2_symmetry 
_struct_conn.pdbx_ptnr3_label_atom_id 
_struct_conn.pdbx_ptnr3_label_seq_id 
_struct_conn.pdbx_ptnr3_label_comp_id 
_struct_conn.pdbx_ptnr3_label_asym_id 
_struct_conn.pdbx_ptnr3_label_alt_id 
_struct_conn.pdbx_ptnr3_PDB_ins_code 
_struct_conn.details 
_struct_conn.pdbx_dist_value 
_struct_conn.pdbx_value_order 
_struct_conn.pdbx_role 
covale1  covale both ? A ACE 1  C   ? ? ? 1_555 A LEU 2  N   ? ? A ACE 1   A LEU 2   1_555 ? ? ? ? ? ? ? 1.430 ? ? 
covale2  covale both ? A LEU 2  C   ? ? ? 1_555 A AIB 3  N   ? ? A LEU 2   A AIB 3   1_555 ? ? ? ? ? ? ? 1.326 ? ? 
covale3  covale both ? A AIB 3  C   ? ? ? 1_555 A GLU 4  N   ? ? A AIB 3   A GLU 4   1_555 ? ? ? ? ? ? ? 1.329 ? ? 
covale4  covale both ? A GLU 4  C   ? ? ? 1_555 A AIB 5  N   ? ? A GLU 4   A AIB 5   1_555 ? ? ? ? ? ? ? 1.328 ? ? 
covale5  covale both ? A AIB 5  C   ? ? ? 1_555 A LEU 6  N   ? ? A AIB 5   A LEU 6   1_555 ? ? ? ? ? ? ? 1.335 ? ? 
covale6  covale both ? A ASN 8  C   ? ? ? 1_555 A AIB 9  N   ? ? A ASN 8   A AIB 9   1_555 ? ? ? ? ? ? ? 1.326 ? ? 
covale7  covale both ? A AIB 9  C   ? ? ? 1_555 A LEU 10 N   ? ? A AIB 9   A LEU 10  1_555 ? ? ? ? ? ? ? 1.327 ? ? 
covale8  covale both ? A LEU 10 C   ? ? ? 1_555 A NH2 11 N   ? ? A LEU 10  A NH2 11  1_555 ? ? ? ? ? ? ? 1.429 ? ? 
covale9  covale both ? B ACE 1  C   ? ? ? 1_555 B LEU 2  N   ? ? B ACE 1   B LEU 2   1_555 ? ? ? ? ? ? ? 1.422 ? ? 
covale10 covale both ? B LEU 2  C   ? ? ? 1_555 B AIB 3  N   ? ? B LEU 2   B AIB 3   1_555 ? ? ? ? ? ? ? 1.329 ? ? 
covale11 covale both ? B AIB 3  C   ? ? ? 1_555 B GLU 4  N   ? ? B AIB 3   B GLU 4   1_555 ? ? ? ? ? ? ? 1.332 ? ? 
covale12 covale both ? B GLU 4  C   ? ? ? 1_555 B AIB 5  N   ? ? B GLU 4   B AIB 5   1_555 ? ? ? ? ? ? ? 1.326 ? ? 
covale13 covale both ? B AIB 5  C   ? ? ? 1_555 B LEU 6  N   ? ? B AIB 5   B LEU 6   1_555 ? ? ? ? ? ? ? 1.325 ? ? 
covale14 covale both ? B ASN 8  C   ? ? ? 1_555 B AIB 9  N   ? ? B ASN 8   B AIB 9   1_555 ? ? ? ? ? ? ? 1.320 ? ? 
covale15 covale both ? B AIB 9  C   ? ? ? 1_555 B LEU 10 N   ? ? B AIB 9   B LEU 10  1_555 ? ? ? ? ? ? ? 1.331 ? ? 
covale16 covale both ? B LEU 10 C   ? ? ? 1_555 B NH2 11 N   ? ? B LEU 10  B NH2 11  1_555 ? ? ? ? ? ? ? 1.428 ? ? 
covale17 covale both ? C ACE 1  C   ? ? ? 1_555 C LEU 2  N   ? ? C ACE 1   C LEU 2   1_555 ? ? ? ? ? ? ? 1.426 ? ? 
covale18 covale both ? C LEU 2  C   ? ? ? 1_555 C AIB 3  N   ? ? C LEU 2   C AIB 3   1_555 ? ? ? ? ? ? ? 1.333 ? ? 
covale19 covale both ? C AIB 3  C   ? ? ? 1_555 C GLU 4  N   ? ? C AIB 3   C GLU 4   1_555 ? ? ? ? ? ? ? 1.330 ? ? 
covale20 covale both ? C GLU 4  C   ? ? ? 1_555 C AIB 5  N   ? ? C GLU 4   C AIB 5   1_555 ? ? ? ? ? ? ? 1.329 ? ? 
covale21 covale both ? C AIB 5  C   ? ? ? 1_555 C LEU 6  N   ? ? C AIB 5   C LEU 6   1_555 ? ? ? ? ? ? ? 1.330 ? ? 
covale22 covale both ? C ASN 8  C   ? ? ? 1_555 C AIB 9  N   ? ? C ASN 8   C AIB 9   1_555 ? ? ? ? ? ? ? 1.317 ? ? 
covale23 covale both ? C AIB 9  C   ? ? ? 1_555 C LEU 10 N   ? ? C AIB 9   C LEU 10  1_555 ? ? ? ? ? ? ? 1.331 ? ? 
covale24 covale both ? C LEU 10 C   ? ? ? 1_555 C NH2 11 N   ? ? C LEU 10  C NH2 11  1_555 ? ? ? ? ? ? ? 1.428 ? ? 
covale25 covale both ? D ACE 1  C   ? ? ? 1_555 D LEU 2  N   ? ? D ACE 1   D LEU 2   1_555 ? ? ? ? ? ? ? 1.424 ? ? 
covale26 covale both ? D LEU 2  C   ? ? ? 1_555 D AIB 3  N   ? ? D LEU 2   D AIB 3   1_555 ? ? ? ? ? ? ? 1.339 ? ? 
covale27 covale both ? D AIB 3  C   ? ? ? 1_555 D GLU 4  N   ? ? D AIB 3   D GLU 4   1_555 ? ? ? ? ? ? ? 1.324 ? ? 
covale28 covale both ? D GLU 4  C   ? ? ? 1_555 D AIB 5  N   ? ? D GLU 4   D AIB 5   1_555 ? ? ? ? ? ? ? 1.333 ? ? 
covale29 covale both ? D AIB 5  C   ? ? ? 1_555 D LEU 6  N   ? ? D AIB 5   D LEU 6   1_555 ? ? ? ? ? ? ? 1.320 ? ? 
covale30 covale both ? D ASN 8  C   ? ? ? 1_555 D AIB 9  N   ? ? D ASN 8   D AIB 9   1_555 ? ? ? ? ? ? ? 1.323 ? ? 
covale31 covale both ? D AIB 9  C   ? ? ? 1_555 D LEU 10 N   ? ? D AIB 9   D LEU 10  1_555 ? ? ? ? ? ? ? 1.327 ? ? 
covale32 covale both ? D LEU 10 C   ? ? ? 1_555 D NH2 11 N   ? ? D LEU 10  D NH2 11  1_555 ? ? ? ? ? ? ? 1.428 ? ? 
metalc1  metalc ?    ? A HIS 7  NE2 ? ? ? 1_555 E CO  .  CO  ? ? A HIS 7   A CO  101 1_555 ? ? ? ? ? ? ? 2.228 ? ? 
metalc2  metalc ?    ? E CO  .  CO  ? ? ? 1_555 K HOH .  O   ? ? A CO  101 A HOH 204 1_555 ? ? ? ? ? ? ? 1.761 ? ? 
metalc3  metalc ?    ? E CO  .  CO  ? ? ? 1_555 K HOH .  O   ? ? A CO  101 A HOH 207 1_555 ? ? ? ? ? ? ? 2.133 ? ? 
metalc4  metalc ?    ? E CO  .  CO  ? ? ? 1_655 D GLU 4  OE2 ? ? A CO  101 D GLU 4   1_555 ? ? ? ? ? ? ? 2.058 ? ? 
metalc5  metalc ?    ? E CO  .  CO  ? ? ? 1_555 D HIS 7  NE2 ? ? A CO  101 D HIS 7   1_555 ? ? ? ? ? ? ? 2.188 ? ? 
metalc6  metalc ?    ? E CO  .  CO  ? ? ? 1_555 N HOH .  O   ? ? A CO  101 D HOH 207 1_555 ? ? ? ? ? ? ? 2.118 ? ? 
metalc7  metalc ?    ? B HIS 7  NE2 ? ? ? 1_555 H CO  .  CO  ? ? B HIS 7   C CO  101 1_655 ? ? ? ? ? ? ? 2.172 ? ? 
metalc8  metalc ?    ? L HOH .  O   ? ? ? 1_555 H CO  .  CO  ? ? B HOH 102 C CO  101 1_555 ? ? ? ? ? ? ? 2.625 ? ? 
metalc9  metalc ?    ? C GLU 4  OE2 ? ? ? 1_555 H CO  .  CO  ? ? C GLU 4   C CO  101 1_555 ? ? ? ? ? ? ? 2.034 ? ? 
metalc10 metalc ?    ? C HIS 7  NE2 ? ? ? 1_555 H CO  .  CO  ? ? C HIS 7   C CO  101 1_655 ? ? ? ? ? ? ? 2.226 ? ? 
metalc11 metalc ?    ? H CO  .  CO  ? ? ? 1_555 M HOH .  O   ? ? C CO  101 C HOH 202 1_555 ? ? ? ? ? ? ? 2.115 ? ? 
metalc12 metalc ?    ? H CO  .  CO  ? ? ? 1_555 M HOH .  O   ? ? C CO  101 C HOH 206 1_555 ? ? ? ? ? ? ? 2.011 ? ? 
metalc13 metalc ?    ? H CO  .  CO  ? ? ? 1_555 M HOH .  O   ? ? C CO  101 C HOH 211 1_555 ? ? ? ? ? ? ? 2.043 ? ? 
# 
loop_
_struct_conn_type.id 
_struct_conn_type.criteria 
_struct_conn_type.reference 
covale ? ? 
metalc ? ? 
# 
loop_
_pdbx_struct_conn_angle.id 
_pdbx_struct_conn_angle.ptnr1_label_atom_id 
_pdbx_struct_conn_angle.ptnr1_label_alt_id 
_pdbx_struct_conn_angle.ptnr1_label_asym_id 
_pdbx_struct_conn_angle.ptnr1_label_comp_id 
_pdbx_struct_conn_angle.ptnr1_label_seq_id 
_pdbx_struct_conn_angle.ptnr1_auth_atom_id 
_pdbx_struct_conn_angle.ptnr1_auth_asym_id 
_pdbx_struct_conn_angle.ptnr1_auth_comp_id 
_pdbx_struct_conn_angle.ptnr1_auth_seq_id 
_pdbx_struct_conn_angle.ptnr1_PDB_ins_code 
_pdbx_struct_conn_angle.ptnr1_symmetry 
_pdbx_struct_conn_angle.ptnr2_label_atom_id 
_pdbx_struct_conn_angle.ptnr2_label_alt_id 
_pdbx_struct_conn_angle.ptnr2_label_asym_id 
_pdbx_struct_conn_angle.ptnr2_label_comp_id 
_pdbx_struct_conn_angle.ptnr2_label_seq_id 
_pdbx_struct_conn_angle.ptnr2_auth_atom_id 
_pdbx_struct_conn_angle.ptnr2_auth_asym_id 
_pdbx_struct_conn_angle.ptnr2_auth_comp_id 
_pdbx_struct_conn_angle.ptnr2_auth_seq_id 
_pdbx_struct_conn_angle.ptnr2_PDB_ins_code 
_pdbx_struct_conn_angle.ptnr2_symmetry 
_pdbx_struct_conn_angle.ptnr3_label_atom_id 
_pdbx_struct_conn_angle.ptnr3_label_alt_id 
_pdbx_struct_conn_angle.ptnr3_label_asym_id 
_pdbx_struct_conn_angle.ptnr3_label_comp_id 
_pdbx_struct_conn_angle.ptnr3_label_seq_id 
_pdbx_struct_conn_angle.ptnr3_auth_atom_id 
_pdbx_struct_conn_angle.ptnr3_auth_asym_id 
_pdbx_struct_conn_angle.ptnr3_auth_comp_id 
_pdbx_struct_conn_angle.ptnr3_auth_seq_id 
_pdbx_struct_conn_angle.ptnr3_PDB_ins_code 
_pdbx_struct_conn_angle.ptnr3_symmetry 
_pdbx_struct_conn_angle.value 
_pdbx_struct_conn_angle.value_esd 
1  NE2 ? A HIS 7 ? A HIS 7   ? 1_555 CO ? E CO . ? A CO 101 ? 1_555 O   ? K HOH . ? A HOH 204 ? 1_555 89.0  ? 
2  NE2 ? A HIS 7 ? A HIS 7   ? 1_555 CO ? E CO . ? A CO 101 ? 1_555 O   ? K HOH . ? A HOH 207 ? 1_555 87.2  ? 
3  O   ? K HOH . ? A HOH 204 ? 1_555 CO ? E CO . ? A CO 101 ? 1_555 O   ? K HOH . ? A HOH 207 ? 1_555 104.7 ? 
4  NE2 ? A HIS 7 ? A HIS 7   ? 1_555 CO ? E CO . ? A CO 101 ? 1_555 OE2 ? D GLU 4 ? D GLU 4   ? 1_555 61.2  ? 
5  O   ? K HOH . ? A HOH 204 ? 1_555 CO ? E CO . ? A CO 101 ? 1_555 OE2 ? D GLU 4 ? D GLU 4   ? 1_555 113.7 ? 
6  O   ? K HOH . ? A HOH 207 ? 1_555 CO ? E CO . ? A CO 101 ? 1_555 OE2 ? D GLU 4 ? D GLU 4   ? 1_555 128.2 ? 
7  NE2 ? A HIS 7 ? A HIS 7   ? 1_555 CO ? E CO . ? A CO 101 ? 1_555 NE2 ? D HIS 7 ? D HIS 7   ? 1_555 93.3  ? 
8  O   ? K HOH . ? A HOH 204 ? 1_555 CO ? E CO . ? A CO 101 ? 1_555 NE2 ? D HIS 7 ? D HIS 7   ? 1_555 159.4 ? 
9  O   ? K HOH . ? A HOH 207 ? 1_555 CO ? E CO . ? A CO 101 ? 1_555 NE2 ? D HIS 7 ? D HIS 7   ? 1_555 95.9  ? 
10 OE2 ? D GLU 4 ? D GLU 4   ? 1_555 CO ? E CO . ? A CO 101 ? 1_555 NE2 ? D HIS 7 ? D HIS 7   ? 1_555 51.1  ? 
11 NE2 ? A HIS 7 ? A HIS 7   ? 1_555 CO ? E CO . ? A CO 101 ? 1_555 O   ? N HOH . ? D HOH 207 ? 1_555 91.9  ? 
12 O   ? K HOH . ? A HOH 204 ? 1_555 CO ? E CO . ? A CO 101 ? 1_555 O   ? N HOH . ? D HOH 207 ? 1_555 72.1  ? 
13 O   ? K HOH . ? A HOH 207 ? 1_555 CO ? E CO . ? A CO 101 ? 1_555 O   ? N HOH . ? D HOH 207 ? 1_555 176.7 ? 
14 OE2 ? D GLU 4 ? D GLU 4   ? 1_555 CO ? E CO . ? A CO 101 ? 1_555 O   ? N HOH . ? D HOH 207 ? 1_555 53.7  ? 
15 NE2 ? D HIS 7 ? D HIS 7   ? 1_555 CO ? E CO . ? A CO 101 ? 1_555 O   ? N HOH . ? D HOH 207 ? 1_555 87.3  ? 
16 NE2 ? B HIS 7 ? B HIS 7   ? 1_555 CO ? H CO . ? C CO 101 ? 1_655 O   ? L HOH . ? B HOH 102 ? 1_555 41.5  ? 
17 NE2 ? B HIS 7 ? B HIS 7   ? 1_555 CO ? H CO . ? C CO 101 ? 1_655 OE2 ? C GLU 4 ? C GLU 4   ? 1_555 63.4  ? 
18 O   ? L HOH . ? B HOH 102 ? 1_555 CO ? H CO . ? C CO 101 ? 1_655 OE2 ? C GLU 4 ? C GLU 4   ? 1_555 22.9  ? 
19 NE2 ? B HIS 7 ? B HIS 7   ? 1_555 CO ? H CO . ? C CO 101 ? 1_655 NE2 ? C HIS 7 ? C HIS 7   ? 1_555 93.2  ? 
20 O   ? L HOH . ? B HOH 102 ? 1_555 CO ? H CO . ? C CO 101 ? 1_655 NE2 ? C HIS 7 ? C HIS 7   ? 1_555 58.7  ? 
21 OE2 ? C GLU 4 ? C GLU 4   ? 1_555 CO ? H CO . ? C CO 101 ? 1_655 NE2 ? C HIS 7 ? C HIS 7   ? 1_555 49.4  ? 
22 NE2 ? B HIS 7 ? B HIS 7   ? 1_555 CO ? H CO . ? C CO 101 ? 1_655 O   ? M HOH . ? C HOH 202 ? 1_555 59.4  ? 
23 O   ? L HOH . ? B HOH 102 ? 1_555 CO ? H CO . ? C CO 101 ? 1_655 O   ? M HOH . ? C HOH 202 ? 1_555 22.0  ? 
24 OE2 ? C GLU 4 ? C GLU 4   ? 1_555 CO ? H CO . ? C CO 101 ? 1_655 O   ? M HOH . ? C HOH 202 ? 1_555 8.2   ? 
25 NE2 ? C HIS 7 ? C HIS 7   ? 1_555 CO ? H CO . ? C CO 101 ? 1_655 O   ? M HOH . ? C HOH 202 ? 1_555 57.6  ? 
26 NE2 ? B HIS 7 ? B HIS 7   ? 1_555 CO ? H CO . ? C CO 101 ? 1_655 O   ? M HOH . ? C HOH 206 ? 1_555 49.2  ? 
27 O   ? L HOH . ? B HOH 102 ? 1_555 CO ? H CO . ? C CO 101 ? 1_655 O   ? M HOH . ? C HOH 206 ? 1_555 16.5  ? 
28 OE2 ? C GLU 4 ? C GLU 4   ? 1_555 CO ? H CO . ? C CO 101 ? 1_655 O   ? M HOH . ? C HOH 206 ? 1_555 17.3  ? 
29 NE2 ? C HIS 7 ? C HIS 7   ? 1_555 CO ? H CO . ? C CO 101 ? 1_655 O   ? M HOH . ? C HOH 206 ? 1_555 65.0  ? 
30 O   ? M HOH . ? C HOH 202 ? 1_555 CO ? H CO . ? C CO 101 ? 1_655 O   ? M HOH . ? C HOH 206 ? 1_555 10.6  ? 
31 NE2 ? B HIS 7 ? B HIS 7   ? 1_555 CO ? H CO . ? C CO 101 ? 1_655 O   ? M HOH . ? C HOH 211 ? 1_555 49.0  ? 
32 O   ? L HOH . ? B HOH 102 ? 1_555 CO ? H CO . ? C CO 101 ? 1_655 O   ? M HOH . ? C HOH 211 ? 1_555 8.7   ? 
33 OE2 ? C GLU 4 ? C GLU 4   ? 1_555 CO ? H CO . ? C CO 101 ? 1_655 O   ? M HOH . ? C HOH 211 ? 1_555 18.9  ? 
34 NE2 ? C HIS 7 ? C HIS 7   ? 1_555 CO ? H CO . ? C CO 101 ? 1_655 O   ? M HOH . ? C HOH 211 ? 1_555 50.1  ? 
35 O   ? M HOH . ? C HOH 202 ? 1_555 CO ? H CO . ? C CO 101 ? 1_655 O   ? M HOH . ? C HOH 211 ? 1_555 21.3  ? 
36 O   ? M HOH . ? C HOH 206 ? 1_555 CO ? H CO . ? C CO 101 ? 1_655 O   ? M HOH . ? C HOH 211 ? 1_555 20.2  ? 
# 
loop_
_pdbx_modification_feature.ordinal 
_pdbx_modification_feature.label_comp_id 
_pdbx_modification_feature.label_asym_id 
_pdbx_modification_feature.label_seq_id 
_pdbx_modification_feature.label_alt_id 
_pdbx_modification_feature.modified_residue_label_comp_id 
_pdbx_modification_feature.modified_residue_label_asym_id 
_pdbx_modification_feature.modified_residue_label_seq_id 
_pdbx_modification_feature.modified_residue_label_alt_id 
_pdbx_modification_feature.auth_comp_id 
_pdbx_modification_feature.auth_asym_id 
_pdbx_modification_feature.auth_seq_id 
_pdbx_modification_feature.PDB_ins_code 
_pdbx_modification_feature.symmetry 
_pdbx_modification_feature.modified_residue_auth_comp_id 
_pdbx_modification_feature.modified_residue_auth_asym_id 
_pdbx_modification_feature.modified_residue_auth_seq_id 
_pdbx_modification_feature.modified_residue_PDB_ins_code 
_pdbx_modification_feature.modified_residue_symmetry 
_pdbx_modification_feature.comp_id_linking_atom 
_pdbx_modification_feature.modified_residue_id_linking_atom 
_pdbx_modification_feature.modified_residue_id 
_pdbx_modification_feature.ref_pcm_id 
_pdbx_modification_feature.ref_comp_id 
_pdbx_modification_feature.type 
_pdbx_modification_feature.category 
1  AIB A 3  ? .   . .  . AIB A 3  ? 1_555 .   . .  . .     . . ALA 1  AIB Methylation 'Named protein modification' 
2  AIB A 5  ? .   . .  . AIB A 5  ? 1_555 .   . .  . .     . . ALA 1  AIB Methylation 'Named protein modification' 
3  AIB A 9  ? .   . .  . AIB A 9  ? 1_555 .   . .  . .     . . ALA 1  AIB Methylation 'Named protein modification' 
4  AIB B 3  ? .   . .  . AIB B 3  ? 1_555 .   . .  . .     . . ALA 1  AIB Methylation 'Named protein modification' 
5  AIB B 5  ? .   . .  . AIB B 5  ? 1_555 .   . .  . .     . . ALA 1  AIB Methylation 'Named protein modification' 
6  AIB B 9  ? .   . .  . AIB B 9  ? 1_555 .   . .  . .     . . ALA 1  AIB Methylation 'Named protein modification' 
7  AIB C 3  ? .   . .  . AIB C 3  ? 1_555 .   . .  . .     . . ALA 1  AIB Methylation 'Named protein modification' 
8  AIB C 5  ? .   . .  . AIB C 5  ? 1_555 .   . .  . .     . . ALA 1  AIB Methylation 'Named protein modification' 
9  AIB C 9  ? .   . .  . AIB C 9  ? 1_555 .   . .  . .     . . ALA 1  AIB Methylation 'Named protein modification' 
10 AIB D 3  ? .   . .  . AIB D 3  ? 1_555 .   . .  . .     . . ALA 1  AIB Methylation 'Named protein modification' 
11 AIB D 5  ? .   . .  . AIB D 5  ? 1_555 .   . .  . .     . . ALA 1  AIB Methylation 'Named protein modification' 
12 AIB D 9  ? .   . .  . AIB D 9  ? 1_555 .   . .  . .     . . ALA 1  AIB Methylation 'Named protein modification' 
13 ACE A 1  ? LEU A 2  ? ACE A 1  ? 1_555 LEU A 2  ? 1_555 . . LEU 14 ACE None        'Terminal acetylation'       
14 ACE B 1  ? LEU B 2  ? ACE B 1  ? 1_555 LEU B 2  ? 1_555 . . LEU 14 ACE None        'Terminal acetylation'       
15 ACE C 1  ? LEU C 2  ? ACE C 1  ? 1_555 LEU C 2  ? 1_555 . . LEU 14 ACE None        'Terminal acetylation'       
16 ACE D 1  ? LEU D 2  ? ACE D 1  ? 1_555 LEU D 2  ? 1_555 . . LEU 14 ACE None        'Terminal acetylation'       
17 NH2 A 11 ? LEU A 10 ? NH2 A 11 ? 1_555 LEU A 10 ? 1_555 . . LEU 14 NH2 None        'Terminal amidation'         
18 NH2 B 11 ? LEU B 10 ? NH2 B 11 ? 1_555 LEU B 10 ? 1_555 . . LEU 14 NH2 None        'Terminal amidation'         
19 NH2 C 11 ? LEU C 10 ? NH2 C 11 ? 1_555 LEU C 10 ? 1_555 . . LEU 14 NH2 None        'Terminal amidation'         
20 NH2 D 11 ? LEU D 10 ? NH2 D 11 ? 1_555 LEU D 10 ? 1_555 . . LEU 14 NH2 None        'Terminal amidation'         
# 
_pdbx_entry_details.entry_id                   9EJU 
_pdbx_entry_details.nonpolymer_details         ? 
_pdbx_entry_details.sequence_details           ? 
_pdbx_entry_details.compound_details           ? 
_pdbx_entry_details.source_details             ? 
_pdbx_entry_details.has_ligand_of_interest     N 
_pdbx_entry_details.has_protein_modification   Y 
# 
loop_
_pdbx_validate_close_contact.id 
_pdbx_validate_close_contact.PDB_model_num 
_pdbx_validate_close_contact.auth_atom_id_1 
_pdbx_validate_close_contact.auth_asym_id_1 
_pdbx_validate_close_contact.auth_comp_id_1 
_pdbx_validate_close_contact.auth_seq_id_1 
_pdbx_validate_close_contact.PDB_ins_code_1 
_pdbx_validate_close_contact.label_alt_id_1 
_pdbx_validate_close_contact.auth_atom_id_2 
_pdbx_validate_close_contact.auth_asym_id_2 
_pdbx_validate_close_contact.auth_comp_id_2 
_pdbx_validate_close_contact.auth_seq_id_2 
_pdbx_validate_close_contact.PDB_ins_code_2 
_pdbx_validate_close_contact.label_alt_id_2 
_pdbx_validate_close_contact.dist 
1 1 O B HOH 102 ? ? O C HOH 211 ? ? 1.85 
2 1 O B HOH 104 ? ? O C HOH 211 ? ? 1.87 
3 1 O D HOH 213 ? ? O D HOH 217 ? ? 2.09 
# 
_pdbx_validate_symm_contact.id                1 
_pdbx_validate_symm_contact.PDB_model_num     1 
_pdbx_validate_symm_contact.auth_atom_id_1    O 
_pdbx_validate_symm_contact.auth_asym_id_1    B 
_pdbx_validate_symm_contact.auth_comp_id_1    HOH 
_pdbx_validate_symm_contact.auth_seq_id_1     108 
_pdbx_validate_symm_contact.PDB_ins_code_1    ? 
_pdbx_validate_symm_contact.label_alt_id_1    ? 
_pdbx_validate_symm_contact.site_symmetry_1   1_555 
_pdbx_validate_symm_contact.auth_atom_id_2    O 
_pdbx_validate_symm_contact.auth_asym_id_2    C 
_pdbx_validate_symm_contact.auth_comp_id_2    HOH 
_pdbx_validate_symm_contact.auth_seq_id_2     221 
_pdbx_validate_symm_contact.PDB_ins_code_2    ? 
_pdbx_validate_symm_contact.label_alt_id_2    ? 
_pdbx_validate_symm_contact.site_symmetry_2   1_545 
_pdbx_validate_symm_contact.dist              2.04 
# 
loop_
_pdbx_validate_rmsd_angle.id 
_pdbx_validate_rmsd_angle.PDB_model_num 
_pdbx_validate_rmsd_angle.auth_atom_id_1 
_pdbx_validate_rmsd_angle.auth_asym_id_1 
_pdbx_validate_rmsd_angle.auth_comp_id_1 
_pdbx_validate_rmsd_angle.auth_seq_id_1 
_pdbx_validate_rmsd_angle.PDB_ins_code_1 
_pdbx_validate_rmsd_angle.label_alt_id_1 
_pdbx_validate_rmsd_angle.auth_atom_id_2 
_pdbx_validate_rmsd_angle.auth_asym_id_2 
_pdbx_validate_rmsd_angle.auth_comp_id_2 
_pdbx_validate_rmsd_angle.auth_seq_id_2 
_pdbx_validate_rmsd_angle.PDB_ins_code_2 
_pdbx_validate_rmsd_angle.label_alt_id_2 
_pdbx_validate_rmsd_angle.auth_atom_id_3 
_pdbx_validate_rmsd_angle.auth_asym_id_3 
_pdbx_validate_rmsd_angle.auth_comp_id_3 
_pdbx_validate_rmsd_angle.auth_seq_id_3 
_pdbx_validate_rmsd_angle.PDB_ins_code_3 
_pdbx_validate_rmsd_angle.label_alt_id_3 
_pdbx_validate_rmsd_angle.angle_value 
_pdbx_validate_rmsd_angle.angle_target_value 
_pdbx_validate_rmsd_angle.angle_deviation 
_pdbx_validate_rmsd_angle.angle_standard_deviation 
_pdbx_validate_rmsd_angle.linker_flag 
1 1 O A LEU 10 ? ? C A LEU 10 ? ? N A NH2 11 ? ? 110.25 122.70 -12.45 1.60 Y 
2 1 O B ACE 1  ? ? C B ACE 1  ? ? N B LEU 2  ? ? 112.01 122.70 -10.69 1.60 Y 
# 
_space_group_symop.id              1 
_space_group_symop.operation_xyz   x,y,z 
# 
loop_
_pdbx_distant_solvent_atoms.id 
_pdbx_distant_solvent_atoms.PDB_model_num 
_pdbx_distant_solvent_atoms.auth_atom_id 
_pdbx_distant_solvent_atoms.label_alt_id 
_pdbx_distant_solvent_atoms.auth_asym_id 
_pdbx_distant_solvent_atoms.auth_comp_id 
_pdbx_distant_solvent_atoms.auth_seq_id 
_pdbx_distant_solvent_atoms.PDB_ins_code 
_pdbx_distant_solvent_atoms.neighbor_macromolecule_distance 
_pdbx_distant_solvent_atoms.neighbor_ligand_distance 
1 1 O ? C HOH 221 ? 6.12 . 
2 1 O ? C HOH 222 ? 6.67 . 
# 
loop_
_chem_comp_atom.comp_id 
_chem_comp_atom.atom_id 
_chem_comp_atom.type_symbol 
_chem_comp_atom.pdbx_aromatic_flag 
_chem_comp_atom.pdbx_stereo_config 
_chem_comp_atom.pdbx_ordinal 
ACE C    C  N N 1   
ACE O    O  N N 2   
ACE CH3  C  N N 3   
ACE H    H  N N 4   
ACE H1   H  N N 5   
ACE H2   H  N N 6   
ACE H3   H  N N 7   
AIB N    N  N N 8   
AIB CA   C  N N 9   
AIB C    C  N N 10  
AIB O    O  N N 11  
AIB OXT  O  N N 12  
AIB CB1  C  N N 13  
AIB CB2  C  N N 14  
AIB H    H  N N 15  
AIB H2   H  N N 16  
AIB HXT  H  N N 17  
AIB HB11 H  N N 18  
AIB HB12 H  N N 19  
AIB HB13 H  N N 20  
AIB HB21 H  N N 21  
AIB HB22 H  N N 22  
AIB HB23 H  N N 23  
ASN N    N  N N 24  
ASN CA   C  N S 25  
ASN C    C  N N 26  
ASN O    O  N N 27  
ASN CB   C  N N 28  
ASN CG   C  N N 29  
ASN OD1  O  N N 30  
ASN ND2  N  N N 31  
ASN OXT  O  N N 32  
ASN H    H  N N 33  
ASN H2   H  N N 34  
ASN HA   H  N N 35  
ASN HB2  H  N N 36  
ASN HB3  H  N N 37  
ASN HD21 H  N N 38  
ASN HD22 H  N N 39  
ASN HXT  H  N N 40  
CCN N    N  N N 41  
CCN C1   C  N N 42  
CCN C2   C  N N 43  
CCN H21  H  N N 44  
CCN H22  H  N N 45  
CCN H23  H  N N 46  
CO  CO   CO N N 47  
GLU N    N  N N 48  
GLU CA   C  N S 49  
GLU C    C  N N 50  
GLU O    O  N N 51  
GLU CB   C  N N 52  
GLU CG   C  N N 53  
GLU CD   C  N N 54  
GLU OE1  O  N N 55  
GLU OE2  O  N N 56  
GLU OXT  O  N N 57  
GLU H    H  N N 58  
GLU H2   H  N N 59  
GLU HA   H  N N 60  
GLU HB2  H  N N 61  
GLU HB3  H  N N 62  
GLU HG2  H  N N 63  
GLU HG3  H  N N 64  
GLU HE2  H  N N 65  
GLU HXT  H  N N 66  
HIS N    N  N N 67  
HIS CA   C  N S 68  
HIS C    C  N N 69  
HIS O    O  N N 70  
HIS CB   C  N N 71  
HIS CG   C  Y N 72  
HIS ND1  N  Y N 73  
HIS CD2  C  Y N 74  
HIS CE1  C  Y N 75  
HIS NE2  N  Y N 76  
HIS OXT  O  N N 77  
HIS H    H  N N 78  
HIS H2   H  N N 79  
HIS HA   H  N N 80  
HIS HB2  H  N N 81  
HIS HB3  H  N N 82  
HIS HD1  H  N N 83  
HIS HD2  H  N N 84  
HIS HE1  H  N N 85  
HIS HE2  H  N N 86  
HIS HXT  H  N N 87  
HOH O    O  N N 88  
HOH H1   H  N N 89  
HOH H2   H  N N 90  
LEU N    N  N N 91  
LEU CA   C  N S 92  
LEU C    C  N N 93  
LEU O    O  N N 94  
LEU CB   C  N N 95  
LEU CG   C  N N 96  
LEU CD1  C  N N 97  
LEU CD2  C  N N 98  
LEU OXT  O  N N 99  
LEU H    H  N N 100 
LEU H2   H  N N 101 
LEU HA   H  N N 102 
LEU HB2  H  N N 103 
LEU HB3  H  N N 104 
LEU HG   H  N N 105 
LEU HD11 H  N N 106 
LEU HD12 H  N N 107 
LEU HD13 H  N N 108 
LEU HD21 H  N N 109 
LEU HD22 H  N N 110 
LEU HD23 H  N N 111 
LEU HXT  H  N N 112 
NH2 N    N  N N 113 
NH2 HN1  H  N N 114 
NH2 HN2  H  N N 115 
# 
loop_
_chem_comp_bond.comp_id 
_chem_comp_bond.atom_id_1 
_chem_comp_bond.atom_id_2 
_chem_comp_bond.value_order 
_chem_comp_bond.pdbx_aromatic_flag 
_chem_comp_bond.pdbx_stereo_config 
_chem_comp_bond.pdbx_ordinal 
ACE C   O    doub N N 1   
ACE C   CH3  sing N N 2   
ACE C   H    sing N N 3   
ACE CH3 H1   sing N N 4   
ACE CH3 H2   sing N N 5   
ACE CH3 H3   sing N N 6   
AIB N   CA   sing N N 7   
AIB N   H    sing N N 8   
AIB N   H2   sing N N 9   
AIB CA  C    sing N N 10  
AIB CA  CB1  sing N N 11  
AIB CA  CB2  sing N N 12  
AIB C   O    doub N N 13  
AIB C   OXT  sing N N 14  
AIB OXT HXT  sing N N 15  
AIB CB1 HB11 sing N N 16  
AIB CB1 HB12 sing N N 17  
AIB CB1 HB13 sing N N 18  
AIB CB2 HB21 sing N N 19  
AIB CB2 HB22 sing N N 20  
AIB CB2 HB23 sing N N 21  
ASN N   CA   sing N N 22  
ASN N   H    sing N N 23  
ASN N   H2   sing N N 24  
ASN CA  C    sing N N 25  
ASN CA  CB   sing N N 26  
ASN CA  HA   sing N N 27  
ASN C   O    doub N N 28  
ASN C   OXT  sing N N 29  
ASN CB  CG   sing N N 30  
ASN CB  HB2  sing N N 31  
ASN CB  HB3  sing N N 32  
ASN CG  OD1  doub N N 33  
ASN CG  ND2  sing N N 34  
ASN ND2 HD21 sing N N 35  
ASN ND2 HD22 sing N N 36  
ASN OXT HXT  sing N N 37  
CCN N   C1   trip N N 38  
CCN C1  C2   sing N N 39  
CCN C2  H21  sing N N 40  
CCN C2  H22  sing N N 41  
CCN C2  H23  sing N N 42  
GLU N   CA   sing N N 43  
GLU N   H    sing N N 44  
GLU N   H2   sing N N 45  
GLU CA  C    sing N N 46  
GLU CA  CB   sing N N 47  
GLU CA  HA   sing N N 48  
GLU C   O    doub N N 49  
GLU C   OXT  sing N N 50  
GLU CB  CG   sing N N 51  
GLU CB  HB2  sing N N 52  
GLU CB  HB3  sing N N 53  
GLU CG  CD   sing N N 54  
GLU CG  HG2  sing N N 55  
GLU CG  HG3  sing N N 56  
GLU CD  OE1  doub N N 57  
GLU CD  OE2  sing N N 58  
GLU OE2 HE2  sing N N 59  
GLU OXT HXT  sing N N 60  
HIS N   CA   sing N N 61  
HIS N   H    sing N N 62  
HIS N   H2   sing N N 63  
HIS CA  C    sing N N 64  
HIS CA  CB   sing N N 65  
HIS CA  HA   sing N N 66  
HIS C   O    doub N N 67  
HIS C   OXT  sing N N 68  
HIS CB  CG   sing N N 69  
HIS CB  HB2  sing N N 70  
HIS CB  HB3  sing N N 71  
HIS CG  ND1  sing Y N 72  
HIS CG  CD2  doub Y N 73  
HIS ND1 CE1  doub Y N 74  
HIS ND1 HD1  sing N N 75  
HIS CD2 NE2  sing Y N 76  
HIS CD2 HD2  sing N N 77  
HIS CE1 NE2  sing Y N 78  
HIS CE1 HE1  sing N N 79  
HIS NE2 HE2  sing N N 80  
HIS OXT HXT  sing N N 81  
HOH O   H1   sing N N 82  
HOH O   H2   sing N N 83  
LEU N   CA   sing N N 84  
LEU N   H    sing N N 85  
LEU N   H2   sing N N 86  
LEU CA  C    sing N N 87  
LEU CA  CB   sing N N 88  
LEU CA  HA   sing N N 89  
LEU C   O    doub N N 90  
LEU C   OXT  sing N N 91  
LEU CB  CG   sing N N 92  
LEU CB  HB2  sing N N 93  
LEU CB  HB3  sing N N 94  
LEU CG  CD1  sing N N 95  
LEU CG  CD2  sing N N 96  
LEU CG  HG   sing N N 97  
LEU CD1 HD11 sing N N 98  
LEU CD1 HD12 sing N N 99  
LEU CD1 HD13 sing N N 100 
LEU CD2 HD21 sing N N 101 
LEU CD2 HD22 sing N N 102 
LEU CD2 HD23 sing N N 103 
LEU OXT HXT  sing N N 104 
NH2 N   HN1  sing N N 105 
NH2 N   HN2  sing N N 106 
# 
loop_
_pdbx_audit_support.funding_organization 
_pdbx_audit_support.country 
_pdbx_audit_support.grant_number 
_pdbx_audit_support.ordinal 
'National Institutes of Health/National Institute of General Medical Sciences (NIH/NIGMS)' 'United States' 1R35GM15479301    1 
'Department of Energy (DOE, United States)'                                                'United States' DE-AC02-06CH11357 2 
# 
_pdbx_initial_refinement_model.id               1 
_pdbx_initial_refinement_model.entity_id_list   ? 
_pdbx_initial_refinement_model.type             'experimental model' 
_pdbx_initial_refinement_model.source_name      PDB 
_pdbx_initial_refinement_model.accession_code   7TLS 
_pdbx_initial_refinement_model.details          ? 
# 
_space_group.name_H-M_alt     'P 1' 
_space_group.name_Hall        'P 1' 
_space_group.IT_number        1 
_space_group.crystal_system   triclinic 
_space_group.id               1 
# 
_atom_sites.entry_id                    9EJU 
_atom_sites.Cartn_transf_matrix[1][1]   ? 
_atom_sites.Cartn_transf_matrix[1][2]   ? 
_atom_sites.Cartn_transf_matrix[1][3]   ? 
_atom_sites.Cartn_transf_matrix[2][1]   ? 
_atom_sites.Cartn_transf_matrix[2][2]   ? 
_atom_sites.Cartn_transf_matrix[2][3]   ? 
_atom_sites.Cartn_transf_matrix[3][1]   ? 
_atom_sites.Cartn_transf_matrix[3][2]   ? 
_atom_sites.Cartn_transf_matrix[3][3]   ? 
_atom_sites.Cartn_transf_vector[1]      ? 
_atom_sites.Cartn_transf_vector[2]      ? 
_atom_sites.Cartn_transf_vector[3]      ? 
_atom_sites.Cartn_transform_axes        ? 
_atom_sites.fract_transf_matrix[1][1]   -0.05578870 
_atom_sites.fract_transf_matrix[1][2]   0.03725113 
_atom_sites.fract_transf_matrix[1][3]   0.08019278 
_atom_sites.fract_transf_matrix[2][1]   0.03060547 
_atom_sites.fract_transf_matrix[2][2]   -0.05290550 
_atom_sites.fract_transf_matrix[2][3]   0.02069554 
_atom_sites.fract_transf_matrix[3][1]   0.01594530 
_atom_sites.fract_transf_matrix[3][2]   0.01145259 
_atom_sites.fract_transf_matrix[3][3]   0.00569745 
_atom_sites.fract_transf_vector[1]      0.463746 
_atom_sites.fract_transf_vector[2]      -0.516176 
_atom_sites.fract_transf_vector[3]      -0.100535 
_atom_sites.solution_primary            ? 
_atom_sites.solution_secondary          ? 
_atom_sites.solution_hydrogens          ? 
_atom_sites.special_details             ? 
# 
loop_
_atom_type.symbol 
_atom_type.scat_dispersion_real 
_atom_type.scat_dispersion_imag 
_atom_type.scat_Cromer_Mann_a1 
_atom_type.scat_Cromer_Mann_a2 
_atom_type.scat_Cromer_Mann_a3 
_atom_type.scat_Cromer_Mann_a4 
_atom_type.scat_Cromer_Mann_b1 
_atom_type.scat_Cromer_Mann_b2 
_atom_type.scat_Cromer_Mann_b3 
_atom_type.scat_Cromer_Mann_b4 
_atom_type.scat_Cromer_Mann_c 
_atom_type.scat_source 
_atom_type.scat_dispersion_source 
C  ? ? 3.54356  2.42580 ? ? 25.62398 1.50364  ? ? 0.0 
;2-Gaussian fit: Grosse-Kunstleve RW, Sauter NK, Adams PD: Newsletter of the IUCr Commission on Crystallographic Computing 2004, 3, 22-31.
;
? 
CO ? ? 21.85313 5.04979 ? ? 2.45200  36.11361 ? ? 0.0 
;2-Gaussian fit: Grosse-Kunstleve RW, Sauter NK, Adams PD: Newsletter of the IUCr Commission on Crystallographic Computing 2004, 3, 22-31.
;
? 
H  ? ? 0.51345  0.48472 ? ? 24.73122 6.32584  ? ? 0.0 
;2-Gaussian fit: Grosse-Kunstleve RW, Sauter NK, Adams PD: Newsletter of the IUCr Commission on Crystallographic Computing 2004, 3, 22-31.
;
? 
N  ? ? 4.01032  2.96436 ? ? 19.97189 1.75589  ? ? 0.0 
;2-Gaussian fit: Grosse-Kunstleve RW, Sauter NK, Adams PD: Newsletter of the IUCr Commission on Crystallographic Computing 2004, 3, 22-31.
;
? 
O  ? ? 4.49882  3.47563 ? ? 15.80542 1.70748  ? ? 0.0 
;2-Gaussian fit: Grosse-Kunstleve RW, Sauter NK, Adams PD: Newsletter of the IUCr Commission on Crystallographic Computing 2004, 3, 22-31.
;
? 
# 
loop_
_atom_site.group_PDB 
_atom_site.id 
_atom_site.type_symbol 
_atom_site.label_atom_id 
_atom_site.label_alt_id 
_atom_site.label_comp_id 
_atom_site.label_asym_id 
_atom_site.label_entity_id 
_atom_site.label_seq_id 
_atom_site.pdbx_PDB_ins_code 
_atom_site.Cartn_x 
_atom_site.Cartn_y 
_atom_site.Cartn_z 
_atom_site.occupancy 
_atom_site.B_iso_or_equiv 
_atom_site.pdbx_formal_charge 
_atom_site.auth_seq_id 
_atom_site.auth_comp_id 
_atom_site.auth_asym_id 
_atom_site.auth_atom_id 
_atom_site.pdbx_PDB_model_num 
HETATM 1   C  C    . ACE A 1 1  ? -1.94632  -7.97401  4.49444   1.000 9.31691  ? 1   ACE A C    1 
HETATM 2   O  O    . ACE A 1 1  ? -2.55598  -6.94240  4.02654   1.000 9.79591  ? 1   ACE A O    1 
HETATM 3   C  CH3  . ACE A 1 1  ? -2.46333  -8.39689  5.85856   1.000 18.70000 ? 1   ACE A CH3  1 
HETATM 4   H  H1   . ACE A 1 1  ? -2.02375  -9.21140  6.15077   1.000 22.44000 ? 1   ACE A H1   1 
HETATM 5   H  H2   . ACE A 1 1  ? -3.41775  -8.55963  5.82499   1.000 22.44000 ? 1   ACE A H2   1 
HETATM 6   H  H3   . ACE A 1 1  ? -2.29208  -7.70402  6.51601   1.000 22.44000 ? 1   ACE A H3   1 
ATOM   7   N  N    . LEU A 1 2  ? -0.51993  -7.88783  4.44813   1.000 11.71983 ? 2   LEU A N    1 
ATOM   8   C  CA   . LEU A 1 2  ? 0.19852   -6.87532  3.66359   1.000 10.24597 ? 2   LEU A CA   1 
ATOM   9   C  C    . LEU A 1 2  ? -0.19702  -6.86284  2.19446   1.000 8.03781  ? 2   LEU A C    1 
ATOM   10  O  O    . LEU A 1 2  ? -0.49256  -5.80125  1.64114   1.000 7.46142  ? 2   LEU A O    1 
ATOM   11  C  CB   . LEU A 1 2  ? 1.72180   -7.03903  3.80179   1.000 11.11712 ? 2   LEU A CB   1 
ATOM   12  C  CG   . LEU A 1 2  ? 2.65420   -6.22423  2.88764   1.000 10.78024 ? 2   LEU A CG   1 
ATOM   13  C  CD1  . LEU A 1 2  ? 2.46495   -4.70355  2.97971   1.000 10.28281 ? 2   LEU A CD1  1 
ATOM   14  C  CD2  . LEU A 1 2  ? 4.09632   -6.60653  3.20442   1.000 8.09571  ? 2   LEU A CD2  1 
ATOM   15  H  H    . LEU A 1 2  ? -0.01232  -8.43736  4.87125   1.000 14.07000 ? 2   LEU A H    1 
ATOM   16  H  HA   . LEU A 1 2  ? -0.04770  -6.00912  4.02516   1.000 12.30000 ? 2   LEU A HA   1 
ATOM   17  H  HB2  . LEU A 1 2  ? 1.95606   -6.80092  4.71263   1.000 13.34000 ? 2   LEU A HB2  1 
ATOM   18  H  HB3  . LEU A 1 2  ? 1.92738   -7.97276  3.63949   1.000 13.34000 ? 2   LEU A HB3  1 
ATOM   19  H  HG   . LEU A 1 2  ? 2.43189   -6.44278  1.96859   1.000 12.94000 ? 2   LEU A HG   1 
ATOM   20  H  HD11 . LEU A 1 2  ? 3.11844   -4.26858  2.41127   1.000 12.34000 ? 2   LEU A HD11 1 
ATOM   21  H  HD12 . LEU A 1 2  ? 1.56793   -4.47902  2.68515   1.000 12.34000 ? 2   LEU A HD12 1 
ATOM   22  H  HD13 . LEU A 1 2  ? 2.58944   -4.42486  3.90094   1.000 12.34000 ? 2   LEU A HD13 1 
ATOM   23  H  HD21 . LEU A 1 2  ? 4.69385   -6.02583  2.70775   1.000 9.71000  ? 2   LEU A HD21 1 
ATOM   24  H  HD22 . LEU A 1 2  ? 4.24891   -6.50195  4.15659   1.000 9.71000  ? 2   LEU A HD22 1 
ATOM   25  H  HD23 . LEU A 1 2  ? 4.24317   -7.53018  2.94583   1.000 9.71000  ? 2   LEU A HD23 1 
HETATM 26  N  N    . AIB A 1 3  ? -0.16598  -8.01561  1.54012   1.000 8.48260  ? 3   AIB A N    1 
HETATM 27  C  CA   . AIB A 1 3  ? -0.50326  -8.06624  0.13530   1.000 8.05886  ? 3   AIB A CA   1 
HETATM 28  C  C    . AIB A 1 3  ? -1.84468  -7.39363  -0.21809  1.000 8.76684  ? 3   AIB A C    1 
HETATM 29  O  O    . AIB A 1 3  ? -2.01119  -6.62878  -1.17828  1.000 9.51430  ? 3   AIB A O    1 
HETATM 30  C  CB1  . AIB A 1 3  ? 0.61487   -7.38811  -0.67950  1.000 9.46429  ? 3   AIB A CB1  1 
HETATM 31  C  CB2  . AIB A 1 3  ? -0.64372  -9.50888  -0.36416  1.000 8.05360  ? 3   AIB A CB2  1 
HETATM 32  H  H    . AIB A 1 3  ? 0.37601   -8.81215  1.81100   1.000 10.18000 ? 3   AIB A H    1 
HETATM 33  H  HB11 . AIB A 1 3  ? 1.57085   -7.94868  -0.54544  1.000 11.35000 ? 3   AIB A HB11 1 
HETATM 34  H  HB12 . AIB A 1 3  ? 0.75234   -6.33843  -0.32901  1.000 11.35000 ? 3   AIB A HB12 1 
HETATM 35  H  HB13 . AIB A 1 3  ? 0.34079   -7.38206  -1.76163  1.000 11.35000 ? 3   AIB A HB13 1 
HETATM 36  H  HB21 . AIB A 1 3  ? -0.94656  -9.49480  -1.43932  1.000 9.66000  ? 3   AIB A HB21 1 
HETATM 37  H  HB22 . AIB A 1 3  ? -1.42119  -10.03185 0.24378   1.000 9.66000  ? 3   AIB A HB22 1 
HETATM 38  H  HB23 . AIB A 1 3  ? 0.33898   -10.03045 -0.25407  1.000 9.66000  ? 3   AIB A HB23 1 
ATOM   39  N  N    . GLU A 1 4  ? -2.83744  -7.70428  0.60866   1.000 8.80895  ? 4   GLU A N    1 
ATOM   40  C  CA   . GLU A 1 4  ? -4.18608  -7.23019  0.36958   1.000 9.39060  ? 4   GLU A CA   1 
ATOM   41  C  C    . GLU A 1 4  ? -4.29578  -5.72494  0.70058   1.000 8.95897  ? 4   GLU A C    1 
ATOM   42  O  O    . GLU A 1 4  ? -4.89137  -4.95157  -0.05541  1.000 7.51932  ? 4   GLU A O    1 
ATOM   43  C  CB   . GLU A 1 4  ? -5.18996  -8.02843  1.18858   1.000 9.93277  ? 4   GLU A CB   1 
ATOM   44  C  CG   . GLU A 1 4  ? -6.59253  -7.51691  0.95344   1.000 12.80943 ? 4   GLU A CG   1 
ATOM   45  C  CD   . GLU A 1 4  ? -7.66426  -8.46010  1.39620   1.000 17.14679 ? 4   GLU A CD   1 
ATOM   46  O  OE1  . GLU A 1 4  ? -7.93318  -8.47901  2.60301   1.000 13.52267 ? 4   GLU A OE1  1 
ATOM   47  O  OE2  . GLU A 1 4  ? -8.26194  -9.15138  0.54404   1.000 18.43905 ? 4   GLU A OE2  1 
ATOM   48  H  H    . GLU A 1 4  ? -2.75116  -8.18957  1.31397   1.000 10.57000 ? 4   GLU A H    1 
ATOM   49  H  HA   . GLU A 1 4  ? -4.40837  -7.35289  -0.56637  1.000 11.27000 ? 4   GLU A HA   1 
ATOM   50  H  HB2  . GLU A 1 4  ? -5.15295  -8.96189  0.92703   1.000 11.92000 ? 4   GLU A HB2  1 
ATOM   51  H  HB3  . GLU A 1 4  ? -4.98180  -7.94003  2.13257   1.000 11.92000 ? 4   GLU A HB3  1 
ATOM   52  H  HG2  . GLU A 1 4  ? -6.70795  -6.68877  1.44522   1.000 15.37000 ? 4   GLU A HG2  1 
ATOM   53  H  HG3  . GLU A 1 4  ? -6.71147  -7.35931  0.00437   1.000 15.37000 ? 4   GLU A HG3  1 
HETATM 54  N  N    . AIB A 1 5  ? -3.73259  -5.30888  1.82934   1.000 7.91411  ? 5   AIB A N    1 
HETATM 55  C  CA   . AIB A 1 5  ? -3.68155  -3.89149  2.18131   1.000 8.31942  ? 5   AIB A CA   1 
HETATM 56  C  C    . AIB A 1 5  ? -3.18569  -3.01458  1.01140   1.000 8.40364  ? 5   AIB A C    1 
HETATM 57  O  O    . AIB A 1 5  ? -3.74210  -1.97535  0.63390   1.000 8.70631  ? 5   AIB A O    1 
HETATM 58  C  CB1  . AIB A 1 5  ? -5.08850  -3.38170  2.57187   1.000 7.98780  ? 5   AIB A CB1  1 
HETATM 59  C  CB2  . AIB A 1 5  ? -2.73152  -3.64125  3.36803   1.000 9.08793  ? 5   AIB A CB2  1 
HETATM 60  H  H    . AIB A 1 5  ? -3.62015  -5.87554  2.64653   1.000 9.50000  ? 5   AIB A H    1 
HETATM 61  H  HB11 . AIB A 1 5  ? -5.35931  -3.76548  3.58457   1.000 9.58000  ? 5   AIB A HB11 1 
HETATM 62  H  HB12 . AIB A 1 5  ? -5.83871  -3.74170  1.82869   1.000 9.58000  ? 5   AIB A HB12 1 
HETATM 63  H  HB13 . AIB A 1 5  ? -5.09357  -2.26568  2.58874   1.000 9.58000  ? 5   AIB A HB13 1 
HETATM 64  H  HB21 . AIB A 1 5  ? -2.70649  -2.54662  3.59126   1.000 10.91000 ? 5   AIB A HB21 1 
HETATM 65  H  HB22 . AIB A 1 5  ? -1.70847  -3.99783  3.09812   1.000 10.91000 ? 5   AIB A HB22 1 
HETATM 66  H  HB23 . AIB A 1 5  ? -3.10637  -4.20133  4.25848   1.000 10.91000 ? 5   AIB A HB23 1 
ATOM   67  N  N    . LEU A 1 6  ? -2.09867  -3.48926  0.39798   1.000 10.06173 ? 6   LEU A N    1 
ATOM   68  C  CA   . LEU A 1 6  ? -1.45795  -2.77819  -0.71482  1.000 8.11676  ? 6   LEU A CA   1 
ATOM   69  C  C    . LEU A 1 6  ? -2.31610  -2.80388  -1.99653  1.000 7.51143  ? 6   LEU A C    1 
ATOM   70  O  O    . LEU A 1 6  ? -2.43501  -1.79475  -2.70196  1.000 6.64027  ? 6   LEU A O    1 
ATOM   71  C  CB   . LEU A 1 6  ? -0.07270  -3.36956  -0.99186  1.000 9.10109  ? 6   LEU A CB   1 
ATOM   72  C  CG   . LEU A 1 6  ? 0.74766   -2.66907  -2.07309  1.000 10.49600 ? 6   LEU A CG   1 
ATOM   73  C  CD1  . LEU A 1 6  ? 1.11967   -1.24184  -1.65611  1.000 11.72246 ? 6   LEU A CD1  1 
ATOM   74  C  CD2  . LEU A 1 6  ? 1.97947   -3.49572  -2.34115  1.000 9.79065  ? 6   LEU A CD2  1 
ATOM   75  H  H    . LEU A 1 6  ? -1.70992  -4.22763  0.60765   1.000 12.07000 ? 6   LEU A H    1 
ATOM   76  H  HA   . LEU A 1 6  ? -1.35244  -1.84691  -0.46383  1.000 9.74000  ? 6   LEU A HA   1 
ATOM   77  H  HB2  . LEU A 1 6  ? 0.44291   -3.33201  -0.17104  1.000 10.92000 ? 6   LEU A HB2  1 
ATOM   78  H  HB3  . LEU A 1 6  ? -0.18697  -4.29173  -1.26896  1.000 10.92000 ? 6   LEU A HB3  1 
ATOM   79  H  HG   . LEU A 1 6  ? 0.22740   -2.58876  -2.88817  1.000 12.59000 ? 6   LEU A HG   1 
ATOM   80  H  HD11 . LEU A 1 6  ? 1.67275   -0.84557  -2.34652  1.000 14.06000 ? 6   LEU A HD11 1 
ATOM   81  H  HD12 . LEU A 1 6  ? 0.30672   -0.72362  -1.54561  1.000 14.06000 ? 6   LEU A HD12 1 
ATOM   82  H  HD13 . LEU A 1 6  ? 1.60718   -1.27509  -0.81885  1.000 14.06000 ? 6   LEU A HD13 1 
ATOM   83  H  HD21 . LEU A 1 6  ? 2.49760   -3.07178  -3.04320  1.000 11.75000 ? 6   LEU A HD21 1 
ATOM   84  H  HD22 . LEU A 1 6  ? 2.50548   -3.54911  -1.52810  1.000 11.75000 ? 6   LEU A HD22 1 
ATOM   85  H  HD23 . LEU A 1 6  ? 1.70955   -4.38418  -2.61993  1.000 11.75000 ? 6   LEU A HD23 1 
ATOM   86  N  N    . HIS A 1 7  ? -2.91460  -3.96166  -2.30331  1.000 10.30650 ? 7   HIS A N    1 
ATOM   87  C  CA   . HIS A 1 7  ? -3.86401  -4.05533  -3.41184  1.000 9.01424  ? 7   HIS A CA   1 
ATOM   88  C  C    . HIS A 1 7  ? -4.95416  -3.00310  -3.24738  1.000 9.46429  ? 7   HIS A C    1 
ATOM   89  O  O    . HIS A 1 7  ? -5.27690  -2.24689  -4.17636  1.000 10.42230 ? 7   HIS A O    1 
ATOM   90  C  CB   . HIS A 1 7  ? -4.46633  -5.46752  -3.41543  1.000 7.31403  ? 7   HIS A CB   1 
ATOM   91  C  CG   . HIS A 1 7  ? -5.73733  -5.62087  -4.20718  1.000 8.89054  ? 7   HIS A CG   1 
ATOM   92  N  ND1  . HIS A 1 7  ? -6.96478  -5.19571  -3.74342  1.000 7.35878  ? 7   HIS A ND1  1 
ATOM   93  C  CD2  . HIS A 1 7  ? -5.98410  -6.25615  -5.37900  1.000 11.48032 ? 7   HIS A CD2  1 
ATOM   94  C  CE1  . HIS A 1 7  ? -7.90032  -5.50150  -4.62584  1.000 8.67472  ? 7   HIS A CE1  1 
ATOM   95  N  NE2  . HIS A 1 7  ? -7.33576  -6.16325  -5.61837  1.000 12.46992 ? 7   HIS A NE2  1 
ATOM   96  H  H    . HIS A 1 7  ? -2.78739  -4.70318  -1.88639  1.000 12.37000 ? 7   HIS A H    1 
ATOM   97  H  HA   . HIS A 1 7  ? -3.41904  -3.90656  -4.26014  1.000 10.82000 ? 7   HIS A HA   1 
ATOM   98  H  HB2  . HIS A 1 7  ? -3.81446  -6.07776  -3.79425  1.000 8.78000  ? 7   HIS A HB2  1 
ATOM   99  H  HB3  . HIS A 1 7  ? -4.66418  -5.71898  -2.49976  1.000 8.78000  ? 7   HIS A HB3  1 
ATOM   100 H  HD1  . HIS A 1 7  ? -7.09965  -4.79241  -2.99626  1.000 8.83000  ? 7   HIS A HD1  1 
ATOM   101 H  HD2  . HIS A 1 7  ? -5.35592  -6.67770  -5.92013  1.000 13.77000 ? 7   HIS A HD2  1 
ATOM   102 H  HE1  . HIS A 1 7  ? -8.80208  -5.28593  -4.55903  1.000 10.41000 ? 7   HIS A HE1  1 
ATOM   103 N  N    . ASN A 1 8  ? -5.49432  -2.90479  -2.04448  1.000 9.35902  ? 8   ASN A N    1 
ATOM   104 C  CA   . ASN A 1 8  ? -6.59333  -1.99099  -1.80301  1.000 11.51980 ? 8   ASN A CA   1 
ATOM   105 C  C    . ASN A 1 8  ? -6.13531  -0.55136  -1.85260  1.000 7.80357  ? 8   ASN A C    1 
ATOM   106 O  O    . ASN A 1 8  ? -6.79978  0.30329   -2.43925  1.000 8.94844  ? 8   ASN A O    1 
ATOM   107 C  CB   . ASN A 1 8  ? -7.19745  -2.27197  -0.43371  1.000 10.35387 ? 8   ASN A CB   1 
ATOM   108 C  CG   . ASN A 1 8  ? -7.91596  -3.62003  -0.36659  1.000 9.37218  ? 8   ASN A CG   1 
ATOM   109 O  OD1  . ASN A 1 8  ? -7.90372  -4.42162  -1.30826  1.000 11.33820 ? 8   ASN A OD1  1 
ATOM   110 N  ND2  . ASN A 1 8  ? -8.53262  -3.87792  0.76538   1.000 8.88528  ? 8   ASN A ND2  1 
ATOM   111 H  H    . ASN A 1 8  ? -5.24348  -3.35386  -1.35586  1.000 11.23000 ? 8   ASN A H    1 
ATOM   112 H  HA   . ASN A 1 8  ? -7.26772  -2.11897  -2.48922  1.000 13.83000 ? 8   ASN A HA   1 
ATOM   113 H  HB2  . ASN A 1 8  ? -6.48887  -2.27619  0.22881   1.000 12.43000 ? 8   ASN A HB2  1 
ATOM   114 H  HB3  . ASN A 1 8  ? -7.84232  -1.57788  -0.22505  1.000 12.43000 ? 8   ASN A HB3  1 
ATOM   115 H  HD21 . ASN A 1 8  ? -8.51279  -3.30343  1.40644   1.000 10.66000 ? 8   ASN A HD21 1 
ATOM   116 H  HD22 . ASN A 1 8  ? -8.95506  -4.61960  0.86597   1.000 10.66000 ? 8   ASN A HD22 1 
HETATM 117 N  N    . AIB A 1 9  ? -5.02909  -0.26511  -1.17899  1.000 6.85345  ? 9   AIB A N    1 
HETATM 118 C  CA   . AIB A 1 9  ? -4.42896  1.04812   -1.22866  1.000 10.70918 ? 9   AIB A CA   1 
HETATM 119 C  C    . AIB A 1 9  ? -4.24604  1.55694   -2.67729  1.000 8.89580  ? 9   AIB A C    1 
HETATM 120 O  O    . AIB A 1 9  ? -4.51213  2.69323   -3.06136  1.000 7.23245  ? 9   AIB A O    1 
HETATM 121 C  CB1  . AIB A 1 9  ? -5.32888  2.05705   -0.48341  1.000 9.10635  ? 9   AIB A CB1  1 
HETATM 122 C  CB2  . AIB A 1 9  ? -3.05472  1.06637   -0.52962  1.000 9.76959  ? 9   AIB A CB2  1 
HETATM 123 H  H    . AIB A 1 9  ? -4.72377  -0.75567  -0.36208  1.000 8.22000  ? 9   AIB A H    1 
HETATM 124 H  HB11 . AIB A 1 9  ? -5.45482  1.73615   0.57868   1.000 10.93000 ? 9   AIB A HB11 1 
HETATM 125 H  HB12 . AIB A 1 9  ? -6.33049  2.10171   -0.97402  1.000 10.93000 ? 9   AIB A HB12 1 
HETATM 126 H  HB13 . AIB A 1 9  ? -4.86162  3.07006   -0.50857  1.000 10.93000 ? 9   AIB A HB13 1 
HETATM 127 H  HB21 . AIB A 1 9  ? -2.63553  2.10022   -0.57697  1.000 11.72000 ? 9   AIB A HB21 1 
HETATM 128 H  HB22 . AIB A 1 9  ? -2.37062  0.35405   -1.05182  1.000 11.72000 ? 9   AIB A HB22 1 
HETATM 129 H  HB23 . AIB A 1 9  ? -3.18395  0.75718   0.53609   1.000 11.72000 ? 9   AIB A HB23 1 
ATOM   130 N  N    . LEU A 1 10 ? -3.79625  0.65853   -3.54381  1.000 8.04570  ? 10  LEU A N    1 
ATOM   131 C  CA   . LEU A 1 10 ? -3.40757  1.03631   -4.89584  1.000 10.39862 ? 10  LEU A CA   1 
ATOM   132 C  C    . LEU A 1 10 ? -4.59955  1.06617   -5.85368  1.000 10.93552 ? 10  LEU A C    1 
ATOM   133 O  O    . LEU A 1 10 ? -4.52833  1.65301   -6.95633  1.000 9.30901  ? 10  LEU A O    1 
ATOM   134 C  CB   . LEU A 1 10 ? -2.32816  0.09658   -5.41783  1.000 10.69865 ? 10  LEU A CB   1 
ATOM   135 C  CG   . LEU A 1 10 ? -1.01636  0.09308   -4.62592  1.000 12.93050 ? 10  LEU A CG   1 
ATOM   136 C  CD1  . LEU A 1 10 ? -0.04861  -0.84681  -5.32306  1.000 12.79627 ? 10  LEU A CD1  1 
ATOM   137 C  CD2  . LEU A 1 10 ? -0.42561  1.48306   -4.41254  1.000 14.29645 ? 10  LEU A CD2  1 
ATOM   138 H  H    . LEU A 1 10 ? -3.70549  -0.17948  -3.37268  1.000 9.65000  ? 10  LEU A H    1 
ATOM   139 H  HA   . LEU A 1 10 ? -3.04418  1.93476   -4.87006  1.000 12.48000 ? 10  LEU A HA   1 
ATOM   140 H  HB2  . LEU A 1 10 ? -2.67754  -0.80807  -5.40224  1.000 12.84000 ? 10  LEU A HB2  1 
ATOM   141 H  HB3  . LEU A 1 10 ? -2.11553  0.35360   -6.32867  1.000 12.84000 ? 10  LEU A HB3  1 
ATOM   142 H  HG   . LEU A 1 10 ? -1.18918  -0.22161  -3.72496  1.000 15.52000 ? 10  LEU A HG   1 
ATOM   143 H  HD11 . LEU A 1 10 ? 0.83115   -0.74350  -4.92878  1.000 15.35000 ? 10  LEU A HD11 1 
ATOM   144 H  HD12 . LEU A 1 10 ? -0.35821  -1.75944  -5.20896  1.000 15.35000 ? 10  LEU A HD12 1 
ATOM   145 H  HD13 . LEU A 1 10 ? -0.01637  -0.62399  -6.26660  1.000 15.35000 ? 10  LEU A HD13 1 
ATOM   146 H  HD21 . LEU A 1 10 ? 0.52557   1.39793   -4.23767  1.000 17.15000 ? 10  LEU A HD21 1 
ATOM   147 H  HD22 . LEU A 1 10 ? -0.56872  2.01359   -5.21123  1.000 17.15000 ? 10  LEU A HD22 1 
ATOM   148 H  HD23 . LEU A 1 10 ? -0.86474  1.89973   -3.65518  1.000 17.15000 ? 10  LEU A HD23 1 
HETATM 149 N  N    . NH2 A 1 11 ? -5.96333  0.79797   -5.52342  1.000 13.21737 ? 11  NH2 A N    1 
HETATM 150 H  HN1  . NH2 A 1 11 ? -5.82217  0.10705   -4.98530  1.000 15.86000 ? 11  NH2 A HN1  1 
HETATM 151 H  HN2  . NH2 A 1 11 ? -6.46354  0.48505   -6.18542  1.000 15.86000 ? 11  NH2 A HN2  1 
HETATM 152 C  C    . ACE B 1 1  ? 13.67792  16.46695  -0.24993  1.000 8.46417  ? 1   ACE B C    1 
HETATM 153 O  O    . ACE B 1 1  ? 14.14995  15.39412  0.26622   1.000 9.79591  ? 1   ACE B O    1 
HETATM 154 C  CH3  . ACE B 1 1  ? 13.34940  16.43201  -1.71802  1.000 10.18000 ? 1   ACE B CH3  1 
HETATM 155 H  H1   . ACE B 1 1  ? 12.45223  16.09036  -1.85711  1.000 12.22000 ? 1   ACE B H1   1 
HETATM 156 H  H2   . ACE B 1 1  ? 13.97243  15.85932  -2.19206  1.000 12.22000 ? 1   ACE B H2   1 
HETATM 157 H  H3   . ACE B 1 1  ? 13.40099  17.32267  -2.09916  1.000 12.22000 ? 1   ACE B H3   1 
ATOM   158 N  N    . LEU B 1 2  ? 13.95706  17.61047  0.54879   1.000 10.30387 ? 2   LEU B N    1 
ATOM   159 C  CA   . LEU B 1 2  ? 14.67189  17.58980  1.81168   1.000 9.77749  ? 2   LEU B CA   1 
ATOM   160 C  C    . LEU B 1 2  ? 13.91882  16.74820  2.84112   1.000 10.25123 ? 2   LEU B C    1 
ATOM   161 O  O    . LEU B 1 2  ? 14.49468  15.82974  3.42375   1.000 8.96686  ? 2   LEU B O    1 
ATOM   162 C  CB   . LEU B 1 2  ? 14.88056  19.02303  2.30778   1.000 11.67245 ? 2   LEU B CB   1 
ATOM   163 C  CG   . LEU B 1 2  ? 15.42701  19.28824  3.71488   1.000 11.82247 ? 2   LEU B CG   1 
ATOM   164 C  CD1  . LEU B 1 2  ? 16.76464  18.60987  3.94691   1.000 11.65403 ? 2   LEU B CD1  1 
ATOM   165 C  CD2  . LEU B 1 2  ? 15.55713  20.79583  3.86871   1.000 11.95406 ? 2   LEU B CD2  1 
ATOM   166 H  H    . LEU B 1 2  ? 13.41989  18.27677  0.46165   1.000 12.36000 ? 2   LEU B H    1 
ATOM   167 H  HA   . LEU B 1 2  ? 15.54662  17.18680  1.69856   1.000 11.73000 ? 2   LEU B HA   1 
ATOM   168 H  HB2  . LEU B 1 2  ? 15.50198  19.44783  1.69528   1.000 14.01000 ? 2   LEU B HB2  1 
ATOM   169 H  HB3  . LEU B 1 2  ? 14.01914  19.46622  2.26701   1.000 14.01000 ? 2   LEU B HB3  1 
ATOM   170 H  HG   . LEU B 1 2  ? 14.82430  18.92255  4.38224   1.000 14.19000 ? 2   LEU B HG   1 
ATOM   171 H  HD11 . LEU B 1 2  ? 17.07375  18.81934  4.84221   1.000 13.99000 ? 2   LEU B HD11 1 
ATOM   172 H  HD12 . LEU B 1 2  ? 16.65383  17.65187  3.85057   1.000 13.99000 ? 2   LEU B HD12 1 
ATOM   173 H  HD13 . LEU B 1 2  ? 17.40188  18.93714  3.29239   1.000 13.99000 ? 2   LEU B HD13 1 
ATOM   174 H  HD21 . LEU B 1 2  ? 15.86365  20.99655  4.76730   1.000 14.35000 ? 2   LEU B HD21 1 
ATOM   175 H  HD22 . LEU B 1 2  ? 16.19790  21.12612  3.21981   1.000 14.35000 ? 2   LEU B HD22 1 
ATOM   176 H  HD23 . LEU B 1 2  ? 14.69166  21.20538  3.71672   1.000 14.35000 ? 2   LEU B HD23 1 
HETATM 177 N  N    . AIB B 1 3  ? 12.64177  17.04012  3.06568   1.000 7.18770  ? 3   AIB B N    1 
HETATM 178 C  CA   . AIB B 1 3  ? 11.87585  16.30458  4.05784   1.000 9.05635  ? 3   AIB B CA   1 
HETATM 179 C  C    . AIB B 1 3  ? 12.04789  14.76695  3.99777   1.000 9.78538  ? 3   AIB B C    1 
HETATM 180 O  O    . AIB B 1 3  ? 12.34861  14.01943  4.95657   1.000 8.55103  ? 3   AIB B O    1 
HETATM 181 C  CB1  . AIB B 1 3  ? 12.28567  16.71373  5.48620   1.000 9.08793  ? 3   AIB B CB1  1 
HETATM 182 C  CB2  . AIB B 1 3  ? 10.37581  16.63146  3.90333   1.000 9.24058  ? 3   AIB B CB2  1 
HETATM 183 H  H    . AIB B 1 3  ? 12.21644  17.92467  2.86908   1.000 8.62000  ? 3   AIB B H    1 
HETATM 184 H  HB11 . AIB B 1 3  ? 12.02492  17.78466  5.65987   1.000 10.91000 ? 3   AIB B HB11 1 
HETATM 185 H  HB12 . AIB B 1 3  ? 13.38514  16.57698  5.61536   1.000 10.91000 ? 3   AIB B HB12 1 
HETATM 186 H  HB13 . AIB B 1 3  ? 11.74612  16.07838  6.22823   1.000 10.91000 ? 3   AIB B HB13 1 
HETATM 187 H  HB21 . AIB B 1 3  ? 9.78891   16.00059  4.61459   1.000 11.09000 ? 3   AIB B HB21 1 
HETATM 188 H  HB22 . AIB B 1 3  ? 10.06065  16.41430  2.85386   1.000 11.09000 ? 3   AIB B HB22 1 
HETATM 189 H  HB23 . AIB B 1 3  ? 10.21191  17.71306  4.13254   1.000 11.09000 ? 3   AIB B HB23 1 
ATOM   190 N  N    . GLU B 1 4  ? 11.85983  14.29580  2.76586   1.000 11.46190 ? 4   GLU B N    1 
ATOM   191 C  CA   . GLU B 1 4  ? 11.95048  12.86882  2.46357   1.000 10.00383 ? 4   GLU B CA   1 
ATOM   192 C  C    . GLU B 1 4  ? 13.37285  12.33590  2.56793   1.000 6.77976  ? 4   GLU B C    1 
ATOM   193 O  O    . GLU B 1 4  ? 13.58903  11.25895  3.13385   1.000 7.17718  ? 4   GLU B O    1 
ATOM   194 C  CB   . GLU B 1 4  ? 11.43353  12.55528  1.06392   1.000 13.04630 ? 4   GLU B CB   1 
ATOM   195 C  CG   . GLU B 1 4  ? 11.51209  11.04687  0.78336   1.000 14.77019 ? 4   GLU B CG   1 
ATOM   196 C  CD   . GLU B 1 4  ? 10.63438  10.58045  -0.36136  1.000 14.85968 ? 4   GLU B CD   1 
ATOM   197 O  OE1  . GLU B 1 4  ? 11.03844  10.78682  -1.51952  1.000 13.89903 ? 4   GLU B OE1  1 
ATOM   198 O  OE2  . GLU B 1 4  ? 9.53448   10.03969  -0.11411  1.000 16.32564 ? 4   GLU B OE2  1 
ATOM   199 H  H    . GLU B 1 4  ? 11.67724  14.78575  2.08391   1.000 13.76000 ? 4   GLU B H    1 
ATOM   200 H  HA   . GLU B 1 4  ? 11.39706  12.41723  3.11906   1.000 12.00000 ? 4   GLU B HA   1 
ATOM   201 H  HB2  . GLU B 1 4  ? 10.50819  12.83560  0.99124   1.000 15.65000 ? 4   GLU B HB2  1 
ATOM   202 H  HB3  . GLU B 1 4  ? 11.97411  13.01984  0.40757   1.000 15.65000 ? 4   GLU B HB3  1 
ATOM   203 H  HG2  . GLU B 1 4  ? 12.42856  10.81972  0.56230   1.000 17.72000 ? 4   GLU B HG2  1 
ATOM   204 H  HG3  . GLU B 1 4  ? 11.23410  10.56825  1.57982   1.000 17.72000 ? 4   GLU B HG3  1 
HETATM 205 N  N    . AIB B 1 5  ? 14.34128  13.07113  2.03941   1.000 8.60893  ? 5   AIB B N    1 
HETATM 206 C  CA   . AIB B 1 5  ? 15.74380  12.69140  2.19991   1.000 9.11162  ? 5   AIB B CA   1 
HETATM 207 C  C    . AIB B 1 5  ? 16.07491  12.45803  3.67983   1.000 7.28508  ? 5   AIB B C    1 
HETATM 208 O  O    . AIB B 1 5  ? 16.69565  11.48082  4.11139   1.000 7.36404  ? 5   AIB B O    1 
HETATM 209 C  CB1  . AIB B 1 5  ? 16.11111  11.38774  1.46390   1.000 10.84341 ? 5   AIB B CB1  1 
HETATM 210 C  CB2  . AIB B 1 5  ? 16.73866  13.77951  1.74558   1.000 9.61957  ? 5   AIB B CB2  1 
HETATM 211 H  H    . AIB B 1 5  ? 14.25998  14.04313  1.81642   1.000 10.33000 ? 5   AIB B H    1 
HETATM 212 H  HB11 . AIB B 1 5  ? 16.11948  11.56685  0.36285   1.000 13.01000 ? 5   AIB B HB11 1 
HETATM 213 H  HB12 . AIB B 1 5  ? 15.36187  10.59660  1.70307   1.000 13.01000 ? 5   AIB B HB12 1 
HETATM 214 H  HB13 . AIB B 1 5  ? 17.12333  11.04512  1.78823   1.000 13.01000 ? 5   AIB B HB13 1 
HETATM 215 H  HB21 . AIB B 1 5  ? 17.78088  13.41930  1.92445   1.000 11.54000 ? 5   AIB B HB21 1 
HETATM 216 H  HB22 . AIB B 1 5  ? 16.55313  14.71090  2.33369   1.000 11.54000 ? 5   AIB B HB22 1 
HETATM 217 H  HB23 . AIB B 1 5  ? 16.58745  13.98135  0.65798   1.000 11.54000 ? 5   AIB B HB23 1 
ATOM   218 N  N    . LEU B 1 6  ? 15.62699  13.39594  4.50118   1.000 9.39060  ? 6   LEU B N    1 
ATOM   219 C  CA   . LEU B 1 6  ? 15.94940  13.29744  5.92093   1.000 10.56706 ? 6   LEU B CA   1 
ATOM   220 C  C    . LEU B 1 6  ? 15.20547  12.10572  6.55936   1.000 9.38270  ? 6   LEU B C    1 
ATOM   221 O  O    . LEU B 1 6  ? 15.77439  11.35040  7.35731   1.000 7.22192  ? 6   LEU B O    1 
ATOM   222 C  CB   . LEU B 1 6  ? 15.63434  14.59431  6.67145   1.000 9.44587  ? 6   LEU B CB   1 
ATOM   223 C  CG   . LEU B 1 6  ? 15.93045  14.61949  8.17811   1.000 9.95909  ? 6   LEU B CG   1 
ATOM   224 C  CD1  . LEU B 1 6  ? 17.41732  14.37124  8.48766   1.000 11.28556 ? 6   LEU B CD1  1 
ATOM   225 C  CD2  . LEU B 1 6  ? 15.48646  15.93065  8.76921   1.000 7.02189  ? 6   LEU B CD2  1 
ATOM   226 H  H    . LEU B 1 6  ? 15.15273  14.07585  4.27162   1.000 11.27000 ? 6   LEU B H    1 
ATOM   227 H  HA   . LEU B 1 6  ? 16.90419  13.15178  6.01364   1.000 12.68000 ? 6   LEU B HA   1 
ATOM   228 H  HB2  . LEU B 1 6  ? 16.15560  15.30565  6.26918   1.000 11.34000 ? 6   LEU B HB2  1 
ATOM   229 H  HB3  . LEU B 1 6  ? 14.68734  14.77628  6.56647   1.000 11.34000 ? 6   LEU B HB3  1 
ATOM   230 H  HG   . LEU B 1 6  ? 15.43441  13.89568  8.59227   1.000 11.95000 ? 6   LEU B HG   1 
ATOM   231 H  HD11 . LEU B 1 6  ? 17.54990  14.40514  9.44776   1.000 13.54000 ? 6   LEU B HD11 1 
ATOM   232 H  HD12 . LEU B 1 6  ? 17.66847  13.49741  8.14919   1.000 13.54000 ? 6   LEU B HD12 1 
ATOM   233 H  HD13 . LEU B 1 6  ? 17.94865  15.05842  8.05552   1.000 13.54000 ? 6   LEU B HD13 1 
ATOM   234 H  HD21 . LEU B 1 6  ? 15.64515  15.91590  9.72532   1.000 8.43000  ? 6   LEU B HD21 1 
ATOM   235 H  HD22 . LEU B 1 6  ? 15.99484  16.64898  8.36022   1.000 8.43000  ? 6   LEU B HD22 1 
ATOM   236 H  HD23 . LEU B 1 6  ? 14.54072  16.05218  8.59204   1.000 8.43000  ? 6   LEU B HD23 1 
ATOM   237 N  N    . HIS B 1 7  ? 13.92147  11.94826  6.22847   1.000 9.20374  ? 7   HIS B N    1 
ATOM   238 C  CA   . HIS B 1 7  ? 13.15687  10.79526  6.70339   1.000 8.85369  ? 7   HIS B CA   1 
ATOM   239 C  C    . HIS B 1 7  ? 13.91952  9.49813   6.44085   1.000 9.29848  ? 7   HIS B C    1 
ATOM   240 O  O    . HIS B 1 7  ? 14.09525  8.66130   7.34057   1.000 7.12980  ? 7   HIS B O    1 
ATOM   241 C  CB   . HIS B 1 7  ? 11.78475  10.77261  6.01804   1.000 10.48547 ? 7   HIS B CB   1 
ATOM   242 C  CG   . HIS B 1 7  ? 11.03696  9.47221   6.12870   1.000 10.02489 ? 7   HIS B CG   1 
ATOM   243 N  ND1  . HIS B 1 7  ? 11.31100  8.37309   5.33944   1.000 10.52231 ? 7   HIS B ND1  1 
ATOM   244 C  CD2  . HIS B 1 7  ? 9.98085   9.11882   6.89932   1.000 11.58823 ? 7   HIS B CD2  1 
ATOM   245 C  CE1  . HIS B 1 7  ? 10.45975  7.40296   5.62112   1.000 12.34359 ? 7   HIS B CE1  1 
ATOM   246 N  NE2  . HIS B 1 7  ? 9.64202   7.82947   6.56439   1.000 11.70667 ? 7   HIS B NE2  1 
ATOM   247 H  H    . HIS B 1 7  ? 13.47376  12.49104  5.73381   1.000 11.04000 ? 7   HIS B H    1 
ATOM   248 H  HA   . HIS B 1 7  ? 13.01347  10.87279  7.65929   1.000 10.62000 ? 7   HIS B HA   1 
ATOM   249 H  HB2  . HIS B 1 7  ? 11.23122  11.46173  6.41877   1.000 12.59000 ? 7   HIS B HB2  1 
ATOM   250 H  HB3  . HIS B 1 7  ? 11.91036  10.95662  5.07416   1.000 12.59000 ? 7   HIS B HB3  1 
ATOM   251 H  HD1  . HIS B 1 7  ? 11.94005  8.32750   4.75413   1.000 12.63000 ? 7   HIS B HD1  1 
ATOM   252 H  HD2  . HIS B 1 7  ? 9.56209   9.65052   7.53709   1.000 13.91000 ? 7   HIS B HD2  1 
ATOM   253 H  HE1  . HIS B 1 7  ? 10.44038  6.56259   5.22259   1.000 14.81000 ? 7   HIS B HE1  1 
ATOM   254 N  N    . ASN B 1 8  ? 14.41125  9.32734   5.21783   1.000 9.00371  ? 8   ASN B N    1 
ATOM   255 C  CA   . ASN B 1 8  ? 15.06723  8.08822   4.84661   1.000 10.44073 ? 8   ASN B CA   1 
ATOM   256 C  C    . ASN B 1 8  ? 16.39965  7.95824   5.53726   1.000 10.35650 ? 8   ASN B C    1 
ATOM   257 O  O    . ASN B 1 8  ? 16.74641  6.89388   6.03892   1.000 10.46178 ? 8   ASN B O    1 
ATOM   258 C  CB   . ASN B 1 8  ? 15.29630  8.03824   3.34800   1.000 8.67736  ? 8   ASN B CB   1 
ATOM   259 C  CG   . ASN B 1 8  ? 14.00748  8.01522   2.56659   1.000 10.59074 ? 8   ASN B CG   1 
ATOM   260 O  OD1  . ASN B 1 8  ? 12.91803  8.07746   3.13324   1.000 11.59876 ? 8   ASN B OD1  1 
ATOM   261 N  ND2  . ASN B 1 8  ? 14.12583  7.97876   1.25380   1.000 12.21989 ? 8   ASN B ND2  1 
ATOM   262 H  H    . ASN B 1 8  ? 14.37635  9.91449   4.59091   1.000 10.80000 ? 8   ASN B H    1 
ATOM   263 H  HA   . ASN B 1 8  ? 14.49916  7.34670   5.10687   1.000 12.53000 ? 8   ASN B HA   1 
ATOM   264 H  HB2  . ASN B 1 8  ? 15.79838  8.82305   3.07775   1.000 10.42000 ? 8   ASN B HB2  1 
ATOM   265 H  HB3  . ASN B 1 8  ? 15.79488  7.23497   3.12959   1.000 10.42000 ? 8   ASN B HB3  1 
ATOM   266 H  HD21 . ASN B 1 8  ? 14.90702  7.96860   0.89265   1.000 14.67000 ? 8   ASN B HD21 1 
ATOM   267 H  HD22 . ASN B 1 8  ? 13.42337  7.96426   0.75888   1.000 14.67000 ? 8   ASN B HD22 1 
HETATM 268 N  N    . AIB B 1 9  ? 17.17397  9.02701   5.55602   1.000 8.02728  ? 9   AIB B N    1 
HETATM 269 C  CA   . AIB B 1 9  ? 18.42827  9.00255   6.26399   1.000 12.15935 ? 9   AIB B CA   1 
HETATM 270 C  C    . AIB B 1 9  ? 18.25627  8.56353   7.72833   1.000 9.87750  ? 9   AIB B C    1 
HETATM 271 O  O    . AIB B 1 9  ? 19.08155  7.88927   8.34189   1.000 11.20661 ? 9   AIB B O    1 
HETATM 272 C  CB1  . AIB B 1 9  ? 19.44104  8.02801   5.58944   1.000 10.18017 ? 9   AIB B CB1  1 
HETATM 273 C  CB2  . AIB B 1 9  ? 19.02223  10.41654  6.33759   1.000 12.36990 ? 9   AIB B CB2  1 
HETATM 274 H  H    . AIB B 1 9  ? 17.16019  9.75548   4.86939   1.000 9.64000  ? 9   AIB B H    1 
HETATM 275 H  HB11 . AIB B 1 9  ? 19.54551  8.28282   4.50861   1.000 12.22000 ? 9   AIB B HB11 1 
HETATM 276 H  HB12 . AIB B 1 9  ? 19.07555  6.97870   5.68622   1.000 12.22000 ? 9   AIB B HB12 1 
HETATM 277 H  HB13 . AIB B 1 9  ? 20.43637  8.11753   6.08624   1.000 12.22000 ? 9   AIB B HB13 1 
HETATM 278 H  HB21 . AIB B 1 9  ? 19.96624  10.38566  6.93299   1.000 14.84000 ? 9   AIB B HB21 1 
HETATM 279 H  HB22 . AIB B 1 9  ? 18.28574  11.09682  6.83040   1.000 14.84000 ? 9   AIB B HB22 1 
HETATM 280 H  HB23 . AIB B 1 9  ? 19.23726  10.77650  5.30285   1.000 14.84000 ? 9   AIB B HB23 1 
ATOM   281 N  N    . LEU B 1 10 ? 17.12869  8.96297   8.31227   1.000 10.30650 ? 10  LEU B N    1 
ATOM   282 C  CA   . LEU B 1 10 ? 16.90074  8.72020   9.74680   1.000 11.69088 ? 10  LEU B CA   1 
ATOM   283 C  C    . LEU B 1 10 ? 16.34476  7.33525   10.11847  1.000 11.27767 ? 10  LEU B C    1 
ATOM   284 O  O    . LEU B 1 10 ? 16.45606  6.88938   11.27731  1.000 12.40149 ? 10  LEU B O    1 
ATOM   285 C  CB   . LEU B 1 10 ? 16.02315  9.81168   10.36764  1.000 12.64099 ? 10  LEU B CB   1 
ATOM   286 C  CG   . LEU B 1 10 ? 16.85884  10.90838  11.01248  1.000 14.85441 ? 10  LEU B CG   1 
ATOM   287 C  CD1  . LEU B 1 10 ? 17.85827  11.39814  10.00079  1.000 13.73059 ? 10  LEU B CD1  1 
ATOM   288 C  CD2  . LEU B 1 10 ? 15.97654  12.03331  11.50752  1.000 10.42757 ? 10  LEU B CD2  1 
ATOM   289 H  H    . LEU B 1 10 ? 16.48702  9.37043   7.91128   1.000 12.37000 ? 10  LEU B H    1 
ATOM   290 H  HA   . LEU B 1 10 ? 17.78695  8.74818   10.14166  1.000 14.03000 ? 10  LEU B HA   1 
ATOM   291 H  HB2  . LEU B 1 10 ? 15.47494  10.21275  9.67490   1.000 15.17000 ? 10  LEU B HB2  1 
ATOM   292 H  HB3  . LEU B 1 10 ? 15.45882  9.41696   11.05056  1.000 15.17000 ? 10  LEU B HB3  1 
ATOM   293 H  HG   . LEU B 1 10 ? 17.33267  10.56684  11.78653  1.000 17.83000 ? 10  LEU B HG   1 
ATOM   294 H  HD11 . LEU B 1 10 ? 18.18952  12.26574  10.27901  1.000 16.47000 ? 10  LEU B HD11 1 
ATOM   295 H  HD12 . LEU B 1 10 ? 18.59082  10.76474  9.94859   1.000 16.47000 ? 10  LEU B HD12 1 
ATOM   296 H  HD13 . LEU B 1 10 ? 17.42311  11.47187  9.13657   1.000 16.47000 ? 10  LEU B HD13 1 
ATOM   297 H  HD21 . LEU B 1 10 ? 16.52045  12.66760  12.00042  1.000 12.51000 ? 10  LEU B HD21 1 
ATOM   298 H  HD22 . LEU B 1 10 ? 15.56557  12.47215  10.74582  1.000 12.51000 ? 10  LEU B HD22 1 
ATOM   299 H  HD23 . LEU B 1 10 ? 15.29032  11.66533  12.08671  1.000 12.51000 ? 10  LEU B HD23 1 
HETATM 300 N  N    . NH2 B 1 11 ? 16.01621  6.40216   9.08888   1.000 7.94832  ? 11  NH2 B N    1 
HETATM 301 H  HN1  . NH2 B 1 11 ? 16.68996  5.85900   8.88351   1.000 9.54000  ? 11  NH2 B HN1  1 
HETATM 302 H  HN2  . NH2 B 1 11 ? 15.28904  5.89508   9.06126   1.000 9.54000  ? 11  NH2 B HN2  1 
HETATM 303 C  C    . ACE C 1 1  ? 8.60802   -3.06322  -0.85129  1.000 8.79842  ? 1   ACE C C    1 
HETATM 304 O  O    . ACE C 1 1  ? 8.10412   -2.01852  -1.40467  1.000 6.94294  ? 1   ACE C O    1 
HETATM 305 C  CH3  . ACE C 1 1  ? 10.02196  -3.45791  -1.31336  1.000 11.84000 ? 1   ACE C CH3  1 
HETATM 306 H  H1   . ACE C 1 1  ? 10.69254  -3.02526  -0.76247  1.000 14.21000 ? 1   ACE C H1   1 
HETATM 307 H  H2   . ACE C 1 1  ? 10.16494  -3.19088  -2.23592  1.000 14.21000 ? 1   ACE C H2   1 
HETATM 308 H  H3   . ACE C 1 1  ? 10.14522  -4.41797  -1.24975  1.000 14.21000 ? 1   ACE C H3   1 
ATOM   309 N  N    . LEU C 1 2  ? 7.82699   -4.14583  -0.34986  1.000 8.79053  ? 2   LEU C N    1 
ATOM   310 C  CA   . LEU C 1 2  ? 6.38643   -3.92054  -0.21907  1.000 8.64051  ? 2   LEU C CA   1 
ATOM   311 C  C    . LEU C 1 2  ? 6.05827   -2.92748  0.88106   1.000 10.00646 ? 2   LEU C C    1 
ATOM   312 O  O    . LEU C 1 2  ? 5.17723   -2.08155  0.71710   1.000 7.92990  ? 2   LEU C O    1 
ATOM   313 C  CB   . LEU C 1 2  ? 5.70442   -5.25114  0.04449   1.000 9.32743  ? 2   LEU C CB   1 
ATOM   314 C  CG   . LEU C 1 2  ? 5.65507   -6.19343  -1.15958  1.000 8.12992  ? 2   LEU C CG   1 
ATOM   315 C  CD1  . LEU C 1 2  ? 5.22519   -7.56471  -0.65882  1.000 8.85633  ? 2   LEU C CD1  1 
ATOM   316 C  CD2  . LEU C 1 2  ? 4.69376   -5.69896  -2.21867  1.000 8.25888  ? 2   LEU C CD2  1 
ATOM   317 H  H    . LEU C 1 2  ? 8.20376   -4.42322  0.37317   1.000 10.55000 ? 2   LEU C H    1 
ATOM   318 H  HA   . LEU C 1 2  ? 6.04331   -3.53844  -1.04221  1.000 10.37000 ? 2   LEU C HA   1 
ATOM   319 H  HB2  . LEU C 1 2  ? 6.18407   -5.70754  0.75329   1.000 11.20000 ? 2   LEU C HB2  1 
ATOM   320 H  HB3  . LEU C 1 2  ? 4.79017   -5.07865  0.31896   1.000 11.20000 ? 2   LEU C HB3  1 
ATOM   321 H  HG   . LEU C 1 2  ? 6.52920   -6.23972  -1.57906  1.000 9.76000  ? 2   LEU C HG   1 
ATOM   322 H  HD11 . LEU C 1 2  ? 5.20612   -8.18173  -1.40667  1.000 10.63000 ? 2   LEU C HD11 1 
ATOM   323 H  HD12 . LEU C 1 2  ? 5.86140   -7.87091  0.00599   1.000 10.63000 ? 2   LEU C HD12 1 
ATOM   324 H  HD13 . LEU C 1 2  ? 4.34242   -7.49407  -0.26409  1.000 10.63000 ? 2   LEU C HD13 1 
ATOM   325 H  HD21 . LEU C 1 2  ? 3.83270   -5.52757  -1.80739  1.000 9.91000  ? 2   LEU C HD21 1 
ATOM   326 H  HD22 . LEU C 1 2  ? 5.04433   -4.88199  -2.60672  1.000 9.91000  ? 2   LEU C HD22 1 
ATOM   327 H  HD23 . LEU C 1 2  ? 4.60315   -6.37940  -2.90435  1.000 9.91000  ? 2   LEU C HD23 1 
HETATM 328 N  N    . AIB C 1 3  ? 6.74660   -3.05631  2.01576   1.000 9.34849  ? 3   AIB C N    1 
HETATM 329 C  CA   . AIB C 1 3  ? 6.58230   -2.12406  3.12038   1.000 11.37768 ? 3   AIB C CA   1 
HETATM 330 C  C    . AIB C 1 3  ? 6.67099   -0.65344  2.68591   1.000 9.05898  ? 3   AIB C C    1 
HETATM 331 O  O    . AIB C 1 3  ? 5.80125   0.22041   2.87910   1.000 8.67472  ? 3   AIB C O    1 
HETATM 332 C  CB1  . AIB C 1 3  ? 5.24466   -2.34994  3.84133   1.000 11.93301 ? 3   AIB C CB1  1 
HETATM 333 C  CB2  . AIB C 1 3  ? 7.70951   -2.35223  4.13783   1.000 8.83790  ? 3   AIB C CB2  1 
HETATM 334 H  H    . AIB C 1 3  ? 7.13531   -3.91855  2.34538   1.000 11.22000 ? 3   AIB C H    1 
HETATM 335 H  HB11 . AIB C 1 3  ? 5.15184   -1.63895  4.69550   1.000 14.32000 ? 3   AIB C HB11 1 
HETATM 336 H  HB12 . AIB C 1 3  ? 4.40128   -2.18185  3.12982   1.000 14.32000 ? 3   AIB C HB12 1 
HETATM 337 H  HB13 . AIB C 1 3  ? 5.19699   -3.39638  4.22686   1.000 14.32000 ? 3   AIB C HB13 1 
HETATM 338 H  HB21 . AIB C 1 3  ? 7.63438   -1.58356  4.94495   1.000 10.61000 ? 3   AIB C HB21 1 
HETATM 339 H  HB22 . AIB C 1 3  ? 7.60415   -3.37488  4.57599   1.000 10.61000 ? 3   AIB C HB22 1 
HETATM 340 H  HB23 . AIB C 1 3  ? 8.69389   -2.26150  3.61875   1.000 10.61000 ? 3   AIB C HB23 1 
ATOM   341 N  N    . GLU C 1 4  ? 7.78526   -0.38462  2.01219   1.000 6.57447  ? 4   GLU C N    1 
ATOM   342 C  CA   . GLU C 1 4  ? 8.02411   0.96683   1.54056   1.000 6.71659  ? 4   GLU C CA   1 
ATOM   343 C  C    . GLU C 1 4  ? 6.96262   1.34390   0.51346   1.000 7.75356  ? 4   GLU C C    1 
ATOM   344 O  O    . GLU C 1 4  ? 6.42930   2.43160   0.58745   1.000 8.57471  ? 4   GLU C O    1 
ATOM   345 C  CB   . GLU C 1 4  ? 9.40992   1.18222   0.92112   1.000 10.16964 ? 4   GLU C CB   1 
ATOM   346 C  CG   . GLU C 1 4  ? 9.59927   2.67290   0.61670   1.000 12.64099 ? 4   GLU C CG   1 
ATOM   347 C  CD   . GLU C 1 4  ? 10.83611  3.03073   -0.14481  1.000 10.61443 ? 4   GLU C CD   1 
ATOM   348 O  OE1  . GLU C 1 4  ? 11.64533  2.14247   -0.46615  1.000 9.06424  ? 4   GLU C OE1  1 
ATOM   349 O  OE2  . GLU C 1 4  ? 10.96783  4.22435   -0.48732  1.000 15.94665 ? 4   GLU C OE2  1 
ATOM   350 H  H    . GLU C 1 4  ? 8.40057   -0.95419  1.82258   1.000 7.89000  ? 4   GLU C H    1 
ATOM   351 H  HA   . GLU C 1 4  ? 7.98669   1.54936   2.31494   1.000 8.06000  ? 4   GLU C HA   1 
ATOM   352 H  HB2  . GLU C 1 4  ? 10.09687  0.89756   1.54415   1.000 12.20000 ? 4   GLU C HB2  1 
ATOM   353 H  HB3  . GLU C 1 4  ? 9.48298   0.67935   0.09499   1.000 12.20000 ? 4   GLU C HB3  1 
ATOM   354 H  HG2  . GLU C 1 4  ? 8.84172   2.97475   0.09216   1.000 15.17000 ? 4   GLU C HG2  1 
ATOM   355 H  HG3  . GLU C 1 4  ? 9.63121   3.15372   1.45881   1.000 15.17000 ? 4   GLU C HG3  1 
HETATM 356 N  N    . AIB C 1 5  ? 6.68260   0.48224   -0.45827  1.000 8.95634  ? 5   AIB C N    1 
HETATM 357 C  CA   . AIB C 1 5  ? 5.68862   0.78447   -1.47721  1.000 7.68513  ? 5   AIB C CA   1 
HETATM 358 C  C    . AIB C 1 5  ? 4.36320   1.25235   -0.84668  1.000 8.13782  ? 5   AIB C C    1 
HETATM 359 O  O    . AIB C 1 5  ? 3.72748   2.24970   -1.20146  1.000 7.18507  ? 5   AIB C O    1 
HETATM 360 C  CB1  . AIB C 1 5  ? 6.22964   1.90638   -2.38694  1.000 9.52219  ? 5   AIB C CB1  1 
HETATM 361 C  CB2  . AIB C 1 5  ? 5.38771   -0.47761  -2.30675  1.000 6.75607  ? 5   AIB C CB2  1 
HETATM 362 H  H    . AIB C 1 5  ? 7.30838   -0.23063  -0.78024  1.000 10.75000 ? 5   AIB C H    1 
HETATM 363 H  HB11 . AIB C 1 5  ? 5.41165   2.28498   -3.04373  1.000 11.42000 ? 5   AIB C HB11 1 
HETATM 364 H  HB12 . AIB C 1 5  ? 6.61647   2.74473   -1.76059  1.000 11.42000 ? 5   AIB C HB12 1 
HETATM 365 H  HB13 . AIB C 1 5  ? 7.05754   1.51020   -3.02138  1.000 11.42000 ? 5   AIB C HB13 1 
HETATM 366 H  HB21 . AIB C 1 5  ? 4.66372   -0.21797  -3.11665  1.000 8.11000  ? 5   AIB C HB21 1 
HETATM 367 H  HB22 . AIB C 1 5  ? 6.33832   -0.85544  -2.75458  1.000 8.11000  ? 5   AIB C HB22 1 
HETATM 368 H  HB23 . AIB C 1 5  ? 4.94694   -1.25664  -1.63843  1.000 8.11000  ? 5   AIB C HB23 1 
ATOM   369 N  N    . LEU C 1 6  ? 3.95482   0.50294   0.17372   1.000 9.56430  ? 6   LEU C N    1 
ATOM   370 C  CA   . LEU C 1 6  ? 2.71388   0.80112   0.89097   1.000 12.41465 ? 6   LEU C CA   1 
ATOM   371 C  C    . LEU C 1 6  ? 2.82953   2.15971   1.61445   1.000 8.02728  ? 6   LEU C C    1 
ATOM   372 O  O    . LEU C 1 6  ? 1.95736   3.01309   1.45020   1.000 7.73514  ? 6   LEU C O    1 
ATOM   373 C  CB   . LEU C 1 6  ? 2.38140   -0.30732  1.90402   1.000 9.74064  ? 6   LEU C CB   1 
ATOM   374 C  CG   . LEU C 1 6  ? 1.10258   -0.11135  2.72466   1.000 12.03565 ? 6   LEU C CG   1 
ATOM   375 C  CD1  . LEU C 1 6  ? -0.13120  -0.07678  1.83132   1.000 13.84640 ? 6   LEU C CD1  1 
ATOM   376 C  CD2  . LEU C 1 6  ? 0.96719   -1.20769  3.76094   1.000 10.96974 ? 6   LEU C CD2  1 
ATOM   377 H  H    . LEU C 1 6  ? 4.37713   -0.18365  0.47241   1.000 11.48000 ? 6   LEU C H    1 
ATOM   378 H  HA   . LEU C 1 6  ? 1.98184   0.84398   0.25592   1.000 14.90000 ? 6   LEU C HA   1 
ATOM   379 H  HB2  . LEU C 1 6  ? 2.28483   -1.14122  1.41792   1.000 11.69000 ? 6   LEU C HB2  1 
ATOM   380 H  HB3  . LEU C 1 6  ? 3.11837   -0.37322  2.53214   1.000 11.69000 ? 6   LEU C HB3  1 
ATOM   381 H  HG   . LEU C 1 6  ? 1.16042   0.74326   3.18066   1.000 14.44000 ? 6   LEU C HG   1 
ATOM   382 H  HD11 . LEU C 1 6  ? -0.92232  -0.00343  2.38743   1.000 16.61000 ? 6   LEU C HD11 1 
ATOM   383 H  HD12 . LEU C 1 6  ? -0.07056  0.68877   1.23858   1.000 16.61000 ? 6   LEU C HD12 1 
ATOM   384 H  HD13 . LEU C 1 6  ? -0.16669  -0.89482  1.31104   1.000 16.61000 ? 6   LEU C HD13 1 
ATOM   385 H  HD21 . LEU C 1 6  ? 0.17884   -1.03692  4.30008   1.000 13.16000 ? 6   LEU C HD21 1 
ATOM   386 H  HD22 . LEU C 1 6  ? 0.87943   -2.06137  3.30790   1.000 13.16000 ? 6   LEU C HD22 1 
ATOM   387 H  HD23 . LEU C 1 6  ? 1.75810   -1.21072  4.32343   1.000 13.16000 ? 6   LEU C HD23 1 
ATOM   388 N  N    . HIS C 1 7  ? 3.89369   2.32747   2.42152   1.000 7.97727  ? 7   HIS C N    1 
ATOM   389 C  CA   . HIS C 1 7  ? 4.22370   3.60084   3.07160   1.000 9.13267  ? 7   HIS C CA   1 
ATOM   390 C  C    . HIS C 1 7  ? 4.09729   4.79480   2.12327   1.000 8.46944  ? 7   HIS C C    1 
ATOM   391 O  O    . HIS C 1 7  ? 3.44330   5.79809   2.44991   1.000 8.95107  ? 7   HIS C O    1 
ATOM   392 C  CB   . HIS C 1 7  ? 5.65281   3.47629   3.62067   1.000 8.37469  ? 7   HIS C CB   1 
ATOM   393 C  CG   . HIS C 1 7  ? 6.21880   4.71205   4.25281   1.000 8.43259  ? 7   HIS C CG   1 
ATOM   394 N  ND1  . HIS C 1 7  ? 6.68834   5.78126   3.51987   1.000 9.76170  ? 7   HIS C ND1  1 
ATOM   395 C  CD2  . HIS C 1 7  ? 6.44666   5.02203   5.55018   1.000 7.86147  ? 7   HIS C CD2  1 
ATOM   396 C  CE1  . HIS C 1 7  ? 7.16583   6.70114   4.34218   1.000 11.66192 ? 7   HIS C CE1  1 
ATOM   397 N  NE2  . HIS C 1 7  ? 7.04028   6.25868   5.57936   1.000 9.11688  ? 7   HIS C NE2  1 
ATOM   398 H  H    . HIS C 1 7  ? 4.45154   1.70101   2.61110   1.000 9.58000  ? 7   HIS C H    1 
ATOM   399 H  HA   . HIS C 1 7  ? 3.60577   3.77074   3.79927   1.000 10.96000 ? 7   HIS C HA   1 
ATOM   400 H  HB2  . HIS C 1 7  ? 5.65959   2.77945   4.29560   1.000 10.05000 ? 7   HIS C HB2  1 
ATOM   401 H  HB3  . HIS C 1 7  ? 6.24006   3.23404   2.88748   1.000 10.05000 ? 7   HIS C HB3  1 
ATOM   402 H  HD1  . HIS C 1 7  ? 6.67269   5.84120   2.66103   1.000 11.72000 ? 7   HIS C HD1  1 
ATOM   403 H  HD2  . HIS C 1 7  ? 6.23847   4.49354   6.28741   1.000 9.43000  ? 7   HIS C HD2  1 
ATOM   404 H  HE1  . HIS C 1 7  ? 7.52928   7.51942   4.09122   1.000 14.00000 ? 7   HIS C HE1  1 
ATOM   405 N  N    . ASN C 1 8  ? 4.71524   4.71119   0.94580   1.000 8.29573  ? 8   ASN C N    1 
ATOM   406 C  CA   . ASN C 1 8  ? 4.70199   5.81880   -0.01646  1.000 11.00132 ? 8   ASN C CA   1 
ATOM   407 C  C    . ASN C 1 8  ? 3.32203   6.04955   -0.62238  1.000 8.14571  ? 8   ASN C C    1 
ATOM   408 O  O    . ASN C 1 8  ? 2.83190   7.18230   -0.70601  1.000 8.59840  ? 8   ASN C O    1 
ATOM   409 C  CB   . ASN C 1 8  ? 5.72981   5.56566   -1.11405  1.000 7.99306  ? 8   ASN C CB   1 
ATOM   410 C  CG   . ASN C 1 8  ? 7.14775   5.50800   -0.56769  1.000 8.76947  ? 8   ASN C CG   1 
ATOM   411 O  OD1  . ASN C 1 8  ? 7.37591   5.69447   0.62551   1.000 8.88528  ? 8   ASN C OD1  1 
ATOM   412 N  ND2  . ASN C 1 8  ? 8.10687   5.32951   -1.45081  1.000 9.26427  ? 8   ASN C ND2  1 
ATOM   413 H  H    . ASN C 1 8  ? 5.15194   4.02150   0.67585   1.000 9.96000  ? 8   ASN C H    1 
ATOM   414 H  HA   . ASN C 1 8  ? 4.93966   6.63534   0.45047   1.000 13.20000 ? 8   ASN C HA   1 
ATOM   415 H  HB2  . ASN C 1 8  ? 5.53594   4.71670   -1.54154  1.000 9.59000  ? 8   ASN C HB2  1 
ATOM   416 H  HB3  . ASN C 1 8  ? 5.68454   6.28264   -1.76478  1.000 9.59000  ? 8   ASN C HB3  1 
ATOM   417 H  HD21 . ASN C 1 8  ? 7.91380   5.25271   -2.28457  1.000 11.12000 ? 8   ASN C HD21 1 
ATOM   418 H  HD22 . ASN C 1 8  ? 8.92613   5.29061   -1.19342  1.000 11.12000 ? 8   ASN C HD22 1 
HETATM 419 N  N    . AIB C 1 9  ? 2.69237   4.98547   -1.07694  1.000 6.78239  ? 9   AIB C N    1 
HETATM 420 C  CA   . AIB C 1 9  ? 1.34788   5.06314   -1.62152  1.000 8.04570  ? 9   AIB C CA   1 
HETATM 421 C  C    . AIB C 1 9  ? 0.35085   5.76667   -0.69025  1.000 9.58010  ? 9   AIB C C    1 
HETATM 422 O  O    . AIB C 1 9  ? -0.57869  6.46146   -1.07843  1.000 7.88516  ? 9   AIB C O    1 
HETATM 423 C  CB1  . AIB C 1 9  ? 1.31706   5.82407   -2.96077  1.000 7.48511  ? 9   AIB C CB1  1 
HETATM 424 C  CB2  . AIB C 1 9  ? 0.74932   3.66979   -1.86006  1.000 6.08231  ? 9   AIB C CB2  1 
HETATM 425 H  H    . AIB C 1 9  ? 3.15017   4.15817   -1.40562  1.000 8.14000  ? 9   AIB C H    1 
HETATM 426 H  HB11 . AIB C 1 9  ? 0.27537   5.83756   -3.36266  1.000 8.98000  ? 9   AIB C HB11 1 
HETATM 427 H  HB12 . AIB C 1 9  ? 1.66493   6.87263   -2.80580  1.000 8.98000  ? 9   AIB C HB12 1 
HETATM 428 H  HB13 . AIB C 1 9  ? 1.98738   5.31916   -3.69628  1.000 8.98000  ? 9   AIB C HB13 1 
HETATM 429 H  HB21 . AIB C 1 9  ? -0.31436  3.78115   -2.18188  1.000 7.30000  ? 9   AIB C HB21 1 
HETATM 430 H  HB22 . AIB C 1 9  ? 1.33637   3.15247   -2.65691  1.000 7.30000  ? 9   AIB C HB22 1 
HETATM 431 H  HB23 . AIB C 1 9  ? 0.79910   3.08484   -0.90967  1.000 7.30000  ? 9   AIB C HB23 1 
ATOM   432 N  N    . LEU C 1 10 ? 0.57467   5.58344   0.60883   1.000 9.83802  ? 10  LEU C N    1 
ATOM   433 C  CA   . LEU C 1 10 ? -0.34630  6.09307   1.62728   1.000 11.41453 ? 10  LEU C CA   1 
ATOM   434 C  C    . LEU C 1 10 ? -0.02252  7.51133   2.06456   1.000 13.22527 ? 10  LEU C C    1 
ATOM   435 O  O    . LEU C 1 10 ? -0.90779  8.23764   2.55830   1.000 11.45664 ? 10  LEU C O    1 
ATOM   436 C  CB   . LEU C 1 10 ? -0.31898  5.20433   2.86010   1.000 11.04080 ? 10  LEU C CB   1 
ATOM   437 C  CG   . LEU C 1 10 ? -1.02790  3.85400   2.77939   1.000 12.73574 ? 10  LEU C CG   1 
ATOM   438 C  CD1  . LEU C 1 10 ? -0.82495  3.16948   4.09683   1.000 18.86279 ? 10  LEU C CD1  1 
ATOM   439 C  CD2  . LEU C 1 10 ? -2.48965  3.98011   2.47279   1.000 14.23592 ? 10  LEU C CD2  1 
ATOM   440 H  H    . LEU C 1 10 ? 1.25589   5.16623   0.92950   1.000 11.81000 ? 10  LEU C H    1 
ATOM   441 H  HA   . LEU C 1 10 ? -1.23257  6.09338   1.23313   1.000 13.70000 ? 10  LEU C HA   1 
ATOM   442 H  HB2  . LEU C 1 10 ? 0.60930   5.02034   3.07178   1.000 13.25000 ? 10  LEU C HB2  1 
ATOM   443 H  HB3  . LEU C 1 10 ? -0.73362  5.69440   3.58801   1.000 13.25000 ? 10  LEU C HB3  1 
ATOM   444 H  HG   . LEU C 1 10 ? -0.65723  3.33306   2.05004   1.000 15.28000 ? 10  LEU C HG   1 
ATOM   445 H  HD11 . LEU C 1 10 ? -1.31211  2.33108   4.09578   1.000 22.64000 ? 10  LEU C HD11 1 
ATOM   446 H  HD12 . LEU C 1 10 ? 0.12234   3.00332   4.22307   1.000 22.64000 ? 10  LEU C HD12 1 
ATOM   447 H  HD13 . LEU C 1 10 ? -1.15724  3.74361   4.80562   1.000 22.64000 ? 10  LEU C HD13 1 
ATOM   448 H  HD21 . LEU C 1 10 ? -2.89070  3.09667   2.47557   1.000 17.08000 ? 10  LEU C HD21 1 
ATOM   449 H  HD22 . LEU C 1 10 ? -2.90726  4.53522   3.15000   1.000 17.08000 ? 10  LEU C HD22 1 
ATOM   450 H  HD23 . LEU C 1 10 ? -2.59497  4.38840   1.59881   1.000 17.08000 ? 10  LEU C HD23 1 
HETATM 451 N  N    . NH2 C 1 11 ? 1.11800   8.10489   1.44320   1.000 11.85142 ? 11  NH2 C N    1 
HETATM 452 H  HN1  . NH2 C 1 11 ? 1.49136   8.88960   1.63743   1.000 14.22000 ? 11  NH2 C HN1  1 
HETATM 453 H  HN2  . NH2 C 1 11 ? 1.76832   7.50639   1.55816   1.000 14.22000 ? 11  NH2 C HN2  1 
HETATM 454 C  C    . ACE D 1 1  ? -20.37937 -5.32091  -3.27386  1.000 8.15887  ? 1   ACE D C    1 
HETATM 455 O  O    . ACE D 1 1  ? -19.61882 -6.28693  -2.93316  1.000 7.69566  ? 1   ACE D O    1 
HETATM 456 C  CH3  . ACE D 1 1  ? -20.45246 -4.16074  -2.30142  1.000 7.55000  ? 1   ACE D CH3  1 
HETATM 457 H  H1   . ACE D 1 1  ? -19.64516 -3.62521  -2.35074  1.000 9.06000  ? 1   ACE D H1   1 
HETATM 458 H  H2   . ACE D 1 1  ? -20.55161 -4.48503  -1.39361  1.000 9.06000  ? 1   ACE D H2   1 
HETATM 459 H  H3   . ACE D 1 1  ? -21.21133 -3.59173  -2.50898  1.000 9.06000  ? 1   ACE D H3   1 
ATOM   460 N  N    . LEU D 1 2  ? -21.18913 -5.54172  -4.42436  1.000 9.74591  ? 2   LEU D N    1 
ATOM   461 C  CA   . LEU D 1 2  ? -21.23186 -6.82126  -5.09102  1.000 11.07238 ? 2   LEU D CA   1 
ATOM   462 C  C    . LEU D 1 2  ? -19.93056 -7.08224  -5.83672  1.000 7.88516  ? 2   LEU D C    1 
ATOM   463 O  O    . LEU D 1 2  ? -19.41216 -8.20203  -5.81162  1.000 8.21414  ? 2   LEU D O    1 
ATOM   464 C  CB   . LEU D 1 2  ? -22.41093 -6.81780  -6.06059  1.000 9.95646  ? 2   LEU D CB   1 
ATOM   465 C  CG   . LEU D 1 2  ? -23.76868 -6.87016  -5.35585  1.000 11.71983 ? 2   LEU D CG   1 
ATOM   466 C  CD1  . LEU D 1 2  ? -24.89598 -6.57756  -6.35191  1.000 11.91722 ? 2   LEU D CD1  1 
ATOM   467 C  CD2  . LEU D 1 2  ? -23.97186 -8.20302  -4.68055  1.000 9.34849  ? 2   LEU D CD2  1 
ATOM   468 H  H    . LEU D 1 2  ? -21.90723 -5.07889  -4.51464  1.000 11.70000 ? 2   LEU D H    1 
ATOM   469 H  HA   . LEU D 1 2  ? -21.34784 -7.54051  -4.45085  1.000 13.29000 ? 2   LEU D HA   1 
ATOM   470 H  HB2  . LEU D 1 2  ? -22.37923 -6.00621  -6.58952  1.000 11.95000 ? 2   LEU D HB2  1 
ATOM   471 H  HB3  . LEU D 1 2  ? -22.34295 -7.59387  -6.63910  1.000 11.95000 ? 2   LEU D HB3  1 
ATOM   472 H  HG   . LEU D 1 2  ? -23.79637 -6.18948  -4.66610  1.000 14.06000 ? 2   LEU D HG   1 
ATOM   473 H  HD11 . LEU D 1 2  ? -25.74115 -6.55991  -5.87698  1.000 14.30000 ? 2   LEU D HD11 1 
ATOM   474 H  HD12 . LEU D 1 2  ? -24.73282 -5.71707  -6.76938  1.000 14.30000 ? 2   LEU D HD12 1 
ATOM   475 H  HD13 . LEU D 1 2  ? -24.91072 -7.27447  -7.02664  1.000 14.30000 ? 2   LEU D HD13 1 
ATOM   476 H  HD21 . LEU D 1 2  ? -23.73666 -8.91090  -5.30081  1.000 11.22000 ? 2   LEU D HD21 1 
ATOM   477 H  HD22 . LEU D 1 2  ? -23.40372 -8.24922  -3.89583  1.000 11.22000 ? 2   LEU D HD22 1 
ATOM   478 H  HD23 . LEU D 1 2  ? -24.90231 -8.28676  -4.41976  1.000 11.22000 ? 2   LEU D HD23 1 
HETATM 479 N  N    . AIB D 1 3  ? -19.41902 -6.06039  -6.53459  1.000 8.33521  ? 3   AIB D N    1 
HETATM 480 C  CA   . AIB D 1 3  ? -18.16708 -6.19053  -7.26878  1.000 9.87224  ? 3   AIB D CA   1 
HETATM 481 C  C    . AIB D 1 3  ? -17.01868 -6.80350  -6.45565  1.000 8.73263  ? 3   AIB D C    1 
HETATM 482 O  O    . AIB D 1 3  ? -16.32001 -7.73631  -6.85528  1.000 8.50891  ? 3   AIB D O    1 
HETATM 483 C  CB1  . AIB D 1 3  ? -18.43152 -7.11590  -8.48257  1.000 7.91411  ? 3   AIB D CB1  1 
HETATM 484 C  CB2  . AIB D 1 3  ? -17.64689 -4.81856  -7.77972  1.000 8.42206  ? 3   AIB D CB2  1 
HETATM 485 H  H    . AIB D 1 3  ? -19.95622 -5.29734  -6.89505  1.000 10.00000 ? 3   AIB D H    1 
HETATM 486 H  HB11 . AIB D 1 3  ? -17.48598 -7.26383  -9.05544  1.000 9.50000  ? 3   AIB D HB11 1 
HETATM 487 H  HB12 . AIB D 1 3  ? -18.80432 -8.10570  -8.12620  1.000 9.50000  ? 3   AIB D HB12 1 
HETATM 488 H  HB13 . AIB D 1 3  ? -19.19780 -6.65269  -9.14917  1.000 9.50000  ? 3   AIB D HB13 1 
HETATM 489 H  HB21 . AIB D 1 3  ? -16.62985 -4.95581  -8.21901  1.000 10.11000 ? 3   AIB D HB21 1 
HETATM 490 H  HB22 . AIB D 1 3  ? -18.34738 -4.43057  -8.55820  1.000 10.11000 ? 3   AIB D HB22 1 
HETATM 491 H  HB23 . AIB D 1 3  ? -17.59734 -4.10569  -6.92235  1.000 10.11000 ? 3   AIB D HB23 1 
ATOM   492 N  N    . GLU D 1 4  ? -16.85019 -6.24670  -5.26582  1.000 8.93528  ? 4   GLU D N    1 
ATOM   493 C  CA   . GLU D 1 4  ? -15.77033 -6.66311  -4.39763  1.000 9.28269  ? 4   GLU D CA   1 
ATOM   494 C  C    . GLU D 1 4  ? -16.09894 -8.02475  -3.81933  1.000 11.16186 ? 4   GLU D C    1 
ATOM   495 O  O    . GLU D 1 4  ? -15.21098 -8.86237  -3.71297  1.000 9.29059  ? 4   GLU D O    1 
ATOM   496 C  CB   . GLU D 1 4  ? -15.49919 -5.66415  -3.26443  1.000 9.31691  ? 4   GLU D CB   1 
ATOM   497 C  CG   . GLU D 1 4  ? -14.48399 -6.26452  -2.26887  1.000 9.70906  ? 4   GLU D CG   1 
ATOM   498 C  CD   . GLU D 1 4  ? -14.18366 -5.45435  -1.03162  1.000 10.64601 ? 4   GLU D CD   1 
ATOM   499 O  OE1  . GLU D 1 4  ? -14.94114 -4.49900  -0.72441  1.000 10.02752 ? 4   GLU D OE1  1 
ATOM   500 O  OE2  . GLU D 1 4  ? -13.19927 -5.84120  -0.33958  1.000 12.89891 ? 4   GLU D OE2  1 
ATOM   501 H  H    . GLU D 1 4  ? -17.34953 -5.62552  -4.94116  1.000 10.73000 ? 4   GLU D H    1 
ATOM   502 H  HA   . GLU D 1 4  ? -14.95207 -6.70513  -4.91688  1.000 11.14000 ? 4   GLU D HA   1 
ATOM   503 H  HB2  . GLU D 1 4  ? -15.13050 -4.84548  -3.63128  1.000 11.18000 ? 4   GLU D HB2  1 
ATOM   504 H  HB3  . GLU D 1 4  ? -16.32535 -5.47397  -2.79126  1.000 11.18000 ? 4   GLU D HB3  1 
ATOM   505 H  HG2  . GLU D 1 4  ? -14.82683 -7.12139  -1.96934  1.000 11.65000 ? 4   GLU D HG2  1 
ATOM   506 H  HG3  . GLU D 1 4  ? -13.64225 -6.38840  -2.73592  1.000 11.65000 ? 4   GLU D HG3  1 
HETATM 507 N  N    . AIB D 1 5  ? -17.35571 -8.26095  -3.44389  1.000 9.51167  ? 5   AIB D N    1 
HETATM 508 C  CA   . AIB D 1 5  ? -17.76636 -9.55666  -2.91559  1.000 8.45628  ? 5   AIB D CA   1 
HETATM 509 C  C    . AIB D 1 5  ? -17.38164 -10.71007 -3.87321  1.000 8.66683  ? 5   AIB D C    1 
HETATM 510 O  O    . AIB D 1 5  ? -16.79014 -11.72918 -3.55543  1.000 7.80094  ? 5   AIB D O    1 
HETATM 511 C  CB1  . AIB D 1 5  ? -17.10582 -9.81164  -1.55716  1.000 8.07202  ? 5   AIB D CB1  1 
HETATM 512 C  CB2  . AIB D 1 5  ? -19.29287 -9.64192  -2.73447  1.000 10.34598 ? 5   AIB D CB2  1 
HETATM 513 H  H    . AIB D 1 5  ? -18.15092 -7.75679  -3.78532  1.000 11.41000 ? 5   AIB D H    1 
HETATM 514 H  HB11 . AIB D 1 5  ? -17.26751 -10.87299 -1.25313  1.000 9.69000  ? 5   AIB D HB11 1 
HETATM 515 H  HB12 . AIB D 1 5  ? -16.01000 -9.61168  -1.62818  1.000 9.69000  ? 5   AIB D HB12 1 
HETATM 516 H  HB13 . AIB D 1 5  ? -17.55347 -9.13696  -0.78866  1.000 9.69000  ? 5   AIB D HB13 1 
HETATM 517 H  HB21 . AIB D 1 5  ? -19.55564 -10.64251 -2.31272  1.000 12.42000 ? 5   AIB D HB21 1 
HETATM 518 H  HB22 . AIB D 1 5  ? -19.62373 -8.83654  -2.03529  1.000 12.42000 ? 5   AIB D HB22 1 
HETATM 519 H  HB23 . AIB D 1 5  ? -19.78602 -9.50710  -3.72780  1.000 12.42000 ? 5   AIB D HB23 1 
ATOM   520 N  N    . LEU D 1 6  ? -17.72752 -10.49778 -5.12949  1.000 8.80895  ? 6   LEU D N    1 
ATOM   521 C  CA   . LEU D 1 6  ? -17.38193 -11.44828 -6.18092  1.000 10.24597 ? 6   LEU D CA   1 
ATOM   522 C  C    . LEU D 1 6  ? -15.86319 -11.59671 -6.31188  1.000 9.46692  ? 6   LEU D C    1 
ATOM   523 O  O    . LEU D 1 6  ? -15.35026 -12.71333 -6.38909  1.000 9.91171  ? 6   LEU D O    1 
ATOM   524 C  CB   . LEU D 1 6  ? -17.98485 -10.99077 -7.51214  1.000 9.54062  ? 6   LEU D CB   1 
ATOM   525 C  CG   . LEU D 1 6  ? -17.71031 -11.91033 -8.70679  1.000 10.54074 ? 6   LEU D CG   1 
ATOM   526 C  CD1  . LEU D 1 6  ? -18.26072 -13.30560 -8.41965  1.000 10.72497 ? 6   LEU D CD1  1 
ATOM   527 C  CD2  . LEU D 1 6  ? -18.32971 -11.34184 -9.96381  1.000 11.11975 ? 6   LEU D CD2  1 
ATOM   528 H  H    . LEU D 1 6  ? -18.16366 -9.80887  -5.40489  1.000 10.57000 ? 6   LEU D H    1 
ATOM   529 H  HA   . LEU D 1 6  ? -17.74706 -12.32004 -5.96130  1.000 12.30000 ? 6   LEU D HA   1 
ATOM   530 H  HB2  . LEU D 1 6  ? -18.94695 -10.93166 -7.40686  1.000 11.45000 ? 6   LEU D HB2  1 
ATOM   531 H  HB3  . LEU D 1 6  ? -17.62010 -10.11880 -7.72754  1.000 11.45000 ? 6   LEU D HB3  1 
ATOM   532 H  HG   . LEU D 1 6  ? -16.75441 -11.98016 -8.85214  1.000 12.65000 ? 6   LEU D HG   1 
ATOM   533 H  HD11 . LEU D 1 6  ? -18.24605 -13.82573 -9.23783  1.000 12.87000 ? 6   LEU D HD11 1 
ATOM   534 H  HD12 . LEU D 1 6  ? -17.70723 -13.73090 -7.74678  1.000 12.87000 ? 6   LEU D HD12 1 
ATOM   535 H  HD13 . LEU D 1 6  ? -19.17163 -13.22508 -8.09523  1.000 12.87000 ? 6   LEU D HD13 1 
ATOM   536 H  HD21 . LEU D 1 6  ? -18.06980 -11.89125 -10.72061 1.000 13.34000 ? 6   LEU D HD21 1 
ATOM   537 H  HD22 . LEU D 1 6  ? -19.29435 -11.34336 -9.86944  1.000 13.34000 ? 6   LEU D HD22 1 
ATOM   538 H  HD23 . LEU D 1 6  ? -18.01083 -10.43452 -10.08960 1.000 13.34000 ? 6   LEU D HD23 1 
ATOM   539 N  N    . HIS D 1 7  ? -15.15351 -10.46213 -6.36288  1.000 9.29322  ? 7   HIS D N    1 
ATOM   540 C  CA   . HIS D 1 7  ? -13.68792 -10.45000 -6.43821  1.000 7.88252  ? 7   HIS D CA   1 
ATOM   541 C  C    . HIS D 1 7  ? -13.08070 -11.30424 -5.32620  1.000 6.27180  ? 7   HIS D C    1 
ATOM   542 O  O    . HIS D 1 7  ? -12.17300 -12.12667 -5.55317  1.000 6.96399  ? 7   HIS D O    1 
ATOM   543 C  CB   . HIS D 1 7  ? -13.22986 -8.97437  -6.35217  1.000 8.29310  ? 7   HIS D CB   1 
ATOM   544 C  CG   . HIS D 1 7  ? -11.74821 -8.74971  -6.27895  1.000 11.12502 ? 7   HIS D CG   1 
ATOM   545 N  ND1  . HIS D 1 7  ? -11.01140 -9.00078  -5.14181  1.000 12.47518 ? 7   HIS D ND1  1 
ATOM   546 C  CD2  . HIS D 1 7  ? -10.88091 -8.21703  -7.17574  1.000 8.44049  ? 7   HIS D CD2  1 
ATOM   547 C  CE1  . HIS D 1 7  ? -9.75068  -8.66108  -5.34890  1.000 14.39383 ? 7   HIS D CE1  1 
ATOM   548 N  NE2  . HIS D 1 7  ? -9.64474  -8.17915  -6.57466  1.000 12.68310 ? 7   HIS D NE2  1 
ATOM   549 H  H    . HIS D 1 7  ? -15.50087 -9.67557  -6.35469  1.000 11.15000 ? 7   HIS D H    1 
ATOM   550 H  HA   . HIS D 1 7  ? -13.37616 -10.82357 -7.27740  1.000 9.46000  ? 7   HIS D HA   1 
ATOM   551 H  HB2  . HIS D 1 7  ? -13.55092 -8.50989  -7.14075  1.000 9.95000  ? 7   HIS D HB2  1 
ATOM   552 H  HB3  . HIS D 1 7  ? -13.61840 -8.58216  -5.55445  1.000 9.95000  ? 7   HIS D HB3  1 
ATOM   553 H  HD1  . HIS D 1 7  ? -11.32343 -9.32967  -4.41114  1.000 14.97000 ? 7   HIS D HD1  1 
ATOM   554 H  HD2  . HIS D 1 7  ? -11.08469 -7.92998  -8.03634  1.000 10.13000 ? 7   HIS D HD2  1 
ATOM   555 H  HE1  . HIS D 1 7  ? -9.05671  -8.74543  -4.73556  1.000 17.27000 ? 7   HIS D HE1  1 
ATOM   556 N  N    . ASN D 1 8  ? -13.58096 -11.13542 -4.11118  1.000 8.14835  ? 8   ASN D N    1 
ATOM   557 C  CA   . ASN D 1 8  ? -12.96885 -11.80711 -2.98872  1.000 8.81948  ? 8   ASN D CA   1 
ATOM   558 C  C    . ASN D 1 8  ? -13.32183 -13.28145 -3.00545  1.000 7.98517  ? 8   ASN D C    1 
ATOM   559 O  O    . ASN D 1 8  ? -12.48203 -14.12853 -2.72736  1.000 7.34562  ? 8   ASN D O    1 
ATOM   560 C  CB   . ASN D 1 8  ? -13.41380 -11.18688 -1.68056  1.000 6.36918  ? 8   ASN D CB   1 
ATOM   561 C  CG   . ASN D 1 8  ? -12.91219 -9.77012  -1.49761  1.000 9.63273  ? 8   ASN D CG   1 
ATOM   562 O  OD1  . ASN D 1 8  ? -12.16838 -9.22985  -2.32957  1.000 10.36966 ? 8   ASN D OD1  1 
ATOM   563 N  ND2  . ASN D 1 8  ? -13.32964 -9.14936  -0.40027  1.000 8.55366  ? 8   ASN D ND2  1 
ATOM   564 H  H    . ASN D 1 8  ? -14.26152 -10.64552 -3.91962  1.000 9.78000  ? 8   ASN D H    1 
ATOM   565 H  HA   . ASN D 1 8  ? -12.00493 -11.71375 -3.04677  1.000 10.58000 ? 8   ASN D HA   1 
ATOM   566 H  HB2  . ASN D 1 8  ? -14.38249 -11.16641 -1.65496  1.000 7.64000  ? 8   ASN D HB2  1 
ATOM   567 H  HB3  . ASN D 1 8  ? -13.07298 -11.72118 -0.94688  1.000 7.64000  ? 8   ASN D HB3  1 
ATOM   568 H  HD21 . ASN D 1 8  ? -13.85005 -9.55420  0.15134   1.000 10.27000 ? 8   ASN D HD21 1 
ATOM   569 H  HD22 . ASN D 1 8  ? -13.07788 -8.34239  -0.24057  1.000 10.27000 ? 8   ASN D HD22 1 
HETATM 570 N  N    . AIB D 1 9  ? -14.58155 -13.57530 -3.28442  1.000 6.62974  ? 9   AIB D N    1 
HETATM 571 C  CA   . AIB D 1 9  ? -15.05705 -14.93123 -3.39724  1.000 7.14559  ? 9   AIB D CA   1 
HETATM 572 C  C    . AIB D 1 9  ? -14.24156 -15.75832 -4.40089  1.000 6.73239  ? 9   AIB D C    1 
HETATM 573 O  O    . AIB D 1 9  ? -13.93858 -16.94610 -4.24977  1.000 6.86398  ? 9   AIB D O    1 
HETATM 574 C  CB1  . AIB D 1 9  ? -14.95821 -15.67099 -2.05769  1.000 7.25877  ? 9   AIB D CB1  1 
HETATM 575 C  CB2  . AIB D 1 9  ? -16.52082 -14.98773 -3.86212  1.000 6.89820  ? 9   AIB D CB2  1 
HETATM 576 H  H    . AIB D 1 9  ? -15.35132 -12.96161 -3.10283  1.000 7.96000  ? 9   AIB D H    1 
HETATM 577 H  HB11 . AIB D 1 9  ? -15.42543 -16.68037 -2.15117  1.000 8.71000  ? 9   AIB D HB11 1 
HETATM 578 H  HB12 . AIB D 1 9  ? -13.88635 -15.78739 -1.77019  1.000 8.71000  ? 9   AIB D HB12 1 
HETATM 579 H  HB13 . AIB D 1 9  ? -15.49069 -15.09062 -1.26765  1.000 8.71000  ? 9   AIB D HB13 1 
HETATM 580 H  HB21 . AIB D 1 9  ? -16.80080 -16.05173 -4.05407  1.000 8.28000  ? 9   AIB D HB21 1 
HETATM 581 H  HB22 . AIB D 1 9  ? -17.17438 -14.56070 -3.06361  1.000 8.28000  ? 9   AIB D HB22 1 
HETATM 582 H  HB23 . AIB D 1 9  ? -16.62862 -14.39177 -4.80144  1.000 8.28000  ? 9   AIB D HB23 1 
ATOM   583 N  N    . LEU D 1 10 ? -13.83826 -15.09129 -5.47472  1.000 8.65367  ? 10  LEU D N    1 
ATOM   584 C  CA   . LEU D 1 10 ? -13.11158 -15.77042 -6.54874  1.000 8.23783  ? 10  LEU D CA   1 
ATOM   585 C  C    . LEU D 1 10 ? -11.63764 -16.01995 -6.23271  1.000 10.36177 ? 10  LEU D C    1 
ATOM   586 O  O    . LEU D 1 10 ? -10.98813 -16.81263 -6.90917  1.000 6.73239  ? 10  LEU D O    1 
ATOM   587 C  CB   . LEU D 1 10 ? -13.27210 -15.04796 -7.88182  1.000 8.44838  ? 10  LEU D CB   1 
ATOM   588 C  CG   . LEU D 1 10 ? -14.69959 -15.15760 -8.42394  1.000 11.51717 ? 10  LEU D CG   1 
ATOM   589 C  CD1  . LEU D 1 10 ? -14.86396 -14.32149 -9.66973  1.000 8.77474  ? 10  LEU D CD1  1 
ATOM   590 C  CD2  . LEU D 1 10 ? -15.07430 -16.60958 -8.69752  1.000 8.97476  ? 10  LEU D CD2  1 
ATOM   591 H  H    . LEU D 1 10 ? -13.97090 -14.25153 -5.60751  1.000 10.39000 ? 10  LEU D H    1 
ATOM   592 H  HA   . LEU D 1 10 ? -13.51078 -16.64925 -6.64294  1.000 9.88000  ? 10  LEU D HA   1 
ATOM   593 H  HB2  . LEU D 1 10 ? -13.06425 -14.10855 -7.76139  1.000 10.14000 ? 10  LEU D HB2  1 
ATOM   594 H  HB3  . LEU D 1 10 ? -12.66895 -15.44119 -8.53182  1.000 10.14000 ? 10  LEU D HB3  1 
ATOM   595 H  HG   . LEU D 1 10 ? -15.31031 -14.81852 -7.75152  1.000 13.82000 ? 10  LEU D HG   1 
ATOM   596 H  HD11 . LEU D 1 10 ? -15.76434 -14.43673 -10.01100 1.000 10.53000 ? 10  LEU D HD11 1 
ATOM   597 H  HD12 . LEU D 1 10 ? -14.71217 -13.38900 -9.44664  1.000 10.53000 ? 10  LEU D HD12 1 
ATOM   598 H  HD13 . LEU D 1 10 ? -14.21826 -14.61223 -10.33268 1.000 10.53000 ? 10  LEU D HD13 1 
ATOM   599 H  HD21 . LEU D 1 10 ? -15.87228 -16.63072 -9.24901  1.000 10.77000 ? 10  LEU D HD21 1 
ATOM   600 H  HD22 . LEU D 1 10 ? -14.34117 -17.04329 -9.15991  1.000 10.77000 ? 10  LEU D HD22 1 
ATOM   601 H  HD23 . LEU D 1 10 ? -15.24484 -17.05621 -7.85346  1.000 10.77000 ? 10  LEU D HD23 1 
HETATM 602 N  N    . NH2 D 1 11 ? -11.01452 -15.28330 -5.18057  1.000 8.33784  ? 11  NH2 D N    1 
HETATM 603 H  HN1  . NH2 D 1 11 ? -10.14934 -15.11322 -5.31744  1.000 10.00000 ? 11  NH2 D HN1  1 
HETATM 604 H  HN2  . NH2 D 1 11 ? -11.39720 -14.49124 -5.03436  1.000 10.00000 ? 11  NH2 D HN2  1 
HETATM 605 CO CO   . CO  E 2 .  ? -8.33549  -6.71082  -7.53220  1.000 10.24597 ? 101 CO  A CO   1 
HETATM 606 N  N    . CCN F 3 .  ? -5.48853  -15.22110 -1.57566  1.000 15.16761 ? 102 CCN A N    1 
HETATM 607 C  C1   . CCN F 3 .  ? -5.09268  -14.27315 -2.09182  1.000 18.28114 ? 102 CCN A C1   1 
HETATM 608 C  C2   . CCN F 3 .  ? -4.55514  -13.12313 -2.79358  1.000 17.02046 ? 102 CCN A C2   1 
HETATM 609 H  H21  . CCN F 3 .  ? -3.58627  -13.16653 -2.80948  1.000 20.43000 ? 102 CCN A H21  1 
HETATM 610 H  H22  . CCN F 3 .  ? -4.88506  -13.10606 -3.70569  1.000 20.43000 ? 102 CCN A H22  1 
HETATM 611 H  H23  . CCN F 3 .  ? -4.82544  -12.30549 -2.34595  1.000 20.43000 ? 102 CCN A H23  1 
HETATM 612 N  N    . CCN G 3 .  ? -5.07386  -6.07197  5.13291   1.000 10.36440 ? 103 CCN A N    1 
HETATM 613 C  C1   . CCN G 3 .  ? -5.75439  -7.00159  5.05989   1.000 10.33019 ? 103 CCN A C1   1 
HETATM 614 C  C2   . CCN G 3 .  ? -6.56855  -8.19410  4.97080   1.000 8.89580  ? 103 CCN A C2   1 
HETATM 615 H  H21  . CCN G 3 .  ? -6.36093  -8.67719  4.15526   1.000 10.68000 ? 103 CCN A H21  1 
HETATM 616 H  H22  . CCN G 3 .  ? -6.39617  -8.77141  5.73134   1.000 10.68000 ? 103 CCN A H22  1 
HETATM 617 H  H23  . CCN G 3 .  ? -7.50810  -7.95502  4.96337   1.000 10.68000 ? 103 CCN A H23  1 
HETATM 618 CO CO   . CO  H 2 .  ? 12.24728  5.35796   -1.58921  1.000 9.27480  ? 101 CO  C CO   1 
HETATM 619 N  N    . CCN I 3 .  ? -15.29447 -2.36784  -5.62327  1.000 14.50437 ? 101 CCN D N    1 
HETATM 620 C  C1   . CCN I 3 .  ? -14.17683 -2.07127  -5.62303  1.000 15.42817 ? 101 CCN D C1   1 
HETATM 621 C  C2   . CCN I 3 .  ? -12.78096 -1.69493  -5.69000  1.000 18.54696 ? 101 CCN D C2   1 
HETATM 622 H  H21  . CCN I 3 .  ? -12.67145 -0.93061  -6.27710  1.000 22.26000 ? 101 CCN D H21  1 
HETATM 623 H  H22  . CCN I 3 .  ? -12.45656 -1.46167  -4.80637  1.000 22.26000 ? 101 CCN D H22  1 
HETATM 624 H  H23  . CCN I 3 .  ? -12.25463 -2.43352  -6.03357  1.000 22.26000 ? 101 CCN D H23  1 
HETATM 625 N  N    . CCN J 3 .  ? -9.91733  -11.05621 -1.86193  1.000 18.09427 ? 102 CCN D N    1 
HETATM 626 C  C1   . CCN J 3 .  ? -9.85669  -12.19917 -1.81157  1.000 16.43092 ? 102 CCN D C1   1 
HETATM 627 C  C2   . CCN J 3 .  ? -9.78534  -13.64224 -1.71174  1.000 14.10169 ? 102 CCN D C2   1 
HETATM 628 H  H21  . CCN J 3 .  ? -9.53798  -14.02238 -2.56917  1.000 16.92000 ? 102 CCN D H21  1 
HETATM 629 H  H22  . CCN J 3 .  ? -9.12154  -13.89675 -1.05226  1.000 16.92000 ? 102 CCN D H22  1 
HETATM 630 H  H23  . CCN J 3 .  ? -10.64653 -13.99983 -1.44589  1.000 16.92000 ? 102 CCN D H23  1 
HETATM 631 O  O    . HOH K 4 .  ? -8.47248  -8.92101  -1.82342  1.000 21.07358 ? 201 HOH A O    1 
HETATM 632 O  O    . HOH K 4 .  ? -4.84546  -0.58266  -8.53899  1.000 17.50999 ? 202 HOH A O    1 
HETATM 633 O  O    . HOH K 4 .  ? -4.69970  -2.62290  -6.90164  1.000 19.64972 ? 203 HOH A O    1 
HETATM 634 O  O    . HOH K 4 .  ? -7.79844  -5.17897  -8.21435  1.000 32.79604 ? 204 HOH A O    1 
HETATM 635 O  O    . HOH K 4 .  ? -9.45317  0.07909   -3.43195  1.000 12.00933 ? 205 HOH A O    1 
HETATM 636 O  O    . HOH K 4 .  ? -8.18619  1.89459   -7.00339  1.000 10.85920 ? 206 HOH A O    1 
HETATM 637 O  O    . HOH K 4 .  ? -6.71382  -8.05361  -7.87535  1.000 21.44731 ? 207 HOH A O    1 
HETATM 638 O  O    . HOH K 4 .  ? -9.14199  -2.56839  -4.18715  1.000 14.28856 ? 208 HOH A O    1 
HETATM 639 O  O    . HOH K 4 .  ? -6.02677  -8.65533  -3.21755  1.000 24.37134 ? 209 HOH A O    1 
HETATM 640 O  O    . HOH K 4 .  ? -5.04999  -10.52949 4.06980   1.000 10.32492 ? 210 HOH A O    1 
HETATM 641 O  O    . HOH K 4 .  ? -3.37452  -11.55606 0.08084   1.000 13.05156 ? 211 HOH A O    1 
HETATM 642 O  O    . HOH K 4 .  ? -8.35501  -8.63494  7.07498   1.000 18.06532 ? 212 HOH A O    1 
HETATM 643 O  O    . HOH K 4 .  ? -1.54414  -13.22751 -0.56613  1.000 15.41764 ? 213 HOH A O    1 
HETATM 644 O  O    . HOH L 4 .  ? 12.73118  8.42579   9.26711   1.000 15.09655 ? 101 HOH B O    1 
HETATM 645 O  O    . HOH L 4 .  ? 11.98125  7.47760   -0.06438  1.000 21.19991 ? 102 HOH B O    1 
HETATM 646 O  O    . HOH L 4 .  ? 15.63891  4.49934   5.50583   1.000 15.90191 ? 103 HOH B O    1 
HETATM 647 O  O    . HOH L 4 .  ? 10.68758  8.41226   -2.98330  1.000 24.76086 ? 104 HOH B O    1 
HETATM 648 O  O    . HOH L 4 .  ? 15.85806  3.64108   9.73201   1.000 9.43271  ? 105 HOH B O    1 
HETATM 649 O  O    A HOH L 4 .  ? 13.62775  6.91698   11.71394  0.590 9.10109  ? 106 HOH B O    1 
HETATM 650 O  O    B HOH L 4 .  ? 12.26285  5.01559   12.15491  0.410 8.00096  ? 106 HOH B O    1 
HETATM 651 O  O    . HOH L 4 .  ? 12.43716  12.99558  -2.78066  1.000 25.49253 ? 107 HOH B O    1 
HETATM 652 O  O    . HOH L 4 .  ? 9.24543   11.56383  -3.75380  1.000 22.59218 ? 108 HOH B O    1 
HETATM 653 O  O    . HOH L 4 .  ? 11.46491  4.92413   3.12647   1.000 19.14177 ? 109 HOH B O    1 
HETATM 654 O  O    . HOH L 4 .  ? 10.54487  14.32783  -1.99257  1.000 11.46453 ? 110 HOH B O    1 
HETATM 655 O  O    . HOH L 4 .  ? 8.60795   10.35641  3.71519   1.000 18.74435 ? 111 HOH B O    1 
HETATM 656 O  O    . HOH L 4 .  ? 12.46308  11.94833  -5.36215  1.000 22.76326 ? 112 HOH B O    1 
HETATM 657 O  O    . HOH L 4 .  ? 13.55010  2.85913   11.02135  1.000 11.48296 ? 113 HOH B O    1 
HETATM 658 O  O    . HOH M 4 .  ? 0.35350   8.27515   4.82998   1.000 15.37816 ? 201 HOH C O    1 
HETATM 659 O  O    . HOH M 4 .  ? 13.20751  3.52676   -2.03440  1.000 18.13902 ? 202 HOH C O    1 
HETATM 660 O  O    . HOH M 4 .  ? 11.55760  0.23902   -2.27147  1.000 13.14105 ? 203 HOH C O    1 
HETATM 661 O  O    . HOH M 4 .  ? 4.20160   9.35444   -0.14391  1.000 16.96782 ? 204 HOH C O    1 
HETATM 662 O  O    . HOH M 4 .  ? 9.83896   5.95486   1.75523   1.000 21.43415 ? 205 HOH C O    1 
HETATM 663 O  O    . HOH M 4 .  ? 13.43956  5.28507   0.02834   1.000 20.25243 ? 206 HOH C O    1 
HETATM 664 O  O    . HOH M 4 .  ? 2.97252   7.04012   4.88385   1.000 9.18531  ? 207 HOH C O    1 
HETATM 665 O  O    . HOH M 4 .  ? 5.12061   0.68121   5.70908   1.000 14.95179 ? 208 HOH C O    1 
HETATM 666 O  O    . HOH M 4 .  ? 13.51831  3.20968   1.73727   1.000 21.11043 ? 209 HOH C O    1 
HETATM 667 O  O    . HOH M 4 .  ? 0.86704   11.19921  1.48684   1.000 8.54839  ? 210 HOH C O    1 
HETATM 668 O  O    . HOH M 4 .  ? 11.26588  7.14404   -1.73317  1.000 23.06066 ? 211 HOH C O    1 
HETATM 669 O  O    . HOH M 4 .  ? 13.39427  0.56278   1.83298   1.000 14.97022 ? 212 HOH C O    1 
HETATM 670 O  O    . HOH M 4 .  ? 12.13148  -1.30528  0.04112   1.000 9.92224  ? 213 HOH C O    1 
HETATM 671 O  O    . HOH M 4 .  ? 4.85801   8.99177   4.76497   1.000 16.63094 ? 214 HOH C O    1 
HETATM 672 O  O    . HOH M 4 .  ? 5.72035   9.42453   2.12031   1.000 22.00001 ? 215 HOH C O    1 
HETATM 673 O  O    . HOH M 4 .  ? 13.54922  2.67455   -4.76513  1.000 13.65953 ? 216 HOH C O    1 
HETATM 674 O  O    . HOH M 4 .  ? 16.13948  3.46506   -1.21795  1.000 14.23329 ? 217 HOH C O    1 
HETATM 675 O  O    . HOH M 4 .  ? 13.22812  0.00987   -4.61678  1.000 27.04798 ? 218 HOH C O    1 
HETATM 676 O  O    . HOH M 4 .  ? 1.58182   10.48057  6.19447   1.000 24.71086 ? 219 HOH C O    1 
HETATM 677 O  O    . HOH M 4 .  ? 16.51541  1.23461   -0.56002  1.000 23.27384 ? 220 HOH C O    1 
HETATM 678 O  O    . HOH M 4 .  ? 15.11360  -0.76340  3.65158   1.000 21.07621 ? 221 HOH C O    1 
HETATM 679 O  O    . HOH M 4 .  ? 17.17534  4.05869   -3.67057  1.000 16.77833 ? 222 HOH C O    1 
HETATM 680 O  O    . HOH N 4 .  ? -17.56434 -4.49026  -0.00946  1.000 14.45700 ? 201 HOH D O    1 
HETATM 681 O  O    . HOH N 4 .  ? -10.38324 -12.35825 -7.61020  1.000 12.95945 ? 202 HOH D O    1 
HETATM 682 O  O    . HOH N 4 .  ? -14.10879 -4.83329  -6.55469  1.000 23.10540 ? 203 HOH D O    1 
HETATM 683 O  O    . HOH N 4 .  ? -9.44383  -14.72933 -8.25733  1.000 9.87487  ? 204 HOH D O    1 
HETATM 684 O  O    . HOH N 4 .  ? -10.42437 -6.94921  -1.69126  1.000 16.73359 ? 205 HOH D O    1 
HETATM 685 O  O    . HOH N 4 .  ? -14.83810 -7.92903  -9.42405  1.000 11.34083 ? 206 HOH D O    1 
HETATM 686 O  O    . HOH N 4 .  ? -9.87038  -5.28455  -7.21935  1.000 15.90717 ? 207 HOH D O    1 
HETATM 687 O  O    . HOH N 4 .  ? -8.53410  -16.84532 -4.21423  1.000 12.37780 ? 208 HOH D O    1 
HETATM 688 O  O    . HOH N 4 .  ? -12.37098 -2.64240  -1.43464  1.000 18.96806 ? 209 HOH D O    1 
HETATM 689 O  O    . HOH N 4 .  ? -17.44197 -2.47430  -2.18334  1.000 8.83527  ? 210 HOH D O    1 
HETATM 690 O  O    . HOH N 4 .  ? -11.08771 -4.51881  -2.84731  1.000 28.88241 ? 211 HOH D O    1 
HETATM 691 O  O    . HOH N 4 .  ? -11.95840 -5.48459  -5.46922  1.000 20.53404 ? 212 HOH D O    1 
HETATM 692 O  O    . HOH N 4 .  ? -16.33327 -1.22179  0.35498   1.000 20.91830 ? 213 HOH D O    1 
HETATM 693 O  O    . HOH N 4 .  ? -6.38929  -9.86933  -5.84420  1.000 37.78348 ? 214 HOH D O    1 
HETATM 694 O  O    . HOH N 4 .  ? -7.10576  -14.33965 -8.07462  1.000 18.19429 ? 215 HOH D O    1 
HETATM 695 O  O    . HOH N 4 .  ? -13.22311 -1.23746  2.33830   1.000 22.55797 ? 216 HOH D O    1 
HETATM 696 O  O    . HOH N 4 .  ? -14.74975 0.13090   0.57016   1.000 21.64207 ? 217 HOH D O    1 
# 
loop_
_atom_site_anisotrop.id 
_atom_site_anisotrop.type_symbol 
_atom_site_anisotrop.pdbx_label_atom_id 
_atom_site_anisotrop.pdbx_label_alt_id 
_atom_site_anisotrop.pdbx_label_comp_id 
_atom_site_anisotrop.pdbx_label_asym_id 
_atom_site_anisotrop.pdbx_label_seq_id 
_atom_site_anisotrop.pdbx_PDB_ins_code 
_atom_site_anisotrop.U[1][1] 
_atom_site_anisotrop.U[2][2] 
_atom_site_anisotrop.U[3][3] 
_atom_site_anisotrop.U[1][2] 
_atom_site_anisotrop.U[1][3] 
_atom_site_anisotrop.U[2][3] 
_atom_site_anisotrop.pdbx_auth_seq_id 
_atom_site_anisotrop.pdbx_auth_comp_id 
_atom_site_anisotrop.pdbx_auth_asym_id 
_atom_site_anisotrop.pdbx_auth_atom_id 
1   C  C   . ACE A 1  ? 0.18162 0.11997 0.05241 0.00064  0.01855  0.01680  1   ACE A C   
2   O  O   . ACE A 1  ? 0.18203 0.12374 0.06643 0.01065  0.02040  0.03609  1   ACE A O   
7   N  N   . LEU A 2  ? 0.19771 0.17150 0.07608 -0.01404 -0.00563 0.05247  2   LEU A N   
8   C  CA  . LEU A 2  ? 0.16590 0.08557 0.13783 0.04410  -0.04746 -0.01734 2   LEU A CA  
9   C  C   . LEU A 2  ? 0.12928 0.12160 0.05451 0.01216  -0.01666 0.03537  2   LEU A C   
10  O  O   . LEU A 2  ? 0.10347 0.13298 0.04706 0.01051  0.01895  0.02091  2   LEU A O   
11  C  CB  . LEU A 2  ? 0.18366 0.06712 0.17162 0.03281  -0.04672 -0.01796 2   LEU A CB  
12  C  CG  . LEU A 2  ? 0.17378 0.13027 0.10555 -0.00114 0.00486  -0.00879 2   LEU A CG  
13  C  CD1 . LEU A 2  ? 0.15020 0.15760 0.08291 -0.00458 0.00655  0.01237  2   LEU A CD1 
14  C  CD2 . LEU A 2  ? 0.13876 0.09556 0.07328 0.02219  0.01105  0.03327  2   LEU A CD2 
26  N  N   . AIB A 3  ? 0.13521 0.14762 0.03947 -0.00430 -0.00200 0.01395  3   AIB A N   
27  C  CA  . AIB A 3  ? 0.13016 0.10758 0.06846 0.00909  -0.00672 -0.00225 3   AIB A CA  
28  C  C   . AIB A 3  ? 0.14370 0.08475 0.10466 -0.01885 -0.02278 -0.00155 3   AIB A C   
29  O  O   . AIB A 3  ? 0.15843 0.09499 0.10808 -0.05092 -0.02143 -0.02494 3   AIB A O   
30  C  CB1 . AIB A 3  ? 0.14351 0.14427 0.07182 0.00492  -0.02326 0.01035  3   AIB A CB1 
31  C  CB2 . AIB A 3  ? 0.10398 0.13680 0.06523 -0.00062 0.04057  -0.02039 3   AIB A CB2 
39  N  N   . GLU A 4  ? 0.12311 0.11441 0.09717 -0.01946 0.00858  0.01700  4   GLU A N   
40  C  CA  . GLU A 4  ? 0.14616 0.09833 0.11231 -0.00174 -0.00692 0.04807  4   GLU A CA  
41  C  C   . GLU A 4  ? 0.14738 0.10798 0.08505 -0.01802 0.01879  0.02340  4   GLU A C   
42  O  O   . GLU A 4  ? 0.11809 0.09987 0.06774 0.02030  -0.02155 0.03768  4   GLU A O   
43  C  CB  . GLU A 4  ? 0.15094 0.12382 0.10264 0.02705  -0.03299 0.05355  4   GLU A CB  
44  C  CG  . GLU A 4  ? 0.16669 0.21234 0.10767 0.00877  -0.03544 0.05381  4   GLU A CG  
45  C  CD  . GLU A 4  ? 0.20134 0.28784 0.16232 -0.04195 -0.05267 0.08646  4   GLU A CD  
46  O  OE1 . GLU A 4  ? 0.15253 0.25458 0.10668 -0.02158 0.00580  0.07599  4   GLU A OE1 
47  O  OE2 . GLU A 4  ? 0.21566 0.36714 0.11781 -0.06010 0.00612  0.05081  4   GLU A OE2 
54  N  N   . AIB A 5  ? 0.09973 0.10201 0.09897 0.00383  -0.01110 0.04322  5   AIB A N   
55  C  CA  . AIB A 5  ? 0.13801 0.08822 0.08987 0.00467  -0.01483 0.00104  5   AIB A CA  
56  C  C   . AIB A 5  ? 0.10331 0.11732 0.09867 0.02769  -0.00733 -0.00820 5   AIB A C   
57  O  O   . AIB A 5  ? 0.11597 0.09133 0.12350 0.04538  -0.02422 0.03218  5   AIB A O   
58  C  CB1 . AIB A 5  ? 0.14557 0.08274 0.07520 -0.02807 0.00352  0.03497  5   AIB A CB1 
59  C  CB2 . AIB A 5  ? 0.10053 0.10382 0.14095 0.03225  -0.03006 -0.00519 5   AIB A CB2 
67  N  N   . LEU A 6  ? 0.11436 0.08395 0.18399 0.02664  -0.02234 -0.03905 6   LEU A N   
68  C  CA  . LEU A 6  ? 0.09565 0.11524 0.09751 -0.00810 0.03003  -0.03529 6   LEU A CA  
69  C  C   . LEU A 6  ? 0.11568 0.10446 0.06527 -0.00196 0.02155  0.03523  6   LEU A C   
70  O  O   . LEU A 6  ? 0.12060 0.07321 0.05849 0.01937  -0.00043 0.03093  6   LEU A O   
71  C  CB  . LEU A 6  ? 0.14568 0.09654 0.10359 -0.02879 -0.05582 0.01907  6   LEU A CB  
72  C  CG  . LEU A 6  ? 0.07774 0.17942 0.14164 -0.04015 -0.00371 0.01438  6   LEU A CG  
73  C  CD1 . LEU A 6  ? 0.08592 0.17436 0.18512 -0.04868 -0.00327 0.05502  6   LEU A CD1 
74  C  CD2 . LEU A 6  ? 0.10440 0.16388 0.10372 -0.03225 0.01580  -0.03042 6   LEU A CD2 
86  N  N   . HIS A 7  ? 0.08710 0.15171 0.15279 -0.00125 -0.00051 0.03405  7   HIS A N   
87  C  CA  . HIS A 7  ? 0.07779 0.12402 0.14069 0.02106  0.00423  0.03546  7   HIS A CA  
88  C  C   . HIS A 7  ? 0.10205 0.08167 0.17588 0.04549  0.00116  -0.01232 7   HIS A C   
89  O  O   . HIS A 7  ? 0.13304 0.07784 0.18512 0.04210  -0.03859 0.00041  7   HIS A O   
90  C  CB  . HIS A 7  ? 0.08071 0.12368 0.07351 0.03171  0.01939  -0.01884 7   HIS A CB  
91  C  CG  . HIS A 7  ? 0.15804 0.11697 0.06279 0.00581  -0.02844 -0.00596 7   HIS A CG  
92  N  ND1 . HIS A 7  ? 0.16040 0.07372 0.04547 0.00518  0.00894  -0.01178 7   HIS A ND1 
93  C  CD2 . HIS A 7  ? 0.19820 0.16208 0.07592 -0.03505 -0.04756 0.02003  7   HIS A CD2 
94  C  CE1 . HIS A 7  ? 0.15105 0.13581 0.04273 -0.02416 -0.00002 0.00694  7   HIS A CE1 
95  N  NE2 . HIS A 7  ? 0.21787 0.16923 0.08670 -0.04485 -0.05606 0.01941  7   HIS A NE2 
103 N  N   . ASN A 8  ? 0.12278 0.09251 0.14031 0.03087  0.02482  -0.04872 8   ASN A N   
104 C  CA  . ASN A 8  ? 0.17167 0.13833 0.12770 -0.03685 0.02757  -0.02457 8   ASN A CA  
105 C  C   . ASN A 8  ? 0.11905 0.09547 0.08198 0.00363  0.03376  -0.02313 8   ASN A C   
106 O  O   . ASN A 8  ? 0.11208 0.09423 0.13368 0.00943  -0.05320 0.03820  8   ASN A O   
107 C  CB  . ASN A 8  ? 0.11883 0.11297 0.16160 -0.00295 0.05482  -0.05978 8   ASN A CB  
108 C  CG  . ASN A 8  ? 0.13023 0.06183 0.16403 0.00765  0.02886  -0.03658 8   ASN A CG  
109 O  OD1 . ASN A 8  ? 0.14344 0.06791 0.21945 -0.00187 0.00349  0.01275  8   ASN A OD1 
110 N  ND2 . ASN A 8  ? 0.16723 0.05058 0.11979 -0.02578 0.01334  0.00769  8   ASN A ND2 
117 N  N   . AIB A 9  ? 0.10209 0.08873 0.06958 0.00626  0.03463  0.00672  9   AIB A N   
118 C  CA  . AIB A 9  ? 0.13443 0.11308 0.15940 -0.00350 -0.00562 0.02863  9   AIB A CA  
119 C  C   . AIB A 9  ? 0.11664 0.08675 0.13460 0.03278  -0.01640 0.00840  9   AIB A C   
120 O  O   . AIB A 9  ? 0.14116 0.05819 0.07545 -0.00111 -0.04462 0.01619  9   AIB A O   
121 C  CB1 . AIB A 9  ? 0.14017 0.10316 0.10267 -0.00670 0.04851  -0.04507 9   AIB A CB1 
122 C  CB2 . AIB A 9  ? 0.15126 0.07946 0.14048 0.02498  -0.00295 -0.03791 9   AIB A CB2 
130 N  N   . LEU A 10 ? 0.11517 0.06945 0.12108 0.03957  -0.01698 0.02758  10  LEU A N   
131 C  CA  . LEU A 10 ? 0.16313 0.12494 0.10704 0.04188  -0.03625 0.04124  10  LEU A CA  
132 C  C   . LEU A 10 ? 0.19000 0.12524 0.10025 0.02730  -0.04901 0.03442  10  LEU A C   
133 O  O   . LEU A 10 ? 0.14888 0.10580 0.09902 0.04876  -0.02544 0.03030  10  LEU A O   
134 C  CB  . LEU A 10 ? 0.11711 0.21249 0.07691 0.03374  0.03042  -0.01198 10  LEU A CB  
135 C  CG  . LEU A 10 ? 0.12599 0.25434 0.11096 0.05930  0.03006  -0.02406 10  LEU A CG  
136 C  CD1 . LEU A 10 ? 0.15038 0.17546 0.16036 0.09190  -0.03323 -0.00802 10  LEU A CD1 
137 C  CD2 . LEU A 10 ? 0.19328 0.23486 0.11506 0.05806  -0.01796 -0.02174 10  LEU A CD2 
149 N  N   . NH2 A 11 ? 0.23755 0.16927 0.09538 -0.04136 -0.04541 0.04617  11  NH2 A N   
152 C  C   . ACE B 1  ? 0.09245 0.14730 0.08184 0.00621  0.01605  0.05683  1   ACE B C   
153 O  O   . ACE B 1  ? 0.11677 0.14439 0.11104 0.03375  -0.03016 0.00518  1   ACE B O   
158 N  N   . LEU B 2  ? 0.11496 0.15268 0.12386 0.01553  -0.02207 0.07214  2   LEU B N   
159 C  CA  . LEU B 2  ? 0.11495 0.14300 0.11356 0.02297  0.04433  0.01347  2   LEU B CA  
160 C  C   . LEU B 2  ? 0.15492 0.09384 0.14074 0.03321  0.02952  0.00124  2   LEU B C   
161 O  O   . LEU B 2  ? 0.11974 0.08509 0.13587 0.04203  0.00116  0.04273  2   LEU B O   
162 C  CB  . LEU B 2  ? 0.09429 0.20613 0.14308 0.01964  0.04324  -0.02098 2   LEU B CB  
163 C  CG  . LEU B 2  ? 0.13968 0.22797 0.08156 0.00214  0.01985  -0.04636 2   LEU B CG  
164 C  CD1 . LEU B 2  ? 0.14331 0.21268 0.08681 0.01365  -0.00284 -0.03071 2   LEU B CD1 
165 C  CD2 . LEU B 2  ? 0.16016 0.21036 0.08368 -0.00507 0.02486  -0.05526 2   LEU B CD2 
177 N  N   . AIB B 3  ? 0.12788 0.07108 0.07414 0.04625  0.03347  0.00816  3   AIB B N   
178 C  CA  . AIB B 3  ? 0.09784 0.09429 0.15197 0.04848  0.03274  0.00946  3   AIB B CA  
179 C  C   . AIB B 3  ? 0.07824 0.13897 0.15459 0.04872  0.02844  -0.01660 3   AIB B C   
180 O  O   . AIB B 3  ? 0.10940 0.11613 0.09937 0.04845  -0.00878 0.03982  3   AIB B O   
181 C  CB1 . AIB B 3  ? 0.14844 0.11868 0.07818 -0.01532 0.02218  0.04900  3   AIB B CB1 
182 C  CB2 . AIB B 3  ? 0.11960 0.11232 0.11917 0.05185  0.00065  0.04646  3   AIB B CB2 
190 N  N   . GLU B 4  ? 0.14705 0.17148 0.11696 -0.00224 -0.00214 0.01858  4   GLU B N   
191 C  CA  . GLU B 4  ? 0.11978 0.10212 0.15820 0.02612  -0.00059 0.02980  4   GLU B CA  
192 C  C   . GLU B 4  ? 0.07292 0.07083 0.11386 0.03635  -0.01757 0.01256  4   GLU B C   
193 O  O   . GLU B 4  ? 0.09968 0.07348 0.09954 0.03418  -0.02091 0.02968  4   GLU B O   
194 C  CB  . GLU B 4  ? 0.18842 0.12179 0.18550 -0.01541 -0.02802 0.07357  4   GLU B CB  
195 C  CG  . GLU B 4  ? 0.23847 0.10860 0.21413 -0.01017 -0.05709 0.06657  4   GLU B CG  
196 C  CD  . GLU B 4  ? 0.30841 0.09411 0.16208 -0.00293 -0.08983 0.01646  4   GLU B CD  
197 O  OE1 . GLU B 4  ? 0.26241 0.13557 0.13011 0.01351  -0.03939 -0.00770 4   GLU B OE1 
198 O  OE2 . GLU B 4  ? 0.34706 0.11544 0.15780 -0.04787 -0.09674 0.03023  4   GLU B OE2 
205 N  N   . AIB B 5  ? 0.09746 0.12142 0.10822 0.02014  -0.03190 0.04565  5   AIB B N   
206 C  CA  . AIB B 5  ? 0.05550 0.12766 0.16304 0.03136  -0.01042 0.00325  5   AIB B CA  
207 C  C   . AIB B 5  ? 0.06696 0.13714 0.07269 -0.02261 -0.00334 0.05019  5   AIB B C   
208 O  O   . AIB B 5  ? 0.06503 0.09132 0.12346 0.00603  -0.02684 0.04155  5   AIB B O   
209 C  CB1 . AIB B 5  ? 0.11769 0.10008 0.19423 0.04184  -0.06314 -0.02154 5   AIB B CB1 
210 C  CB2 . AIB B 5  ? 0.10188 0.09123 0.17239 0.03359  -0.03734 0.00948  5   AIB B CB2 
218 N  N   . LEU B 6  ? 0.07629 0.16375 0.11676 -0.02806 0.00584  0.02594  6   LEU B N   
219 C  CA  . LEU B 6  ? 0.09056 0.14342 0.16752 -0.03584 -0.01158 0.06286  6   LEU B CA  
220 C  C   . LEU B 6  ? 0.09563 0.11240 0.14847 -0.02450 0.00513  0.04384  6   LEU B C   
221 O  O   . LEU B 6  ? 0.07653 0.10672 0.09115 -0.00658 -0.01820 0.05611  6   LEU B O   
222 C  CB  . LEU B 6  ? 0.10607 0.09509 0.15774 -0.03072 -0.00517 0.05880  6   LEU B CB  
223 C  CG  . LEU B 6  ? 0.10516 0.12620 0.14705 -0.05217 0.01903  0.04007  6   LEU B CG  
224 C  CD1 . LEU B 6  ? 0.16178 0.12076 0.14625 -0.06951 -0.00397 0.04348  6   LEU B CD1 
225 C  CD2 . LEU B 6  ? 0.05850 0.08899 0.11931 -0.01332 0.01956  0.04080  6   LEU B CD2 
237 N  N   . HIS B 7  ? 0.11941 0.11392 0.11637 -0.01708 0.00653  0.03950  7   HIS B N   
238 C  CA  . HIS B 7  ? 0.08630 0.10328 0.14682 0.02859  -0.01682 0.00607  7   HIS B CA  
239 C  C   . HIS B 7  ? 0.10163 0.07755 0.17412 0.01072  -0.04870 0.03298  7   HIS B C   
240 O  O   . HIS B 7  ? 0.07866 0.08901 0.10323 0.00242  0.00752  0.01664  7   HIS B O   
241 C  CB  . HIS B 7  ? 0.15143 0.08267 0.16430 0.02503  -0.02551 -0.01995 7   HIS B CB  
242 C  CG  . HIS B 7  ? 0.11004 0.14015 0.13071 0.03045  -0.00941 0.01913  7   HIS B CG  
243 N  ND1 . HIS B 7  ? 0.07726 0.16715 0.15539 0.03426  -0.01758 0.05044  7   HIS B ND1 
244 C  CD2 . HIS B 7  ? 0.14980 0.18393 0.10657 0.01635  -0.03909 0.02452  7   HIS B CD2 
245 C  CE1 . HIS B 7  ? 0.10229 0.16412 0.20258 0.05085  -0.04107 0.01128  7   HIS B CE1 
246 N  NE2 . HIS B 7  ? 0.14318 0.15845 0.14317 0.04584  -0.06401 0.01792  7   HIS B NE2 
254 N  N   . ASN B 8  ? 0.10082 0.11056 0.13073 0.00331  -0.03196 -0.01761 8   ASN B N   
255 C  CA  . ASN B 8  ? 0.10763 0.16232 0.12675 -0.02979 -0.02655 -0.00256 8   ASN B CA  
256 C  C   . ASN B 8  ? 0.14203 0.18600 0.06546 -0.02057 -0.00922 0.03937  8   ASN B C   
257 O  O   . ASN B 8  ? 0.15156 0.17643 0.06951 -0.01512 -0.01238 0.04837  8   ASN B O   
258 C  CB  . ASN B 8  ? 0.09853 0.13969 0.09148 -0.04490 0.00038  -0.02889 8   ASN B CB  
259 C  CG  . ASN B 8  ? 0.10888 0.18807 0.10545 -0.06908 -0.00697 -0.03126 8   ASN B CG  
260 O  OD1 . ASN B 8  ? 0.12651 0.20063 0.11356 -0.07266 -0.02906 -0.01546 8   ASN B OD1 
261 N  ND2 . ASN B 8  ? 0.08081 0.18533 0.19816 -0.02717 -0.01204 -0.07091 8   ASN B ND2 
268 N  N   . AIB B 9  ? 0.12008 0.11268 0.07224 0.03241  0.00699  0.00990  9   AIB B N   
269 C  CA  . AIB B 9  ? 0.14670 0.20250 0.11281 0.01582  0.01662  -0.00652 9   AIB B CA  
270 C  C   . AIB B 9  ? 0.14900 0.17566 0.05064 0.03145  0.00573  0.01215  9   AIB B C   
271 O  O   . AIB B 9  ? 0.10734 0.20693 0.11153 0.06197  -0.01574 -0.00527 9   AIB B O   
272 C  CB1 . AIB B 9  ? 0.10437 0.17279 0.10964 0.04726  0.02730  -0.03660 9   AIB B CB1 
273 C  CB2 . AIB B 9  ? 0.12240 0.18229 0.16531 0.04724  0.03964  -0.05687 9   AIB B CB2 
281 N  N   . LEU B 10 ? 0.15260 0.13664 0.10236 0.04940  0.01177  0.02409  10  LEU B N   
282 C  CA  . LEU B 10 ? 0.18009 0.14919 0.11492 0.03143  -0.00963 0.06016  10  LEU B CA  
283 C  C   . LEU B 10 ? 0.15539 0.13473 0.13838 0.04193  0.01648  0.04708  10  LEU B C   
284 O  O   . LEU B 10 ? 0.12425 0.14486 0.20209 0.04551  0.03990  -0.00541 10  LEU B O   
285 C  CB  . LEU B 10 ? 0.20421 0.16011 0.11597 0.01940  0.03605  0.02866  10  LEU B CB  
286 C  CG  . LEU B 10 ? 0.21788 0.14129 0.20523 0.03361  0.01208  0.08202  10  LEU B CG  
287 C  CD1 . LEU B 10 ? 0.20422 0.11070 0.20677 0.03130  -0.01051 0.07507  10  LEU B CD1 
288 C  CD2 . LEU B 10 ? 0.14908 0.11364 0.13348 0.04846  0.00270  0.05740  10  LEU B CD2 
300 N  N   . NH2 B 11 ? 0.13196 0.09313 0.07691 0.03009  0.00121  0.04158  11  NH2 B N   
303 C  C   . ACE C 1  ? 0.09298 0.16743 0.07389 0.01118  0.02226  -0.01382 1   ACE C C   
304 O  O   . ACE C 1  ? 0.08609 0.09363 0.08408 0.03369  -0.01950 0.03085  1   ACE C O   
309 N  N   . LEU C 2  ? 0.07199 0.10489 0.15712 0.03758  -0.01868 0.02064  2   LEU C N   
310 C  CA  . LEU C 2  ? 0.10474 0.17599 0.04757 -0.00343 0.01072  -0.01353 2   LEU C CA  
311 C  C   . LEU C 2  ? 0.11345 0.18108 0.08568 -0.00678 0.00579  -0.00003 2   LEU C C   
312 O  O   . LEU C 2  ? 0.09642 0.13455 0.07032 0.04474  -0.02061 -0.01539 2   LEU C O   
313 C  CB  . LEU C 2  ? 0.08648 0.15541 0.11251 -0.01789 0.00875  0.02657  2   LEU C CB  
314 C  CG  . LEU C 2  ? 0.09198 0.13140 0.08553 -0.02945 0.00407  0.01608  2   LEU C CG  
315 C  CD1 . LEU C 2  ? 0.09806 0.07622 0.16221 -0.00598 -0.01957 -0.02419 2   LEU C CD1 
316 C  CD2 . LEU C 2  ? 0.09522 0.13194 0.08664 -0.02911 -0.03835 0.00588  2   LEU C CD2 
328 N  N   . AIB C 3  ? 0.11151 0.17053 0.07316 -0.02623 0.01997  0.03900  3   AIB C N   
329 C  CA  . AIB C 3  ? 0.13345 0.18896 0.10989 -0.03390 -0.00444 0.03624  3   AIB C CA  
330 C  C   . AIB C 3  ? 0.13905 0.13151 0.07364 -0.01288 -0.03351 0.04331  3   AIB C C   
331 O  O   . AIB C 3  ? 0.07666 0.14421 0.10873 0.01632  -0.04257 0.02591  3   AIB C O   
332 C  CB1 . AIB C 3  ? 0.09194 0.19407 0.16739 -0.00222 0.03873  -0.02099 3   AIB C CB1 
333 C  CB2 . AIB C 3  ? 0.11855 0.12685 0.09040 -0.00252 0.01403  0.04462  3   AIB C CB2 
341 N  N   . GLU C 4  ? 0.10987 0.06640 0.07353 0.04166  -0.02267 0.00364  4   GLU C N   
342 C  CA  . GLU C 4  ? 0.09417 0.11207 0.04896 0.03382  0.01324  0.02982  4   GLU C CA  
343 C  C   . GLU C 4  ? 0.07564 0.14780 0.07116 0.04042  0.02197  0.03772  4   GLU C C   
344 O  O   . GLU C 4  ? 0.08635 0.15941 0.08005 0.06337  -0.00416 0.00201  4   GLU C O   
345 C  CB  . GLU C 4  ? 0.15657 0.10779 0.12204 0.01649  -0.01837 0.01087  4   GLU C CB  
346 C  CG  . GLU C 4  ? 0.19113 0.13530 0.15386 -0.00420 -0.02865 -0.04446 4   GLU C CG  
347 C  CD  . GLU C 4  ? 0.16520 0.15149 0.08661 -0.00948 -0.00932 -0.06229 4   GLU C CD  
348 O  OE1 . GLU C 4  ? 0.11097 0.18238 0.05106 -0.00736 -0.00448 -0.02288 4   GLU C OE1 
349 O  OE2 . GLU C 4  ? 0.21355 0.21737 0.17498 -0.02792 -0.05981 -0.09075 4   GLU C OE2 
356 N  N   . AIB C 5  ? 0.09748 0.17147 0.07135 0.00571  0.01607  0.04882  5   AIB C N   
357 C  CA  . AIB C 5  ? 0.10015 0.15014 0.04171 0.02341  0.00304  0.01285  5   AIB C CA  
358 C  C   . AIB C 5  ? 0.13300 0.14082 0.03538 0.00088  0.00412  0.00054  5   AIB C C   
359 O  O   . AIB C 5  ? 0.12275 0.08028 0.06997 0.03316  -0.01517 0.02656  5   AIB C O   
360 C  CB1 . AIB C 5  ? 0.08221 0.19402 0.08557 0.05220  -0.00367 -0.03840 5   AIB C CB1 
361 C  CB2 . AIB C 5  ? 0.09135 0.10833 0.05702 0.03678  0.00786  0.03465  5   AIB C CB2 
369 N  N   . LEU C 6  ? 0.11809 0.13288 0.11243 0.03104  -0.00450 -0.02711 6   LEU C N   
370 C  CA  . LEU C 6  ? 0.19517 0.17221 0.10433 -0.03608 -0.03116 -0.00006 6   LEU C CA  
371 C  C   . LEU C 6  ? 0.15714 0.09199 0.05587 0.01276  0.00189  -0.02818 6   LEU C C   
372 O  O   . LEU C 6  ? 0.11156 0.08670 0.09564 0.04493  -0.02206 0.02179  6   LEU C O   
373 C  CB  . LEU C 6  ? 0.16650 0.12119 0.08242 -0.01035 0.00928  -0.04685 6   LEU C CB  
374 C  CG  . LEU C 6  ? 0.14888 0.15227 0.15615 -0.01555 0.00738  -0.05677 6   LEU C CG  
375 C  CD1 . LEU C 6  ? 0.11485 0.23199 0.17926 -0.03571 0.06019  -0.07967 6   LEU C CD1 
376 C  CD2 . LEU C 6  ? 0.13556 0.14740 0.13385 -0.01532 0.03514  -0.04974 6   LEU C CD2 
388 N  N   . HIS C 7  ? 0.15415 0.09871 0.05024 -0.01544 -0.00593 0.02015  7   HIS C N   
389 C  CA  . HIS C 7  ? 0.14942 0.13835 0.05924 -0.01766 -0.02513 0.03307  7   HIS C CA  
390 C  C   . HIS C 7  ? 0.08434 0.12957 0.10790 0.03282  -0.02717 0.01175  7   HIS C C   
391 O  O   . HIS C 7  ? 0.07459 0.11840 0.14711 0.04983  -0.01541 0.01304  7   HIS C O   
392 C  CB  . HIS C 7  ? 0.11057 0.08821 0.11942 0.00297  -0.03248 0.05183  7   HIS C CB  
393 C  CG  . HIS C 7  ? 0.07850 0.11150 0.13040 -0.00344 -0.01665 0.06966  7   HIS C CG  
394 N  ND1 . HIS C 7  ? 0.08758 0.12169 0.16163 -0.01128 0.00887  0.00531  7   HIS C ND1 
395 C  CD2 . HIS C 7  ? 0.06092 0.10885 0.12893 0.01296  0.00310  0.04316  7   HIS C CD2 
396 C  CE1 . HIS C 7  ? 0.11646 0.17749 0.14914 -0.02751 -0.00878 0.00641  7   HIS C CE1 
397 N  NE2 . HIS C 7  ? 0.09120 0.18270 0.07250 -0.02181 -0.00176 0.05079  7   HIS C NE2 
405 N  N   . ASN C 8  ? 0.04993 0.14288 0.12240 0.03382  0.00608  -0.00075 8   ASN C N   
406 C  CA  . ASN C 8  ? 0.08686 0.17627 0.15487 -0.00336 -0.02799 0.02787  8   ASN C CA  
407 C  C   . ASN C 8  ? 0.07916 0.15392 0.07642 -0.00822 0.01744  0.03999  8   ASN C C   
408 O  O   . ASN C 8  ? 0.13554 0.09885 0.09232 -0.02463 -0.00133 0.02639  8   ASN C O   
409 C  CB  . ASN C 8  ? 0.04846 0.14987 0.10536 0.02102  0.01453  0.02464  8   ASN C CB  
410 C  CG  . ASN C 8  ? 0.09920 0.09374 0.14026 0.04558  -0.01210 0.03314  8   ASN C CG  
411 O  OD1 . ASN C 8  ? 0.10905 0.09452 0.13402 0.02326  -0.01763 0.05477  8   ASN C OD1 
412 N  ND2 . ASN C 8  ? 0.09404 0.08971 0.16825 0.03890  -0.00959 0.03307  8   ASN C ND2 
419 N  N   . AIB C 9  ? 0.08010 0.12720 0.05039 0.00653  -0.00741 0.02734  9   AIB C N   
420 C  CA  . AIB C 9  ? 0.09270 0.12059 0.09241 0.00617  0.03490  -0.03074 9   AIB C CA  
421 C  C   . AIB C 9  ? 0.13753 0.09307 0.13340 0.00998  -0.02029 -0.02322 9   AIB C C   
422 O  O   . AIB C 9  ? 0.14076 0.06250 0.09634 0.03563  -0.05192 -0.01221 9   AIB C O   
423 C  CB1 . AIB C 9  ? 0.08943 0.07246 0.12251 0.03268  0.01789  -0.02918 9   AIB C CB1 
424 C  CB2 . AIB C 9  ? 0.08345 0.09408 0.05356 0.00534  0.02708  -0.02661 9   AIB C CB2 
432 N  N   . LEU C 10 ? 0.11886 0.09374 0.16120 0.03587  -0.02958 -0.04500 10  LEU C N   
433 C  CA  . LEU C 10 ? 0.10792 0.12209 0.20369 0.02107  -0.03956 -0.01127 10  LEU C CA  
434 C  C   . LEU C 10 ? 0.17231 0.11977 0.21042 -0.01371 -0.11272 0.01157  10  LEU C C   
435 O  O   . LEU C 10 ? 0.11482 0.06901 0.25147 0.00598  -0.05744 -0.00483 10  LEU C O   
436 C  CB  . LEU C 10 ? 0.06397 0.14541 0.21012 0.03065  0.01029  -0.00753 10  LEU C CB  
437 C  CG  . LEU C 10 ? 0.09654 0.13299 0.25437 0.02397  -0.00557 -0.02102 10  LEU C CG  
438 C  CD1 . LEU C 10 ? 0.16549 0.14852 0.40269 0.00772  -0.12075 0.00084  10  LEU C CD1 
439 C  CD2 . LEU C 10 ? 0.18249 0.21007 0.14833 -0.06453 -0.04188 0.09386  10  LEU C CD2 
451 N  N   . NH2 C 11 ? 0.14230 0.08759 0.22041 0.02313  -0.09626 -0.02132 11  NH2 C N   
454 C  C   . ACE D 1  ? 0.07223 0.15206 0.08571 -0.00479 0.00737  0.06037  1   ACE D C   
455 O  O   . ACE D 1  ? 0.09467 0.11453 0.08321 -0.00045 -0.00244 0.05714  1   ACE D O   
460 N  N   . LEU D 2  ? 0.11913 0.17262 0.07855 -0.02277 0.03538  0.03153  2   LEU D N   
461 C  CA  . LEU D 2  ? 0.14923 0.18646 0.08501 -0.03495 -0.00613 0.05888  2   LEU D CA  
462 C  C   . LEU D 2  ? 0.09293 0.15319 0.05348 0.00610  0.02833  0.00505  2   LEU D C   
463 O  O   . LEU D 2  ? 0.15969 0.11008 0.04233 -0.01366 0.01045  0.00413  2   LEU D O   
464 C  CB  . LEU D 2  ? 0.12742 0.17947 0.07140 0.00311  -0.01196 0.05019  2   LEU D CB  
465 C  CG  . LEU D 2  ? 0.14305 0.17861 0.12364 0.02737  -0.03488 -0.00084 2   LEU D CG  
466 C  CD1 . LEU D 2  ? 0.15400 0.13112 0.16768 0.03951  -0.04497 0.03407  2   LEU D CD1 
467 C  CD2 . LEU D 2  ? 0.08387 0.19188 0.07944 0.05335  -0.01983 -0.01293 2   LEU D CD2 
479 N  N   . AIB D 3  ? 0.09847 0.13758 0.08065 0.01500  -0.00893 0.03527  3   AIB D N   
480 C  CA  . AIB D 3  ? 0.10334 0.16956 0.10220 -0.01507 -0.02630 0.06875  3   AIB D CA  
481 C  C   . AIB D 3  ? 0.10609 0.12059 0.10513 -0.01110 -0.01164 0.06660  3   AIB D C   
482 O  O   . AIB D 3  ? 0.06964 0.12447 0.12918 0.01468  -0.00846 0.06586  3   AIB D O   
483 C  CB1 . AIB D 3  ? 0.06098 0.15853 0.08118 0.01289  -0.00746 0.00673  3   AIB D CB1 
484 C  CB2 . AIB D 3  ? 0.08944 0.14506 0.08549 -0.00588 -0.01896 0.05824  3   AIB D CB2 
492 N  N   . GLU D 4  ? 0.09653 0.12685 0.11611 0.01388  -0.02480 0.06044  4   GLU D N   
493 C  CA  . GLU D 4  ? 0.12525 0.11714 0.11031 0.02929  -0.00467 0.01533  4   GLU D CA  
494 C  C   . GLU D 4  ? 0.19294 0.09736 0.13380 -0.02318 -0.04164 0.05451  4   GLU D C   
495 O  O   . GLU D 4  ? 0.12029 0.06398 0.16873 0.04025  -0.00637 0.00643  4   GLU D O   
496 C  CB  . GLU D 4  ? 0.11021 0.11058 0.13322 0.04197  -0.00593 0.03133  4   GLU D CB  
497 C  CG  . GLU D 4  ? 0.11347 0.14792 0.10751 0.03111  0.01196  0.04480  4   GLU D CG  
498 C  CD  . GLU D 4  ? 0.13823 0.16416 0.10211 0.01113  0.01932  0.07144  4   GLU D CD  
499 O  OE1 . GLU D 4  ? 0.12282 0.14016 0.11802 0.06707  0.01719  0.04935  4   GLU D OE1 
500 O  OE2 . GLU D 4  ? 0.12684 0.16793 0.19533 0.04296  0.01151  0.09602  4   GLU D OE2 
507 N  N   . AIB D 5  ? 0.15380 0.11186 0.09574 -0.00442 0.01017  0.03721  5   AIB D N   
508 C  CA  . AIB D 5  ? 0.13980 0.09554 0.08596 0.00633  0.06149  -0.00287 5   AIB D CA  
509 C  C   . AIB D 5  ? 0.13650 0.08963 0.10317 0.00773  0.05589  -0.02804 5   AIB D C   
510 O  O   . AIB D 5  ? 0.13146 0.06440 0.10054 0.03327  -0.01353 0.02721  5   AIB D O   
511 C  CB1 . AIB D 5  ? 0.14558 0.04818 0.11294 0.02053  0.03363  -0.00397 5   AIB D CB1 
512 C  CB2 . AIB D 5  ? 0.20732 0.11879 0.06699 -0.01120 0.03447  -0.01869 5   AIB D CB2 
520 N  N   . LEU D 6  ? 0.15786 0.12520 0.05164 -0.02676 0.02788  -0.00669 6   LEU D N   
521 C  CA  . LEU D 6  ? 0.13922 0.12374 0.12634 -0.03572 -0.00775 0.05422  6   LEU D CA  
522 C  C   . LEU D 6  ? 0.08873 0.10486 0.16611 -0.01151 0.02233  0.02353  6   LEU D C   
523 O  O   . LEU D 6  ? 0.15570 0.05380 0.16710 -0.03598 0.00273  0.00245  6   LEU D O   
524 C  CB  . LEU D 6  ? 0.11282 0.14634 0.10334 -0.01465 0.03113  0.01302  6   LEU D CB  
525 C  CG  . LEU D 6  ? 0.12205 0.13249 0.14595 0.00001  0.03960  -0.04550 6   LEU D CG  
526 C  CD1 . LEU D 6  ? 0.10656 0.12916 0.17178 0.01883  0.02851  -0.05308 6   LEU D CD1 
527 C  CD2 . LEU D 6  ? 0.12368 0.11959 0.17923 0.02170  0.00363  -0.01394 6   LEU D CD2 
539 N  N   . HIS D 7  ? 0.09880 0.06095 0.19336 0.01437  -0.02409 0.02163  7   HIS D N   
540 C  CA  . HIS D 7  ? 0.10768 0.06299 0.12883 -0.01731 -0.01666 0.00856  7   HIS D CA  
541 C  C   . HIS D 7  ? 0.09383 0.07417 0.07030 -0.04120 0.00570  0.01857  7   HIS D C   
542 O  O   . HIS D 7  ? 0.08357 0.04743 0.13361 0.01446  -0.04339 -0.00252 7   HIS D O   
543 C  CB  . HIS D 7  ? 0.10829 0.09560 0.11122 -0.03078 -0.03869 0.05538  7   HIS D CB  
544 C  CG  . HIS D 7  ? 0.17686 0.09146 0.15438 -0.06014 -0.04474 0.02852  7   HIS D CG  
545 N  ND1 . HIS D 7  ? 0.16750 0.12643 0.18007 -0.08461 0.00435  -0.01481 7   HIS D ND1 
546 C  CD2 . HIS D 7  ? 0.10925 0.08157 0.12988 -0.02923 0.01034  -0.03814 7   HIS D CD2 
547 C  CE1 . HIS D 7  ? 0.23535 0.13991 0.17164 -0.10128 -0.00317 -0.00848 7   HIS D CE1 
548 N  NE2 . HIS D 7  ? 0.21215 0.13106 0.13869 -0.07683 0.01028  -0.04647 7   HIS D NE2 
556 N  N   . ASN D 8  ? 0.09678 0.09590 0.11692 -0.05372 -0.01751 0.01409  8   ASN D N   
557 C  CA  . ASN D 8  ? 0.13010 0.09105 0.11395 -0.05021 -0.05866 0.04581  8   ASN D CA  
558 C  C   . ASN D 8  ? 0.10223 0.13738 0.06379 -0.05882 0.00128  0.01015  8   ASN D C   
559 O  O   . ASN D 8  ? 0.06784 0.10345 0.10781 -0.00377 -0.04666 0.01812  8   ASN D O   
560 C  CB  . ASN D 8  ? 0.09603 0.09416 0.05181 -0.02985 -0.03051 0.02254  8   ASN D CB  
561 C  CG  . ASN D 8  ? 0.09669 0.12266 0.14665 -0.06064 -0.01919 -0.01082 8   ASN D CG  
562 O  OD1 . ASN D 8  ? 0.06752 0.13885 0.18763 -0.02423 0.01141  -0.06572 8   ASN D OD1 
563 N  ND2 . ASN D 8  ? 0.08914 0.11162 0.12424 -0.04448 0.03319  -0.05885 8   ASN D ND2 
570 N  N   . AIB D 9  ? 0.09228 0.09172 0.06791 -0.01823 -0.00825 -0.00540 9   AIB D N   
571 C  CA  . AIB D 9  ? 0.11191 0.10029 0.05930 -0.02088 -0.01252 -0.00091 9   AIB D CA  
572 C  C   . AIB D 9  ? 0.10518 0.09825 0.05237 0.00964  -0.02894 0.02452  9   AIB D C   
573 O  O   . AIB D 9  ? 0.08139 0.09749 0.08191 0.02020  0.00274  0.04600  9   AIB D O   
574 C  CB1 . AIB D 9  ? 0.07148 0.05674 0.14758 0.00852  0.01422  -0.03423 9   AIB D CB1 
575 C  CB2 . AIB D 9  ? 0.11651 0.07891 0.06668 -0.03985 0.04326  -0.01928 9   AIB D CB2 
583 N  N   . LEU D 10 ? 0.10840 0.07113 0.14927 0.03963  -0.03707 -0.01663 10  LEU D N   
584 C  CA  . LEU D 10 ? 0.10824 0.08519 0.11957 0.02846  -0.03150 0.03725  10  LEU D CA  
585 C  C   . LEU D 10 ? 0.12482 0.10241 0.16647 0.01800  -0.03683 0.05750  10  LEU D C   
586 O  O   . LEU D 10 ? 0.09548 0.07165 0.08866 0.04589  -0.00733 0.01187  10  LEU D O   
587 C  CB  . LEU D 10 ? 0.10014 0.14482 0.07604 0.02097  -0.00181 0.01623  10  LEU D CB  
588 C  CG  . LEU D 10 ? 0.15137 0.18342 0.10281 -0.02566 -0.02018 0.02478  10  LEU D CG  
589 C  CD1 . LEU D 10 ? 0.09169 0.12298 0.11873 0.02483  -0.00989 0.02622  10  LEU D CD1 
590 C  CD2 . LEU D 10 ? 0.10827 0.14065 0.09208 -0.00259 0.00669  0.02875  10  LEU D CD2 
602 N  N   . NH2 D 11 ? 0.11367 0.07903 0.12410 0.01926  -0.03662 0.03773  11  NH2 D N   
605 CO CO  . CO  E .  ? 0.12085 0.14326 0.12518 0.00667  -0.03357 -0.00273 101 CO  A CO  
606 N  N   . CCN F .  ? 0.19765 0.24979 0.12887 -0.12444 0.00510  -0.03337 102 CCN A N   
607 C  C1  . CCN F .  ? 0.26876 0.25286 0.17298 -0.14716 -0.02810 -0.01213 102 CCN A C1  
608 C  C2  . CCN F .  ? 0.28099 0.19149 0.17422 -0.11821 -0.00666 -0.04288 102 CCN A C2  
612 N  N   . CCN G .  ? 0.14020 0.09427 0.15934 -0.02769 -0.02968 0.04944  103 CCN A N   
613 C  C1  . CCN G .  ? 0.12569 0.15094 0.11587 -0.03142 -0.00135 0.00928  103 CCN A C1  
614 C  C2  . CCN G .  ? 0.10510 0.15636 0.07654 -0.02628 0.03706  -0.03912 103 CCN A C2  
618 CO CO  . CO  H .  ? 0.13169 0.11488 0.10583 0.01068  -0.00797 0.01578  101 CO  C CO  
619 N  N   . CCN I .  ? 0.14776 0.25308 0.15026 0.09317  0.00385  0.05918  101 CCN D N   
620 C  C1  . CCN I .  ? 0.21669 0.26085 0.10866 0.03767  -0.02015 0.06910  101 CCN D C1  
621 C  C2  . CCN I .  ? 0.28969 0.27832 0.13669 0.02644  -0.07291 0.06935  101 CCN D C2  
625 N  N   . CCN J .  ? 0.25457 0.24098 0.19195 -0.00235 -0.03115 -0.06513 102 CCN D N   
626 C  C1  . CCN J .  ? 0.19486 0.22226 0.20718 0.01197  -0.02902 -0.02166 102 CCN D C1  
627 C  C2  . CCN J .  ? 0.14076 0.15850 0.23654 0.07018  -0.01954 -0.05512 102 CCN D C2  
631 O  O   . HOH K .  ? 0.32606 0.35310 0.12154 0.05994  0.01458  0.06697  201 HOH A O   
632 O  O   . HOH K .  ? 0.39954 0.13695 0.12881 0.04754  -0.02190 -0.02920 202 HOH A O   
633 O  O   . HOH K .  ? 0.47742 0.12427 0.14492 -0.01677 -0.07179 0.00234  203 HOH A O   
634 O  O   . HOH K .  ? 0.55377 0.52810 0.16423 -0.01530 -0.08949 0.00555  204 HOH A O   
635 O  O   . HOH K .  ? 0.15503 0.09698 0.20429 0.02021  -0.02850 0.06177  205 HOH A O   
636 O  O   . HOH K .  ? 0.16852 0.08583 0.15825 -0.03890 -0.06400 -0.00749 206 HOH A O   
637 O  O   . HOH K .  ? 0.30008 0.29090 0.22392 0.15301  -0.11865 -0.11793 207 HOH A O   
638 O  O   . HOH K .  ? 0.19753 0.15342 0.19195 0.00223  -0.01738 0.05911  208 HOH A O   
639 O  O   . HOH K .  ? 0.41156 0.25614 0.25830 0.14159  -0.04723 0.06567  209 HOH A O   
640 O  O   . HOH K .  ? 0.13305 0.13933 0.11992 -0.01308 0.01546  0.03973  210 HOH A O   
641 O  O   . HOH K .  ? 0.15028 0.09200 0.25362 -0.00014 -0.01901 0.01819  211 HOH A O   
642 O  O   . HOH K .  ? 0.21898 0.25083 0.21659 -0.11850 0.09901  -0.08989 212 HOH A O   
643 O  O   . HOH K .  ? 0.10399 0.12033 0.36148 0.01149  0.04062  0.07678  213 HOH A O   
644 O  O   . HOH L .  ? 0.15859 0.26289 0.15212 0.11384  0.01527  0.02862  101 HOH B O   
645 O  O   . HOH L .  ? 0.25441 0.31877 0.23232 0.14497  0.10872  0.13393  102 HOH B O   
646 O  O   . HOH L .  ? 0.22871 0.22337 0.15212 0.12235  0.03713  0.06482  103 HOH B O   
647 O  O   . HOH L .  ? 0.33159 0.22869 0.38052 0.14893  -0.06156 -0.04449 104 HOH B O   
648 O  O   . HOH L .  ? 0.07793 0.12857 0.15189 -0.01750 -0.04057 0.02006  105 HOH B O   
649 O  O   A HOH L .  ? 0.14315 0.12190 0.08076 0.07421  0.01129  0.02371  106 HOH B O   
650 O  O   B HOH L .  ? 0.11968 0.10261 0.08171 0.05717  0.02517  0.03687  106 HOH B O   
651 O  O   . HOH L .  ? 0.56228 0.19688 0.20944 -0.02487 0.12700  0.02157  107 HOH B O   
652 O  O   . HOH L .  ? 0.20582 0.31665 0.33593 0.00618  -0.12733 0.08854  108 HOH B O   
653 O  O   . HOH L .  ? 0.32102 0.11048 0.29580 0.02166  -0.11337 -0.02631 109 HOH B O   
654 O  O   . HOH L .  ? 0.09624 0.22224 0.11712 -0.03473 0.00002  0.02415  110 HOH B O   
655 O  O   . HOH L .  ? 0.38967 0.11214 0.21039 0.05511  0.01376  -0.00989 111 HOH B O   
656 O  O   . HOH L .  ? 0.16758 0.45027 0.24705 0.08476  -0.04897 -0.17729 112 HOH B O   
657 O  O   . HOH L .  ? 0.17312 0.11774 0.14543 -0.08082 0.02423  -0.01565 113 HOH B O   
658 O  O   . HOH M .  ? 0.27986 0.19990 0.10453 0.12656  0.04008  0.03014  201 HOH C O   
659 O  O   . HOH M .  ? 0.26908 0.14081 0.27931 0.06032  0.15842  0.06463  202 HOH C O   
660 O  O   . HOH M .  ? 0.26916 0.14393 0.08621 0.10549  0.02146  0.01322  203 HOH C O   
661 O  O   . HOH M .  ? 0.23158 0.19311 0.22000 0.11381  0.07468  0.06644  204 HOH C O   
662 O  O   . HOH M .  ? 0.38887 0.28140 0.14413 0.19041  -0.00494 -0.01186 205 HOH C O   
663 O  O   . HOH M .  ? 0.26428 0.25762 0.24759 -0.03094 -0.07860 0.13680  206 HOH C O   
664 O  O   . HOH M .  ? 0.13031 0.10343 0.11527 0.04178  -0.05943 -0.00281 207 HOH C O   
665 O  O   . HOH M .  ? 0.30804 0.14408 0.11598 0.09166  0.05425  0.03534  208 HOH C O   
666 O  O   . HOH M .  ? 0.28902 0.29307 0.22001 0.06000  -0.05583 0.12075  209 HOH C O   
667 O  O   . HOH M .  ? 0.11932 0.11276 0.09272 0.01281  0.01220  0.05957  210 HOH C O   
668 O  O   . HOH M .  ? 0.23692 0.16900 0.47028 0.04441  0.15111  0.03346  211 HOH C O   
669 O  O   . HOH M .  ? 0.33988 0.11470 0.11422 -0.03868 0.03819  0.01484  212 HOH C O   
670 O  O   . HOH M .  ? 0.17679 0.12202 0.07819 -0.00276 -0.02276 0.03833  213 HOH C O   
671 O  O   . HOH M .  ? 0.14341 0.19665 0.29184 -0.08799 -0.00270 0.03019  214 HOH C O   
672 O  O   . HOH M .  ? 0.22418 0.39648 0.21524 -0.16166 -0.02721 0.01203  215 HOH C O   
673 O  O   . HOH M .  ? 0.16828 0.19252 0.15820 0.05903  -0.02899 0.06791  216 HOH C O   
674 O  O   . HOH M .  ? 0.21501 0.23098 0.09481 0.06590  0.01794  0.05417  217 HOH C O   
675 O  O   . HOH M .  ? 0.59872 0.23798 0.19101 0.15462  -0.09535 -0.03682 218 HOH C O   
676 O  O   . HOH M .  ? 0.54811 0.20094 0.18985 0.12396  -0.11002 -0.04009 219 HOH C O   
677 O  O   . HOH M .  ? 0.36246 0.14774 0.37410 0.02727  -0.20233 -0.03050 220 HOH C O   
678 O  O   . HOH M .  ? 0.22658 0.14207 0.43214 -0.00013 -0.07011 0.08061  221 HOH C O   
679 O  O   . HOH M .  ? 0.13355 0.31478 0.18918 0.02134  -0.00919 0.00286  222 HOH C O   
680 O  O   . HOH N .  ? 0.16316 0.30221 0.08393 -0.07558 0.00168  0.00089  201 HOH D O   
681 O  O   . HOH N .  ? 0.20059 0.08488 0.20692 -0.00128 0.12219  -0.00185 202 HOH D O   
682 O  O   . HOH N .  ? 0.14236 0.36058 0.37496 -0.09920 -0.02962 -0.01614 203 HOH D O   
683 O  O   . HOH N .  ? 0.15782 0.09795 0.11943 0.01509  -0.02521 0.05710  204 HOH D O   
684 O  O   . HOH N .  ? 0.11206 0.20511 0.31862 -0.03060 -0.03195 -0.07485 205 HOH D O   
685 O  O   . HOH N .  ? 0.10762 0.09608 0.22721 -0.02070 0.01933  0.01891  206 HOH D O   
686 O  O   . HOH N .  ? 0.18453 0.17137 0.24850 0.09194  -0.06131 -0.05627 207 HOH D O   
687 O  O   . HOH N .  ? 0.21246 0.16942 0.08842 0.09488  0.02825  0.03513  208 HOH D O   
688 O  O   . HOH N .  ? 0.25324 0.14469 0.32276 0.09577  -0.01599 0.03609  209 HOH D O   
689 O  O   . HOH N .  ? 0.08151 0.11314 0.14105 -0.02112 -0.05367 0.04239  210 HOH D O   
690 O  O   . HOH N .  ? 0.22600 0.40881 0.46259 -0.06734 0.12361  0.09241  211 HOH D O   
691 O  O   . HOH N .  ? 0.43849 0.21321 0.12850 0.14488  0.01652  0.00670  212 HOH D O   
692 O  O   . HOH N .  ? 0.34528 0.30321 0.14631 0.11522  0.00481  0.06977  213 HOH D O   
693 O  O   . HOH N .  ? 0.35782 0.60502 0.47276 -0.02924 0.18091  0.17055  214 HOH D O   
694 O  O   . HOH N .  ? 0.18371 0.35962 0.14796 -0.13346 -0.03287 0.05986  215 HOH D O   
695 O  O   . HOH N .  ? 0.33020 0.17968 0.34722 -0.09945 -0.04066 -0.08416 216 HOH D O   
696 O  O   . HOH N .  ? 0.48582 0.19118 0.14529 -0.12934 -0.05558 0.02247  217 HOH D O   
# 
